data_2WZL
# 
_entry.id   2WZL 
# 
_audit_conform.dict_name       mmcif_pdbx.dic 
_audit_conform.dict_version    5.383 
_audit_conform.dict_location   http://mmcif.pdb.org/dictionaries/ascii/mmcif_pdbx.dic 
# 
loop_
_database_2.database_id 
_database_2.database_code 
_database_2.pdbx_database_accession 
_database_2.pdbx_DOI 
PDB   2WZL         pdb_00002wzl 10.2210/pdb2wzl/pdb 
PDBE  EBI-41890    ?            ?                   
WWPDB D_1290041890 ?            ?                   
# 
_pdbx_database_status.status_code                     REL 
_pdbx_database_status.entry_id                        2WZL 
_pdbx_database_status.deposit_site                    PDBE 
_pdbx_database_status.process_site                    PDBE 
_pdbx_database_status.SG_entry                        . 
_pdbx_database_status.recvd_initial_deposition_date   2009-11-30 
_pdbx_database_status.pdb_format_compatible           Y 
_pdbx_database_status.status_code_sf                  REL 
_pdbx_database_status.status_code_mr                  ? 
_pdbx_database_status.status_code_cs                  ? 
_pdbx_database_status.methods_development_category    ? 
_pdbx_database_status.status_code_nmr_data            ? 
# 
loop_
_audit_author.name 
_audit_author.pdbx_ordinal 
'Assenberg, R.' 1  
'Delmas, O.'    2  
'Ren, J.'       3  
'Vidalain, P.'  4  
'Verma, A.'     5  
'Larrous, F.'   6  
'Graham, S.'    7  
'Tangy, F.'     8  
'Grimes, J.'    9  
'Bourhy, H.'    10 
# 
_citation.id                        primary 
_citation.title                     'The Structure of the N-RNA Binding Domain of the Mokola Virus Phosphoprotein' 
_citation.journal_abbrev            J.Virol. 
_citation.journal_volume            84 
_citation.page_first                1089 
_citation.page_last                 ? 
_citation.year                      2010 
_citation.journal_id_ASTM           JOVIAM 
_citation.country                   US 
_citation.journal_id_ISSN           0022-538X 
_citation.journal_id_CSD            0825 
_citation.book_publisher            ? 
_citation.pdbx_database_id_PubMed   19906936 
_citation.pdbx_database_id_DOI      10.1128/JVI.01520-09 
# 
loop_
_citation_author.citation_id 
_citation_author.name 
_citation_author.ordinal 
_citation_author.identifier_ORCID 
primary 'Assenberg, R.' 1  ? 
primary 'Delmas, O.'    2  ? 
primary 'Ren, J.'       3  ? 
primary 'Vidalain, P.'  4  ? 
primary 'Verma, A.'     5  ? 
primary 'Larrous, F.'   6  ? 
primary 'Graham, S.'    7  ? 
primary 'Tangy, F.'     8  ? 
primary 'Grimes, J.'    9  ? 
primary 'Bourhy, H.'    10 ? 
# 
_cell.entry_id           2WZL 
_cell.length_a           25.840 
_cell.length_b           48.870 
_cell.length_c           85.945 
_cell.angle_alpha        90.00 
_cell.angle_beta         90.00 
_cell.angle_gamma        90.00 
_cell.Z_PDB              4 
_cell.pdbx_unique_axis   ? 
# 
_symmetry.entry_id                         2WZL 
_symmetry.space_group_name_H-M             'P 21 21 21' 
_symmetry.pdbx_full_space_group_name_H-M   ? 
_symmetry.cell_setting                     ? 
_symmetry.Int_Tables_number                19 
# 
loop_
_entity.id 
_entity.type 
_entity.src_method 
_entity.pdbx_description 
_entity.formula_weight 
_entity.pdbx_number_of_molecules 
_entity.pdbx_ec 
_entity.pdbx_mutation 
_entity.pdbx_fragment 
_entity.details 
1 polymer     man PHOSPHOPROTEIN 34251.027 1  ? ? ? ? 
2 non-polymer syn GLYCEROL       92.094    1  ? ? ? ? 
3 water       nat water          18.015    51 ? ? ? ? 
# 
_entity_name_com.entity_id   1 
_entity_name_com.name        'PROTEIN P, PROTEIN M1' 
# 
_entity_poly.entity_id                      1 
_entity_poly.type                           'polypeptide(L)' 
_entity_poly.nstd_linkage                   no 
_entity_poly.nstd_monomer                   no 
_entity_poly.pdbx_seq_one_letter_code       
;MSKDLVHPSLIRAGIVELEMAEETTDLINRTIESNQAHLQGEPLYVDSLPEDMSRLRIEDKSRRTKTEEEERDEGSSEED
NYLSEGQDPLIPFQNFLDEIGARAVKRLKTGEGFFRVWSALSDDIKGYVSTNIMTSGERDTKSIQIQTEPTASVSSGNES
RHDSESMHDPNDKKDHTPDHDVVPDIESSTDKGEIRDIEGEVAHQVAESFSKKYKFPSRSSGIFLWNFEQLKMNLDDIVK
AAMNVPGVERIAEKGGKLPLRCILGFVALDSSKRFRLLADNDKVARLIQEDINSYMARLEEAE
;
_entity_poly.pdbx_seq_one_letter_code_can   
;MSKDLVHPSLIRAGIVELEMAEETTDLINRTIESNQAHLQGEPLYVDSLPEDMSRLRIEDKSRRTKTEEEERDEGSSEED
NYLSEGQDPLIPFQNFLDEIGARAVKRLKTGEGFFRVWSALSDDIKGYVSTNIMTSGERDTKSIQIQTEPTASVSSGNES
RHDSESMHDPNDKKDHTPDHDVVPDIESSTDKGEIRDIEGEVAHQVAESFSKKYKFPSRSSGIFLWNFEQLKMNLDDIVK
AAMNVPGVERIAEKGGKLPLRCILGFVALDSSKRFRLLADNDKVARLIQEDINSYMARLEEAE
;
_entity_poly.pdbx_strand_id                 A 
_entity_poly.pdbx_target_identifier         ? 
# 
loop_
_entity_poly_seq.entity_id 
_entity_poly_seq.num 
_entity_poly_seq.mon_id 
_entity_poly_seq.hetero 
1 1   MET n 
1 2   SER n 
1 3   LYS n 
1 4   ASP n 
1 5   LEU n 
1 6   VAL n 
1 7   HIS n 
1 8   PRO n 
1 9   SER n 
1 10  LEU n 
1 11  ILE n 
1 12  ARG n 
1 13  ALA n 
1 14  GLY n 
1 15  ILE n 
1 16  VAL n 
1 17  GLU n 
1 18  LEU n 
1 19  GLU n 
1 20  MET n 
1 21  ALA n 
1 22  GLU n 
1 23  GLU n 
1 24  THR n 
1 25  THR n 
1 26  ASP n 
1 27  LEU n 
1 28  ILE n 
1 29  ASN n 
1 30  ARG n 
1 31  THR n 
1 32  ILE n 
1 33  GLU n 
1 34  SER n 
1 35  ASN n 
1 36  GLN n 
1 37  ALA n 
1 38  HIS n 
1 39  LEU n 
1 40  GLN n 
1 41  GLY n 
1 42  GLU n 
1 43  PRO n 
1 44  LEU n 
1 45  TYR n 
1 46  VAL n 
1 47  ASP n 
1 48  SER n 
1 49  LEU n 
1 50  PRO n 
1 51  GLU n 
1 52  ASP n 
1 53  MET n 
1 54  SER n 
1 55  ARG n 
1 56  LEU n 
1 57  ARG n 
1 58  ILE n 
1 59  GLU n 
1 60  ASP n 
1 61  LYS n 
1 62  SER n 
1 63  ARG n 
1 64  ARG n 
1 65  THR n 
1 66  LYS n 
1 67  THR n 
1 68  GLU n 
1 69  GLU n 
1 70  GLU n 
1 71  GLU n 
1 72  ARG n 
1 73  ASP n 
1 74  GLU n 
1 75  GLY n 
1 76  SER n 
1 77  SER n 
1 78  GLU n 
1 79  GLU n 
1 80  ASP n 
1 81  ASN n 
1 82  TYR n 
1 83  LEU n 
1 84  SER n 
1 85  GLU n 
1 86  GLY n 
1 87  GLN n 
1 88  ASP n 
1 89  PRO n 
1 90  LEU n 
1 91  ILE n 
1 92  PRO n 
1 93  PHE n 
1 94  GLN n 
1 95  ASN n 
1 96  PHE n 
1 97  LEU n 
1 98  ASP n 
1 99  GLU n 
1 100 ILE n 
1 101 GLY n 
1 102 ALA n 
1 103 ARG n 
1 104 ALA n 
1 105 VAL n 
1 106 LYS n 
1 107 ARG n 
1 108 LEU n 
1 109 LYS n 
1 110 THR n 
1 111 GLY n 
1 112 GLU n 
1 113 GLY n 
1 114 PHE n 
1 115 PHE n 
1 116 ARG n 
1 117 VAL n 
1 118 TRP n 
1 119 SER n 
1 120 ALA n 
1 121 LEU n 
1 122 SER n 
1 123 ASP n 
1 124 ASP n 
1 125 ILE n 
1 126 LYS n 
1 127 GLY n 
1 128 TYR n 
1 129 VAL n 
1 130 SER n 
1 131 THR n 
1 132 ASN n 
1 133 ILE n 
1 134 MET n 
1 135 THR n 
1 136 SER n 
1 137 GLY n 
1 138 GLU n 
1 139 ARG n 
1 140 ASP n 
1 141 THR n 
1 142 LYS n 
1 143 SER n 
1 144 ILE n 
1 145 GLN n 
1 146 ILE n 
1 147 GLN n 
1 148 THR n 
1 149 GLU n 
1 150 PRO n 
1 151 THR n 
1 152 ALA n 
1 153 SER n 
1 154 VAL n 
1 155 SER n 
1 156 SER n 
1 157 GLY n 
1 158 ASN n 
1 159 GLU n 
1 160 SER n 
1 161 ARG n 
1 162 HIS n 
1 163 ASP n 
1 164 SER n 
1 165 GLU n 
1 166 SER n 
1 167 MET n 
1 168 HIS n 
1 169 ASP n 
1 170 PRO n 
1 171 ASN n 
1 172 ASP n 
1 173 LYS n 
1 174 LYS n 
1 175 ASP n 
1 176 HIS n 
1 177 THR n 
1 178 PRO n 
1 179 ASP n 
1 180 HIS n 
1 181 ASP n 
1 182 VAL n 
1 183 VAL n 
1 184 PRO n 
1 185 ASP n 
1 186 ILE n 
1 187 GLU n 
1 188 SER n 
1 189 SER n 
1 190 THR n 
1 191 ASP n 
1 192 LYS n 
1 193 GLY n 
1 194 GLU n 
1 195 ILE n 
1 196 ARG n 
1 197 ASP n 
1 198 ILE n 
1 199 GLU n 
1 200 GLY n 
1 201 GLU n 
1 202 VAL n 
1 203 ALA n 
1 204 HIS n 
1 205 GLN n 
1 206 VAL n 
1 207 ALA n 
1 208 GLU n 
1 209 SER n 
1 210 PHE n 
1 211 SER n 
1 212 LYS n 
1 213 LYS n 
1 214 TYR n 
1 215 LYS n 
1 216 PHE n 
1 217 PRO n 
1 218 SER n 
1 219 ARG n 
1 220 SER n 
1 221 SER n 
1 222 GLY n 
1 223 ILE n 
1 224 PHE n 
1 225 LEU n 
1 226 TRP n 
1 227 ASN n 
1 228 PHE n 
1 229 GLU n 
1 230 GLN n 
1 231 LEU n 
1 232 LYS n 
1 233 MET n 
1 234 ASN n 
1 235 LEU n 
1 236 ASP n 
1 237 ASP n 
1 238 ILE n 
1 239 VAL n 
1 240 LYS n 
1 241 ALA n 
1 242 ALA n 
1 243 MET n 
1 244 ASN n 
1 245 VAL n 
1 246 PRO n 
1 247 GLY n 
1 248 VAL n 
1 249 GLU n 
1 250 ARG n 
1 251 ILE n 
1 252 ALA n 
1 253 GLU n 
1 254 LYS n 
1 255 GLY n 
1 256 GLY n 
1 257 LYS n 
1 258 LEU n 
1 259 PRO n 
1 260 LEU n 
1 261 ARG n 
1 262 CYS n 
1 263 ILE n 
1 264 LEU n 
1 265 GLY n 
1 266 PHE n 
1 267 VAL n 
1 268 ALA n 
1 269 LEU n 
1 270 ASP n 
1 271 SER n 
1 272 SER n 
1 273 LYS n 
1 274 ARG n 
1 275 PHE n 
1 276 ARG n 
1 277 LEU n 
1 278 LEU n 
1 279 ALA n 
1 280 ASP n 
1 281 ASN n 
1 282 ASP n 
1 283 LYS n 
1 284 VAL n 
1 285 ALA n 
1 286 ARG n 
1 287 LEU n 
1 288 ILE n 
1 289 GLN n 
1 290 GLU n 
1 291 ASP n 
1 292 ILE n 
1 293 ASN n 
1 294 SER n 
1 295 TYR n 
1 296 MET n 
1 297 ALA n 
1 298 ARG n 
1 299 LEU n 
1 300 GLU n 
1 301 GLU n 
1 302 ALA n 
1 303 GLU n 
# 
_entity_src_gen.entity_id                          1 
_entity_src_gen.pdbx_src_id                        1 
_entity_src_gen.pdbx_alt_source_flag               sample 
_entity_src_gen.pdbx_seq_type                      ? 
_entity_src_gen.pdbx_beg_seq_num                   ? 
_entity_src_gen.pdbx_end_seq_num                   ? 
_entity_src_gen.gene_src_common_name               ? 
_entity_src_gen.gene_src_genus                     ? 
_entity_src_gen.pdbx_gene_src_gene                 ? 
_entity_src_gen.gene_src_species                   ? 
_entity_src_gen.gene_src_strain                    ? 
_entity_src_gen.gene_src_tissue                    ? 
_entity_src_gen.gene_src_tissue_fraction           ? 
_entity_src_gen.gene_src_details                   ? 
_entity_src_gen.pdbx_gene_src_fragment             ? 
_entity_src_gen.pdbx_gene_src_scientific_name      'MOKOLA VIRUS' 
_entity_src_gen.pdbx_gene_src_ncbi_taxonomy_id     12538 
_entity_src_gen.pdbx_gene_src_variant              ? 
_entity_src_gen.pdbx_gene_src_cell_line            ? 
_entity_src_gen.pdbx_gene_src_atcc                 ? 
_entity_src_gen.pdbx_gene_src_organ                ? 
_entity_src_gen.pdbx_gene_src_organelle            ? 
_entity_src_gen.pdbx_gene_src_cell                 ? 
_entity_src_gen.pdbx_gene_src_cellular_location    ? 
_entity_src_gen.host_org_common_name               ? 
_entity_src_gen.pdbx_host_org_scientific_name      'ESCHERICHIA COLI' 
_entity_src_gen.pdbx_host_org_ncbi_taxonomy_id     562 
_entity_src_gen.host_org_genus                     ? 
_entity_src_gen.pdbx_host_org_gene                 ? 
_entity_src_gen.pdbx_host_org_organ                ? 
_entity_src_gen.host_org_species                   ? 
_entity_src_gen.pdbx_host_org_tissue               ? 
_entity_src_gen.pdbx_host_org_tissue_fraction      ? 
_entity_src_gen.pdbx_host_org_strain               ? 
_entity_src_gen.pdbx_host_org_variant              ? 
_entity_src_gen.pdbx_host_org_cell_line            ? 
_entity_src_gen.pdbx_host_org_atcc                 ? 
_entity_src_gen.pdbx_host_org_culture_collection   ? 
_entity_src_gen.pdbx_host_org_cell                 ? 
_entity_src_gen.pdbx_host_org_organelle            ? 
_entity_src_gen.pdbx_host_org_cellular_location    ? 
_entity_src_gen.pdbx_host_org_vector_type          ? 
_entity_src_gen.pdbx_host_org_vector               ? 
_entity_src_gen.host_org_details                   ? 
_entity_src_gen.expression_system_id               ? 
_entity_src_gen.plasmid_name                       POPINE 
_entity_src_gen.plasmid_details                    ? 
_entity_src_gen.pdbx_description                   ? 
# 
_struct_ref.id                         1 
_struct_ref.db_name                    UNP 
_struct_ref.db_code                    PHOSP_MOKV 
_struct_ref.entity_id                  1 
_struct_ref.pdbx_seq_one_letter_code   ? 
_struct_ref.pdbx_align_begin           ? 
_struct_ref.pdbx_db_accession          P0C569 
_struct_ref.pdbx_db_isoform            ? 
# 
_struct_ref_seq.align_id                      1 
_struct_ref_seq.ref_id                        1 
_struct_ref_seq.pdbx_PDB_id_code              2WZL 
_struct_ref_seq.pdbx_strand_id                A 
_struct_ref_seq.seq_align_beg                 1 
_struct_ref_seq.pdbx_seq_align_beg_ins_code   ? 
_struct_ref_seq.seq_align_end                 303 
_struct_ref_seq.pdbx_seq_align_end_ins_code   ? 
_struct_ref_seq.pdbx_db_accession             P0C569 
_struct_ref_seq.db_align_beg                  1 
_struct_ref_seq.pdbx_db_align_beg_ins_code    ? 
_struct_ref_seq.db_align_end                  303 
_struct_ref_seq.pdbx_db_align_end_ins_code    ? 
_struct_ref_seq.pdbx_auth_seq_align_beg       1 
_struct_ref_seq.pdbx_auth_seq_align_end       303 
# 
loop_
_chem_comp.id 
_chem_comp.type 
_chem_comp.mon_nstd_flag 
_chem_comp.name 
_chem_comp.pdbx_synonyms 
_chem_comp.formula 
_chem_comp.formula_weight 
ALA 'L-peptide linking' y ALANINE         ?                               'C3 H7 N O2'     89.093  
ARG 'L-peptide linking' y ARGININE        ?                               'C6 H15 N4 O2 1' 175.209 
ASN 'L-peptide linking' y ASPARAGINE      ?                               'C4 H8 N2 O3'    132.118 
ASP 'L-peptide linking' y 'ASPARTIC ACID' ?                               'C4 H7 N O4'     133.103 
CYS 'L-peptide linking' y CYSTEINE        ?                               'C3 H7 N O2 S'   121.158 
GLN 'L-peptide linking' y GLUTAMINE       ?                               'C5 H10 N2 O3'   146.144 
GLU 'L-peptide linking' y 'GLUTAMIC ACID' ?                               'C5 H9 N O4'     147.129 
GLY 'peptide linking'   y GLYCINE         ?                               'C2 H5 N O2'     75.067  
GOL non-polymer         . GLYCEROL        'GLYCERIN; PROPANE-1,2,3-TRIOL' 'C3 H8 O3'       92.094  
HIS 'L-peptide linking' y HISTIDINE       ?                               'C6 H10 N3 O2 1' 156.162 
HOH non-polymer         . WATER           ?                               'H2 O'           18.015  
ILE 'L-peptide linking' y ISOLEUCINE      ?                               'C6 H13 N O2'    131.173 
LEU 'L-peptide linking' y LEUCINE         ?                               'C6 H13 N O2'    131.173 
LYS 'L-peptide linking' y LYSINE          ?                               'C6 H15 N2 O2 1' 147.195 
MET 'L-peptide linking' y METHIONINE      ?                               'C5 H11 N O2 S'  149.211 
PHE 'L-peptide linking' y PHENYLALANINE   ?                               'C9 H11 N O2'    165.189 
PRO 'L-peptide linking' y PROLINE         ?                               'C5 H9 N O2'     115.130 
SER 'L-peptide linking' y SERINE          ?                               'C3 H7 N O3'     105.093 
THR 'L-peptide linking' y THREONINE       ?                               'C4 H9 N O3'     119.119 
TRP 'L-peptide linking' y TRYPTOPHAN      ?                               'C11 H12 N2 O2'  204.225 
TYR 'L-peptide linking' y TYROSINE        ?                               'C9 H11 N O3'    181.189 
VAL 'L-peptide linking' y VALINE          ?                               'C5 H11 N O2'    117.146 
# 
_exptl.entry_id          2WZL 
_exptl.method            'X-RAY DIFFRACTION' 
_exptl.crystals_number   1 
# 
_exptl_crystal.id                    1 
_exptl_crystal.density_meas          ? 
_exptl_crystal.density_Matthews      0.79 
_exptl_crystal.density_percent_sol   41.92 
_exptl_crystal.description           NONE 
# 
_exptl_crystal_grow.crystal_id      1 
_exptl_crystal_grow.method          ? 
_exptl_crystal_grow.temp            ? 
_exptl_crystal_grow.temp_details    ? 
_exptl_crystal_grow.pH              6.5 
_exptl_crystal_grow.pdbx_pH_range   ? 
_exptl_crystal_grow.pdbx_details    
'30% (VOL/VOL) PENTAERYTHRITOL ETHOXYLATE (15/4 EO/OH), 50 MM AMMONIUM SULFATE, AND 100 MM BIS-TRIS, PH 6.5' 
# 
_diffrn.id                     1 
_diffrn.ambient_temp           100 
_diffrn.ambient_temp_details   ? 
_diffrn.crystal_id             1 
# 
_diffrn_detector.diffrn_id              1 
_diffrn_detector.detector               CCD 
_diffrn_detector.type                   'ADSC CCD' 
_diffrn_detector.pdbx_collection_date   ? 
_diffrn_detector.details                ? 
# 
_diffrn_radiation.diffrn_id                        1 
_diffrn_radiation.wavelength_id                    1 
_diffrn_radiation.pdbx_monochromatic_or_laue_m_l   M 
_diffrn_radiation.monochromator                    ? 
_diffrn_radiation.pdbx_diffrn_protocol             'SINGLE WAVELENGTH' 
_diffrn_radiation.pdbx_scattering_type             x-ray 
# 
_diffrn_radiation_wavelength.id           1 
_diffrn_radiation_wavelength.wavelength   0.89 
_diffrn_radiation_wavelength.wt           1.0 
# 
_diffrn_source.diffrn_id                   1 
_diffrn_source.source                      SYNCHROTRON 
_diffrn_source.type                        'DIAMOND BEAMLINE I03' 
_diffrn_source.pdbx_synchrotron_site       Diamond 
_diffrn_source.pdbx_synchrotron_beamline   I03 
_diffrn_source.pdbx_wavelength             0.89 
_diffrn_source.pdbx_wavelength_list        ? 
# 
_reflns.pdbx_diffrn_id               1 
_reflns.pdbx_ordinal                 1 
_reflns.entry_id                     2WZL 
_reflns.observed_criterion_sigma_I   0.0 
_reflns.observed_criterion_sigma_F   ? 
_reflns.d_resolution_low             30.00 
_reflns.d_resolution_high            2.10 
_reflns.number_obs                   6812 
_reflns.number_all                   ? 
_reflns.percent_possible_obs         99.6 
_reflns.pdbx_Rmerge_I_obs            0.17 
_reflns.pdbx_Rsym_value              ? 
_reflns.pdbx_netI_over_sigmaI        9.90 
_reflns.B_iso_Wilson_estimate        ? 
_reflns.pdbx_redundancy              5.5 
# 
_reflns_shell.pdbx_diffrn_id         1 
_reflns_shell.pdbx_ordinal           1 
_reflns_shell.d_res_high             2.10 
_reflns_shell.d_res_low              2.20 
_reflns_shell.percent_possible_all   97.9 
_reflns_shell.Rmerge_I_obs           0.58 
_reflns_shell.pdbx_Rsym_value        ? 
_reflns_shell.meanI_over_sigI_obs    1.70 
_reflns_shell.pdbx_redundancy        3.3 
# 
_refine.pdbx_refine_id                           'X-RAY DIFFRACTION' 
_refine.entry_id                                 2WZL 
_refine.pdbx_diffrn_id                           1 
_refine.pdbx_TLS_residual_ADP_flag               'LIKELY RESIDUAL' 
_refine.ls_number_reflns_obs                     6453 
_refine.ls_number_reflns_all                     ? 
_refine.pdbx_ls_sigma_I                          ? 
_refine.pdbx_ls_sigma_F                          . 
_refine.pdbx_data_cutoff_high_absF               ? 
_refine.pdbx_data_cutoff_low_absF                ? 
_refine.pdbx_data_cutoff_high_rms_absF           ? 
_refine.ls_d_res_low                             24.75 
_refine.ls_d_res_high                            2.10 
_refine.ls_percent_reflns_obs                    99.63 
_refine.ls_R_factor_obs                          0.22260 
_refine.ls_R_factor_all                          ? 
_refine.ls_R_factor_R_work                       0.22034 
_refine.ls_R_factor_R_free                       0.26597 
_refine.ls_R_factor_R_free_error                 ? 
_refine.ls_R_factor_R_free_error_details         ? 
_refine.ls_percent_reflns_R_free                 4.8 
_refine.ls_number_reflns_R_free                  325 
_refine.ls_number_parameters                     ? 
_refine.ls_number_restraints                     ? 
_refine.occupancy_min                            ? 
_refine.occupancy_max                            ? 
_refine.correlation_coeff_Fo_to_Fc               0.929 
_refine.correlation_coeff_Fo_to_Fc_free          0.908 
_refine.B_iso_mean                               13.011 
_refine.aniso_B[1][1]                            -0.13 
_refine.aniso_B[2][2]                            -0.19 
_refine.aniso_B[3][3]                            0.32 
_refine.aniso_B[1][2]                            0.00 
_refine.aniso_B[1][3]                            0.00 
_refine.aniso_B[2][3]                            0.00 
_refine.solvent_model_details                    MASK 
_refine.solvent_model_param_ksol                 ? 
_refine.solvent_model_param_bsol                 ? 
_refine.pdbx_solvent_vdw_probe_radii             1.40 
_refine.pdbx_solvent_ion_probe_radii             0.80 
_refine.pdbx_solvent_shrinkage_radii             0.80 
_refine.pdbx_ls_cross_valid_method               THROUGHOUT 
_refine.details                                  
'HYDROGENS HAVE BEEN ADDED IN THE RIDING POSITIONS. ATOM RECORD CONTAINS RESIDUAL B FACTORS ONLY.' 
_refine.pdbx_starting_model                      'PDB ENTRY 1VYI' 
_refine.pdbx_method_to_determine_struct          'MOLECULAR REPLACEMENT' 
_refine.pdbx_isotropic_thermal_model             ? 
_refine.pdbx_stereochemistry_target_values       'MAXIMUM LIKELIHOOD' 
_refine.pdbx_stereochem_target_val_spec_case     ? 
_refine.pdbx_R_Free_selection_details            RANDOM 
_refine.pdbx_overall_ESU_R                       0.270 
_refine.pdbx_overall_ESU_R_Free                  0.214 
_refine.overall_SU_ML                            0.156 
_refine.pdbx_overall_phase_error                 ? 
_refine.overall_SU_B                             13.014 
_refine.overall_SU_R_Cruickshank_DPI             ? 
_refine.pdbx_overall_SU_R_free_Cruickshank_DPI   ? 
_refine.pdbx_overall_SU_R_Blow_DPI               ? 
_refine.pdbx_overall_SU_R_free_Blow_DPI          ? 
# 
_refine_hist.pdbx_refine_id                   'X-RAY DIFFRACTION' 
_refine_hist.cycle_id                         LAST 
_refine_hist.pdbx_number_atoms_protein        851 
_refine_hist.pdbx_number_atoms_nucleic_acid   0 
_refine_hist.pdbx_number_atoms_ligand         6 
_refine_hist.number_atoms_solvent             51 
_refine_hist.number_atoms_total               908 
_refine_hist.d_res_high                       2.10 
_refine_hist.d_res_low                        24.75 
# 
loop_
_refine_ls_restr.type 
_refine_ls_restr.dev_ideal 
_refine_ls_restr.dev_ideal_target 
_refine_ls_restr.weight 
_refine_ls_restr.number 
_refine_ls_restr.pdbx_refine_id 
_refine_ls_restr.pdbx_restraint_function 
r_bond_refined_d             0.011  0.022  ? 869  'X-RAY DIFFRACTION' ? 
r_bond_other_d               ?      ?      ? ?    'X-RAY DIFFRACTION' ? 
r_angle_refined_deg          1.178  1.978  ? 1163 'X-RAY DIFFRACTION' ? 
r_angle_other_deg            ?      ?      ? ?    'X-RAY DIFFRACTION' ? 
r_dihedral_angle_1_deg       5.355  5.000  ? 106  'X-RAY DIFFRACTION' ? 
r_dihedral_angle_2_deg       29.229 24.286 ? 42   'X-RAY DIFFRACTION' ? 
r_dihedral_angle_3_deg       17.991 15.000 ? 166  'X-RAY DIFFRACTION' ? 
r_dihedral_angle_4_deg       21.816 15.000 ? 7    'X-RAY DIFFRACTION' ? 
r_chiral_restr               0.071  0.200  ? 126  'X-RAY DIFFRACTION' ? 
r_gen_planes_refined         0.005  0.021  ? 645  'X-RAY DIFFRACTION' ? 
r_gen_planes_other           ?      ?      ? ?    'X-RAY DIFFRACTION' ? 
r_nbd_refined                ?      ?      ? ?    'X-RAY DIFFRACTION' ? 
r_nbd_other                  ?      ?      ? ?    'X-RAY DIFFRACTION' ? 
r_nbtor_refined              ?      ?      ? ?    'X-RAY DIFFRACTION' ? 
r_nbtor_other                ?      ?      ? ?    'X-RAY DIFFRACTION' ? 
r_xyhbond_nbd_refined        ?      ?      ? ?    'X-RAY DIFFRACTION' ? 
r_xyhbond_nbd_other          ?      ?      ? ?    'X-RAY DIFFRACTION' ? 
r_metal_ion_refined          ?      ?      ? ?    'X-RAY DIFFRACTION' ? 
r_metal_ion_other            ?      ?      ? ?    'X-RAY DIFFRACTION' ? 
r_symmetry_vdw_refined       ?      ?      ? ?    'X-RAY DIFFRACTION' ? 
r_symmetry_vdw_other         ?      ?      ? ?    'X-RAY DIFFRACTION' ? 
r_symmetry_hbond_refined     ?      ?      ? ?    'X-RAY DIFFRACTION' ? 
r_symmetry_hbond_other       ?      ?      ? ?    'X-RAY DIFFRACTION' ? 
r_symmetry_metal_ion_refined ?      ?      ? ?    'X-RAY DIFFRACTION' ? 
r_symmetry_metal_ion_other   ?      ?      ? ?    'X-RAY DIFFRACTION' ? 
r_mcbond_it                  0.515  1.500  ? 531  'X-RAY DIFFRACTION' ? 
r_mcbond_other               ?      ?      ? ?    'X-RAY DIFFRACTION' ? 
r_mcangle_it                 0.917  2.000  ? 848  'X-RAY DIFFRACTION' ? 
r_mcangle_other              ?      ?      ? ?    'X-RAY DIFFRACTION' ? 
r_scbond_it                  1.841  3.000  ? 338  'X-RAY DIFFRACTION' ? 
r_scbond_other               ?      ?      ? ?    'X-RAY DIFFRACTION' ? 
r_scangle_it                 2.777  4.500  ? 315  'X-RAY DIFFRACTION' ? 
r_scangle_other              ?      ?      ? ?    'X-RAY DIFFRACTION' ? 
r_long_range_B_refined       ?      ?      ? ?    'X-RAY DIFFRACTION' ? 
r_long_range_B_other         ?      ?      ? ?    'X-RAY DIFFRACTION' ? 
r_rigid_bond_restr           ?      ?      ? ?    'X-RAY DIFFRACTION' ? 
r_sphericity_free            ?      ?      ? ?    'X-RAY DIFFRACTION' ? 
r_sphericity_bonded          ?      ?      ? ?    'X-RAY DIFFRACTION' ? 
# 
_refine_ls_shell.pdbx_refine_id                   'X-RAY DIFFRACTION' 
_refine_ls_shell.pdbx_total_number_of_bins_used   20 
_refine_ls_shell.d_res_high                       2.100 
_refine_ls_shell.d_res_low                        2.154 
_refine_ls_shell.number_reflns_R_work             472 
_refine_ls_shell.R_factor_R_work                  0.278 
_refine_ls_shell.percent_reflns_obs               97.63 
_refine_ls_shell.R_factor_R_free                  0.342 
_refine_ls_shell.R_factor_R_free_error            ? 
_refine_ls_shell.percent_reflns_R_free            ? 
_refine_ls_shell.number_reflns_R_free             22 
_refine_ls_shell.number_reflns_all                ? 
_refine_ls_shell.R_factor_all                     ? 
# 
_struct.entry_id                  2WZL 
_struct.title                     'The Structure of the N-RNA Binding Domain of the Mokola virus Phosphoprotein' 
_struct.pdbx_model_details        ? 
_struct.pdbx_CASP_flag            ? 
_struct.pdbx_model_type_details   ? 
# 
_struct_keywords.entry_id        2WZL 
_struct_keywords.pdbx_keywords   'VIRAL PROTEIN' 
_struct_keywords.text            'VIRAL PROTEIN, RABIES, VIRION, CHAPERONE, NUCLEOPROTEIN, RNA REPLICATION' 
# 
loop_
_struct_asym.id 
_struct_asym.pdbx_blank_PDB_chainid_flag 
_struct_asym.pdbx_modified 
_struct_asym.entity_id 
_struct_asym.details 
A N N 1 ? 
B N N 2 ? 
C N N 3 ? 
# 
_struct_biol.id   1 
# 
loop_
_struct_conf.conf_type_id 
_struct_conf.id 
_struct_conf.pdbx_PDB_helix_id 
_struct_conf.beg_label_comp_id 
_struct_conf.beg_label_asym_id 
_struct_conf.beg_label_seq_id 
_struct_conf.pdbx_beg_PDB_ins_code 
_struct_conf.end_label_comp_id 
_struct_conf.end_label_asym_id 
_struct_conf.end_label_seq_id 
_struct_conf.pdbx_end_PDB_ins_code 
_struct_conf.beg_auth_comp_id 
_struct_conf.beg_auth_asym_id 
_struct_conf.beg_auth_seq_id 
_struct_conf.end_auth_comp_id 
_struct_conf.end_auth_asym_id 
_struct_conf.end_auth_seq_id 
_struct_conf.pdbx_PDB_helix_class 
_struct_conf.details 
_struct_conf.pdbx_PDB_helix_length 
HELX_P HELX_P1 1 ASP A 197 ? SER A 209 ? ASP A 197 SER A 209 1 ? 13 
HELX_P HELX_P2 2 ASN A 227 ? LYS A 232 ? ASN A 227 LYS A 232 5 ? 6  
HELX_P HELX_P3 3 ASN A 234 ? MET A 243 ? ASN A 234 MET A 243 1 ? 10 
HELX_P HELX_P4 4 GLY A 247 ? LYS A 254 ? GLY A 247 LYS A 254 1 ? 8  
HELX_P HELX_P5 5 PRO A 259 ? SER A 272 ? PRO A 259 SER A 272 1 ? 14 
HELX_P HELX_P6 6 SER A 272 ? ALA A 279 ? SER A 272 ALA A 279 1 ? 8  
HELX_P HELX_P7 7 ASP A 280 ? GLU A 301 ? ASP A 280 GLU A 301 1 ? 22 
# 
_struct_conf_type.id          HELX_P 
_struct_conf_type.criteria    ? 
_struct_conf_type.reference   ? 
# 
_struct_sheet.id               AA 
_struct_sheet.type             ? 
_struct_sheet.number_strands   2 
_struct_sheet.details          ? 
# 
_struct_sheet_order.sheet_id     AA 
_struct_sheet_order.range_id_1   1 
_struct_sheet_order.range_id_2   2 
_struct_sheet_order.offset       ? 
_struct_sheet_order.sense        anti-parallel 
# 
loop_
_struct_sheet_range.sheet_id 
_struct_sheet_range.id 
_struct_sheet_range.beg_label_comp_id 
_struct_sheet_range.beg_label_asym_id 
_struct_sheet_range.beg_label_seq_id 
_struct_sheet_range.pdbx_beg_PDB_ins_code 
_struct_sheet_range.end_label_comp_id 
_struct_sheet_range.end_label_asym_id 
_struct_sheet_range.end_label_seq_id 
_struct_sheet_range.pdbx_end_PDB_ins_code 
_struct_sheet_range.beg_auth_comp_id 
_struct_sheet_range.beg_auth_asym_id 
_struct_sheet_range.beg_auth_seq_id 
_struct_sheet_range.end_auth_comp_id 
_struct_sheet_range.end_auth_asym_id 
_struct_sheet_range.end_auth_seq_id 
AA 1 TYR A 214 ? PRO A 217 ? TYR A 214 PRO A 217 
AA 2 ILE A 223 ? TRP A 226 ? ILE A 223 TRP A 226 
# 
_pdbx_struct_sheet_hbond.sheet_id                AA 
_pdbx_struct_sheet_hbond.range_id_1              1 
_pdbx_struct_sheet_hbond.range_id_2              2 
_pdbx_struct_sheet_hbond.range_1_label_atom_id   N 
_pdbx_struct_sheet_hbond.range_1_label_comp_id   PHE 
_pdbx_struct_sheet_hbond.range_1_label_asym_id   A 
_pdbx_struct_sheet_hbond.range_1_label_seq_id    216 
_pdbx_struct_sheet_hbond.range_1_PDB_ins_code    ? 
_pdbx_struct_sheet_hbond.range_1_auth_atom_id    N 
_pdbx_struct_sheet_hbond.range_1_auth_comp_id    PHE 
_pdbx_struct_sheet_hbond.range_1_auth_asym_id    A 
_pdbx_struct_sheet_hbond.range_1_auth_seq_id     216 
_pdbx_struct_sheet_hbond.range_2_label_atom_id   O 
_pdbx_struct_sheet_hbond.range_2_label_comp_id   PHE 
_pdbx_struct_sheet_hbond.range_2_label_asym_id   A 
_pdbx_struct_sheet_hbond.range_2_label_seq_id    224 
_pdbx_struct_sheet_hbond.range_2_PDB_ins_code    ? 
_pdbx_struct_sheet_hbond.range_2_auth_atom_id    O 
_pdbx_struct_sheet_hbond.range_2_auth_comp_id    PHE 
_pdbx_struct_sheet_hbond.range_2_auth_asym_id    A 
_pdbx_struct_sheet_hbond.range_2_auth_seq_id     224 
# 
_struct_site.id                   AC1 
_struct_site.pdbx_evidence_code   Software 
_struct_site.pdbx_auth_asym_id    A 
_struct_site.pdbx_auth_comp_id    GOL 
_struct_site.pdbx_auth_seq_id     1304 
_struct_site.pdbx_auth_ins_code   ? 
_struct_site.pdbx_num_residues    5 
_struct_site.details              'BINDING SITE FOR RESIDUE GOL A 1304' 
# 
loop_
_struct_site_gen.id 
_struct_site_gen.site_id 
_struct_site_gen.pdbx_num_res 
_struct_site_gen.label_comp_id 
_struct_site_gen.label_asym_id 
_struct_site_gen.label_seq_id 
_struct_site_gen.pdbx_auth_ins_code 
_struct_site_gen.auth_comp_id 
_struct_site_gen.auth_asym_id 
_struct_site_gen.auth_seq_id 
_struct_site_gen.label_atom_id 
_struct_site_gen.label_alt_id 
_struct_site_gen.symmetry 
_struct_site_gen.details 
1 AC1 5 PHE A 266 ? PHE A 266 . ? 1_555 ? 
2 AC1 5 LEU A 269 ? LEU A 269 . ? 1_555 ? 
3 AC1 5 ASP A 270 ? ASP A 270 . ? 1_555 ? 
4 AC1 5 ILE A 288 ? ILE A 288 . ? 1_555 ? 
5 AC1 5 GLU A 303 ? GLU A 303 . ? 4_565 ? 
# 
_atom_sites.entry_id                    2WZL 
_atom_sites.fract_transf_matrix[1][1]   0.00198482 
_atom_sites.fract_transf_matrix[1][2]   -0.02789810 
_atom_sites.fract_transf_matrix[1][3]   0.02674784 
_atom_sites.fract_transf_matrix[2][1]   -0.01085973 
_atom_sites.fract_transf_matrix[2][2]   -0.01239852 
_atom_sites.fract_transf_matrix[2][3]   -0.01212586 
_atom_sites.fract_transf_matrix[3][1]   0.00984309 
_atom_sites.fract_transf_matrix[3][2]   -0.00391429 
_atom_sites.fract_transf_matrix[3][3]   -0.00481302 
_atom_sites.fract_transf_vector[1]      0.637815 
_atom_sites.fract_transf_vector[2]      0.633893 
_atom_sites.fract_transf_vector[3]      0.128593 
# 
loop_
_atom_type.symbol 
C 
N 
O 
S 
# 
loop_
_atom_site.group_PDB 
_atom_site.id 
_atom_site.type_symbol 
_atom_site.label_atom_id 
_atom_site.label_alt_id 
_atom_site.label_comp_id 
_atom_site.label_asym_id 
_atom_site.label_entity_id 
_atom_site.label_seq_id 
_atom_site.pdbx_PDB_ins_code 
_atom_site.Cartn_x 
_atom_site.Cartn_y 
_atom_site.Cartn_z 
_atom_site.occupancy 
_atom_site.B_iso_or_equiv 
_atom_site.pdbx_formal_charge 
_atom_site.auth_seq_id 
_atom_site.auth_comp_id 
_atom_site.auth_asym_id 
_atom_site.auth_atom_id 
_atom_site.pdbx_PDB_model_num 
ATOM   1   N N   . ASP A 1 197 ? -1.114  -17.066 -8.115  1.00 14.46 ? 197  ASP A N   1 
ATOM   2   C CA  . ASP A 1 197 ? -2.584  -17.142 -7.778  1.00 14.89 ? 197  ASP A CA  1 
ATOM   3   C C   . ASP A 1 197 ? -3.054  -15.933 -6.968  1.00 13.93 ? 197  ASP A C   1 
ATOM   4   O O   . ASP A 1 197 ? -3.114  -14.844 -7.521  1.00 14.26 ? 197  ASP A O   1 
ATOM   5   C CB  . ASP A 1 197 ? -2.936  -18.447 -7.069  1.00 15.61 ? 197  ASP A CB  1 
ATOM   6   C CG  . ASP A 1 197 ? -4.415  -18.535 -6.704  1.00 17.97 ? 197  ASP A CG  1 
ATOM   7   O OD1 . ASP A 1 197 ? -4.726  -19.037 -5.599  1.00 21.13 ? 197  ASP A OD1 1 
ATOM   8   O OD2 . ASP A 1 197 ? -5.260  -18.085 -7.511  1.00 20.29 ? 197  ASP A OD2 1 
ATOM   9   N N   . ILE A 1 198 ? -3.408  -16.100 -5.687  1.00 12.79 ? 198  ILE A N   1 
ATOM   10  C CA  . ILE A 1 198 ? -3.726  -14.929 -4.858  1.00 11.65 ? 198  ILE A CA  1 
ATOM   11  C C   . ILE A 1 198 ? -2.539  -13.958 -4.854  1.00 10.97 ? 198  ILE A C   1 
ATOM   12  O O   . ILE A 1 198 ? -2.686  -12.770 -5.145  1.00 11.57 ? 198  ILE A O   1 
ATOM   13  C CB  . ILE A 1 198 ? -4.090  -15.285 -3.406  1.00 11.49 ? 198  ILE A CB  1 
ATOM   14  C CG1 . ILE A 1 198 ? -5.449  -15.989 -3.354  1.00 10.77 ? 198  ILE A CG1 1 
ATOM   15  C CG2 . ILE A 1 198 ? -4.108  -14.021 -2.538  1.00 11.28 ? 198  ILE A CG2 1 
ATOM   16  C CD1 . ILE A 1 198 ? -5.490  -17.127 -2.356  1.00 9.88  ? 198  ILE A CD1 1 
ATOM   17  N N   . GLU A 1 199 ? -1.358  -14.472 -4.543  1.00 10.33 ? 199  GLU A N   1 
ATOM   18  C CA  . GLU A 1 199 ? -0.147  -13.658 -4.596  1.00 9.54  ? 199  GLU A CA  1 
ATOM   19  C C   . GLU A 1 199 ? 0.115   -13.146 -6.008  1.00 8.49  ? 199  GLU A C   1 
ATOM   20  O O   . GLU A 1 199 ? 0.581   -12.024 -6.177  1.00 7.94  ? 199  GLU A O   1 
ATOM   21  C CB  . GLU A 1 199 ? 1.056   -14.411 -4.006  1.00 9.92  ? 199  GLU A CB  1 
ATOM   22  C CG  . GLU A 1 199 ? 1.093   -14.330 -2.474  1.00 10.29 ? 199  GLU A CG  1 
ATOM   23  C CD  . GLU A 1 199 ? 2.056   -15.316 -1.820  1.00 12.56 ? 199  GLU A CD  1 
ATOM   24  O OE1 . GLU A 1 199 ? 2.979   -15.833 -2.505  1.00 12.51 ? 199  GLU A OE1 1 
ATOM   25  O OE2 . GLU A 1 199 ? 1.891   -15.571 -0.602  1.00 10.89 ? 199  GLU A OE2 1 
ATOM   26  N N   . GLY A 1 200 ? -0.204  -13.973 -7.009  1.00 8.47  ? 200  GLY A N   1 
ATOM   27  C CA  . GLY A 1 200 ? -0.118  -13.602 -8.426  1.00 7.58  ? 200  GLY A CA  1 
ATOM   28  C C   . GLY A 1 200 ? -1.034  -12.440 -8.775  1.00 7.49  ? 200  GLY A C   1 
ATOM   29  O O   . GLY A 1 200 ? -0.655  -11.581 -9.544  1.00 7.32  ? 200  GLY A O   1 
ATOM   30  N N   . GLU A 1 201 ? -2.230  -12.402 -8.187  1.00 7.30  ? 201  GLU A N   1 
ATOM   31  C CA  . GLU A 1 201 ? -3.161  -11.283 -8.379  1.00 7.92  ? 201  GLU A CA  1 
ATOM   32  C C   . GLU A 1 201 ? -2.633  -9.981  -7.742  1.00 8.07  ? 201  GLU A C   1 
ATOM   33  O O   . GLU A 1 201 ? -2.786  -8.892  -8.310  1.00 8.24  ? 201  GLU A O   1 
ATOM   34  C CB  . GLU A 1 201 ? -4.563  -11.635 -7.849  1.00 7.63  ? 201  GLU A CB  1 
ATOM   35  C CG  . GLU A 1 201 ? -5.563  -10.461 -7.811  1.00 8.57  ? 201  GLU A CG  1 
ATOM   36  C CD  . GLU A 1 201 ? -5.992  -9.966  -9.195  1.00 9.74  ? 201  GLU A CD  1 
ATOM   37  O OE1 . GLU A 1 201 ? -5.737  -10.690 -10.185 1.00 11.01 ? 201  GLU A OE1 1 
ATOM   38  O OE2 . GLU A 1 201 ? -6.591  -8.862  -9.295  1.00 6.82  ? 201  GLU A OE2 1 
ATOM   39  N N   . VAL A 1 202 ? -2.003  -10.102 -6.574  1.00 8.44  ? 202  VAL A N   1 
ATOM   40  C CA  . VAL A 1 202 ? -1.362  -8.954  -5.921  1.00 8.15  ? 202  VAL A CA  1 
ATOM   41  C C   . VAL A 1 202 ? -0.200  -8.501  -6.792  1.00 8.77  ? 202  VAL A C   1 
ATOM   42  O O   . VAL A 1 202 ? -0.007  -7.309  -7.016  1.00 9.46  ? 202  VAL A O   1 
ATOM   43  C CB  . VAL A 1 202 ? -0.896  -9.269  -4.456  1.00 8.40  ? 202  VAL A CB  1 
ATOM   44  C CG1 . VAL A 1 202 ? -0.134  -8.078  -3.824  1.00 4.67  ? 202  VAL A CG1 1 
ATOM   45  C CG2 . VAL A 1 202 ? -2.089  -9.667  -3.578  1.00 8.57  ? 202  VAL A CG2 1 
ATOM   46  N N   . ALA A 1 203 ? 0.555   -9.458  -7.315  1.00 8.30  ? 203  ALA A N   1 
ATOM   47  C CA  . ALA A 1 203 ? 1.710   -9.127  -8.151  1.00 8.36  ? 203  ALA A CA  1 
ATOM   48  C C   . ALA A 1 203 ? 1.314   -8.349  -9.415  1.00 8.67  ? 203  ALA A C   1 
ATOM   49  O O   . ALA A 1 203 ? 1.970   -7.369  -9.788  1.00 7.70  ? 203  ALA A O   1 
ATOM   50  C CB  . ALA A 1 203 ? 2.457   -10.375 -8.506  1.00 8.22  ? 203  ALA A CB  1 
ATOM   51  N N   . HIS A 1 204 ? 0.229   -8.789  -10.051 1.00 9.14  ? 204  HIS A N   1 
ATOM   52  C CA  . HIS A 1 204 ? -0.352  -8.094  -11.199 1.00 9.50  ? 204  HIS A CA  1 
ATOM   53  C C   . HIS A 1 204 ? -0.716  -6.635  -10.878 1.00 9.57  ? 204  HIS A C   1 
ATOM   54  O O   . HIS A 1 204 ? -0.225  -5.723  -11.554 1.00 10.21 ? 204  HIS A O   1 
ATOM   55  C CB  . HIS A 1 204 ? -1.565  -8.880  -11.723 1.00 9.90  ? 204  HIS A CB  1 
ATOM   56  C CG  . HIS A 1 204 ? -2.294  -8.200  -12.836 1.00 10.72 ? 204  HIS A CG  1 
ATOM   57  N ND1 . HIS A 1 204 ? -3.479  -7.522  -12.644 1.00 12.20 ? 204  HIS A ND1 1 
ATOM   58  C CD2 . HIS A 1 204 ? -2.013  -8.101  -14.157 1.00 11.71 ? 204  HIS A CD2 1 
ATOM   59  C CE1 . HIS A 1 204 ? -3.892  -7.025  -13.796 1.00 12.15 ? 204  HIS A CE1 1 
ATOM   60  N NE2 . HIS A 1 204 ? -3.020  -7.360  -14.730 1.00 12.56 ? 204  HIS A NE2 1 
ATOM   61  N N   . GLN A 1 205 ? -1.542  -6.416  -9.851  1.00 9.64  ? 205  GLN A N   1 
ATOM   62  C CA  . GLN A 1 205 ? -2.065  -5.077  -9.507  1.00 9.36  ? 205  GLN A CA  1 
ATOM   63  C C   . GLN A 1 205 ? -0.952  -4.103  -9.110  1.00 9.49  ? 205  GLN A C   1 
ATOM   64  O O   . GLN A 1 205 ? -0.957  -2.955  -9.520  1.00 9.70  ? 205  GLN A O   1 
ATOM   65  C CB  . GLN A 1 205 ? -3.122  -5.137  -8.396  1.00 8.78  ? 205  GLN A CB  1 
ATOM   66  C CG  . GLN A 1 205 ? -4.398  -5.883  -8.755  1.00 8.58  ? 205  GLN A CG  1 
ATOM   67  C CD  . GLN A 1 205 ? -5.569  -5.618  -7.802  1.00 9.20  ? 205  GLN A CD  1 
ATOM   68  O OE1 . GLN A 1 205 ? -5.689  -4.540  -7.199  1.00 8.69  ? 205  GLN A OE1 1 
ATOM   69  N NE2 . GLN A 1 205 ? -6.454  -6.605  -7.679  1.00 7.09  ? 205  GLN A NE2 1 
ATOM   70  N N   . VAL A 1 206 ? 0.003   -4.576  -8.324  1.00 9.95  ? 206  VAL A N   1 
ATOM   71  C CA  . VAL A 1 206 ? 1.207   -3.813  -7.996  1.00 10.00 ? 206  VAL A CA  1 
ATOM   72  C C   . VAL A 1 206 ? 2.040   -3.454  -9.236  1.00 10.41 ? 206  VAL A C   1 
ATOM   73  O O   . VAL A 1 206 ? 2.518   -2.319  -9.363  1.00 10.00 ? 206  VAL A O   1 
ATOM   74  C CB  . VAL A 1 206 ? 2.089   -4.568  -6.962  1.00 10.38 ? 206  VAL A CB  1 
ATOM   75  C CG1 . VAL A 1 206 ? 3.460   -3.899  -6.799  1.00 9.02  ? 206  VAL A CG1 1 
ATOM   76  C CG2 . VAL A 1 206 ? 1.384   -4.670  -5.627  1.00 9.56  ? 206  VAL A CG2 1 
ATOM   77  N N   . ALA A 1 207 ? 2.222   -4.421  -10.138 1.00 10.84 ? 207  ALA A N   1 
ATOM   78  C CA  . ALA A 1 207 ? 3.018   -4.221  -11.341 1.00 10.89 ? 207  ALA A CA  1 
ATOM   79  C C   . ALA A 1 207 ? 2.355   -3.173  -12.220 1.00 11.55 ? 207  ALA A C   1 
ATOM   80  O O   . ALA A 1 207 ? 3.019   -2.299  -12.776 1.00 11.48 ? 207  ALA A O   1 
ATOM   81  C CB  . ALA A 1 207 ? 3.170   -5.522  -12.103 1.00 10.87 ? 207  ALA A CB  1 
ATOM   82  N N   . GLU A 1 208 ? 1.032   -3.264  -12.316 1.00 12.30 ? 208  GLU A N   1 
ATOM   83  C CA  . GLU A 1 208 ? 0.222   -2.353  -13.117 1.00 12.96 ? 208  GLU A CA  1 
ATOM   84  C C   . GLU A 1 208 ? 0.333   -0.885  -12.660 1.00 13.14 ? 208  GLU A C   1 
ATOM   85  O O   . GLU A 1 208 ? 0.314   0.021   -13.500 1.00 13.18 ? 208  GLU A O   1 
ATOM   86  C CB  . GLU A 1 208 ? -1.241  -2.836  -13.179 1.00 13.08 ? 208  GLU A CB  1 
ATOM   87  C CG  . GLU A 1 208 ? -1.453  -4.025  -14.149 1.00 13.48 ? 208  GLU A CG  1 
ATOM   88  C CD  . GLU A 1 208 ? -1.163  -3.664  -15.598 1.00 15.60 ? 208  GLU A CD  1 
ATOM   89  O OE1 . GLU A 1 208 ? -1.720  -2.653  -16.071 1.00 18.32 ? 208  GLU A OE1 1 
ATOM   90  O OE2 . GLU A 1 208 ? -0.388  -4.378  -16.282 1.00 16.02 ? 208  GLU A OE2 1 
ATOM   91  N N   . SER A 1 209 ? 0.492   -0.675  -11.352 1.00 12.98 ? 209  SER A N   1 
ATOM   92  C CA  . SER A 1 209 ? 0.633   0.661   -10.766 1.00 13.00 ? 209  SER A CA  1 
ATOM   93  C C   . SER A 1 209 ? 2.036   0.935   -10.211 1.00 12.71 ? 209  SER A C   1 
ATOM   94  O O   . SER A 1 209 ? 2.208   1.724   -9.282  1.00 12.61 ? 209  SER A O   1 
ATOM   95  C CB  . SER A 1 209 ? -0.413  0.859   -9.677  1.00 13.34 ? 209  SER A CB  1 
ATOM   96  O OG  . SER A 1 209 ? -1.716  0.694   -10.229 1.00 13.72 ? 209  SER A OG  1 
ATOM   97  N N   . PHE A 1 210 ? 3.036   0.308   -10.817 1.00 12.16 ? 210  PHE A N   1 
ATOM   98  C CA  . PHE A 1 210 ? 4.374   0.273   -10.252 1.00 11.88 ? 210  PHE A CA  1 
ATOM   99  C C   . PHE A 1 210 ? 5.032   1.636   -10.122 1.00 11.75 ? 210  PHE A C   1 
ATOM   100 O O   . PHE A 1 210 ? 5.708   1.904   -9.128  1.00 11.99 ? 210  PHE A O   1 
ATOM   101 C CB  . PHE A 1 210 ? 5.268   -0.667  -11.057 1.00 11.90 ? 210  PHE A CB  1 
ATOM   102 C CG  . PHE A 1 210 ? 6.412   -1.228  -10.270 1.00 12.14 ? 210  PHE A CG  1 
ATOM   103 C CD1 . PHE A 1 210 ? 6.184   -2.089  -9.197  1.00 11.64 ? 210  PHE A CD1 1 
ATOM   104 C CD2 . PHE A 1 210 ? 7.723   -0.912  -10.604 1.00 11.09 ? 210  PHE A CD2 1 
ATOM   105 C CE1 . PHE A 1 210 ? 7.256   -2.612  -8.471  1.00 12.56 ? 210  PHE A CE1 1 
ATOM   106 C CE2 . PHE A 1 210 ? 8.786   -1.426  -9.890  1.00 11.05 ? 210  PHE A CE2 1 
ATOM   107 C CZ  . PHE A 1 210 ? 8.560   -2.272  -8.826  1.00 11.41 ? 210  PHE A CZ  1 
ATOM   108 N N   . SER A 1 211 ? 4.820   2.494   -11.114 1.00 11.24 ? 211  SER A N   1 
ATOM   109 C CA  . SER A 1 211 ? 5.397   3.831   -11.100 1.00 11.42 ? 211  SER A CA  1 
ATOM   110 C C   . SER A 1 211 ? 4.365   4.873   -10.710 1.00 10.95 ? 211  SER A C   1 
ATOM   111 O O   . SER A 1 211 ? 4.654   6.064   -10.697 1.00 10.74 ? 211  SER A O   1 
ATOM   112 C CB  . SER A 1 211 ? 5.993   4.170   -12.475 1.00 11.59 ? 211  SER A CB  1 
ATOM   113 O OG  . SER A 1 211 ? 4.971   4.229   -13.462 1.00 13.96 ? 211  SER A OG  1 
ATOM   114 N N   . LYS A 1 212 ? 3.158   4.419   -10.387 1.00 11.05 ? 212  LYS A N   1 
ATOM   115 C CA  . LYS A 1 212 ? 2.062   5.335   -10.107 1.00 10.89 ? 212  LYS A CA  1 
ATOM   116 C C   . LYS A 1 212 ? 2.277   5.993   -8.760  1.00 10.95 ? 212  LYS A C   1 
ATOM   117 O O   . LYS A 1 212 ? 2.509   5.324   -7.760  1.00 11.48 ? 212  LYS A O   1 
ATOM   118 C CB  . LYS A 1 212 ? 0.727   4.613   -10.159 1.00 11.13 ? 212  LYS A CB  1 
ATOM   119 C CG  . LYS A 1 212 ? -0.468  5.504   -9.858  1.00 12.17 ? 212  LYS A CG  1 
ATOM   120 C CD  . LYS A 1 212 ? -1.673  5.043   -10.612 1.00 16.12 ? 212  LYS A CD  1 
ATOM   121 C CE  . LYS A 1 212 ? -2.720  6.158   -10.715 1.00 16.76 ? 212  LYS A CE  1 
ATOM   122 N NZ  . LYS A 1 212 ? -3.460  6.220   -9.440  1.00 20.37 ? 212  LYS A NZ  1 
ATOM   123 N N   . LYS A 1 213 ? 2.195   7.317   -8.749  1.00 10.85 ? 213  LYS A N   1 
ATOM   124 C CA  . LYS A 1 213 ? 2.484   8.115   -7.574  1.00 10.34 ? 213  LYS A CA  1 
ATOM   125 C C   . LYS A 1 213 ? 1.269   8.344   -6.698  1.00 10.54 ? 213  LYS A C   1 
ATOM   126 O O   . LYS A 1 213 ? 0.219   8.827   -7.150  1.00 9.83  ? 213  LYS A O   1 
ATOM   127 C CB  . LYS A 1 213 ? 3.099   9.437   -8.005  1.00 10.90 ? 213  LYS A CB  1 
ATOM   128 C CG  . LYS A 1 213 ? 4.325   9.222   -8.878  1.00 10.42 ? 213  LYS A CG  1 
ATOM   129 C CD  . LYS A 1 213 ? 5.578   9.577   -8.177  1.00 12.72 ? 213  LYS A CD  1 
ATOM   130 C CE  . LYS A 1 213 ? 6.035   10.920  -8.654  1.00 13.72 ? 213  LYS A CE  1 
ATOM   131 N NZ  . LYS A 1 213 ? 7.501   10.892  -8.928  1.00 16.27 ? 213  LYS A NZ  1 
ATOM   132 N N   . TYR A 1 214 ? 1.433   7.975   -5.437  1.00 10.10 ? 214  TYR A N   1 
ATOM   133 C CA  . TYR A 1 214 ? 0.413   8.204   -4.433  1.00 10.03 ? 214  TYR A CA  1 
ATOM   134 C C   . TYR A 1 214 ? 0.899   9.276   -3.461  1.00 9.43  ? 214  TYR A C   1 
ATOM   135 O O   . TYR A 1 214 ? 2.076   9.626   -3.442  1.00 9.16  ? 214  TYR A O   1 
ATOM   136 C CB  . TYR A 1 214 ? 0.068   6.888   -3.722  1.00 9.48  ? 214  TYR A CB  1 
ATOM   137 C CG  . TYR A 1 214 ? -0.503  5.849   -4.652  1.00 10.76 ? 214  TYR A CG  1 
ATOM   138 C CD1 . TYR A 1 214 ? -1.853  5.864   -5.007  1.00 12.94 ? 214  TYR A CD1 1 
ATOM   139 C CD2 . TYR A 1 214 ? 0.310   4.854   -5.190  1.00 12.81 ? 214  TYR A CD2 1 
ATOM   140 C CE1 . TYR A 1 214 ? -2.368  4.919   -5.871  1.00 13.88 ? 214  TYR A CE1 1 
ATOM   141 C CE2 . TYR A 1 214 ? -0.194  3.906   -6.037  1.00 13.40 ? 214  TYR A CE2 1 
ATOM   142 C CZ  . TYR A 1 214 ? -1.524  3.944   -6.382  1.00 12.85 ? 214  TYR A CZ  1 
ATOM   143 O OH  . TYR A 1 214 ? -2.011  3.002   -7.239  1.00 13.35 ? 214  TYR A OH  1 
ATOM   144 N N   . LYS A 1 215 ? -0.015  9.814   -2.665  1.00 9.59  ? 215  LYS A N   1 
ATOM   145 C CA  . LYS A 1 215 ? 0.320   10.903  -1.766  1.00 9.12  ? 215  LYS A CA  1 
ATOM   146 C C   . LYS A 1 215 ? 0.336   10.439  -0.311  1.00 9.55  ? 215  LYS A C   1 
ATOM   147 O O   . LYS A 1 215 ? -0.466  9.586   0.093   1.00 9.72  ? 215  LYS A O   1 
ATOM   148 C CB  . LYS A 1 215 ? -0.624  12.088  -1.961  1.00 9.41  ? 215  LYS A CB  1 
ATOM   149 C CG  . LYS A 1 215 ? -2.064  11.834  -1.567  1.00 9.04  ? 215  LYS A CG  1 
ATOM   150 C CD  . LYS A 1 215 ? -2.826  13.128  -1.523  1.00 9.55  ? 215  LYS A CD  1 
ATOM   151 C CE  . LYS A 1 215 ? -4.315  12.869  -1.561  1.00 11.48 ? 215  LYS A CE  1 
ATOM   152 N NZ  . LYS A 1 215 ? -4.792  12.563  -2.946  1.00 10.41 ? 215  LYS A NZ  1 
ATOM   153 N N   . PHE A 1 216 ? 1.278   10.992  0.450   1.00 9.43  ? 216  PHE A N   1 
ATOM   154 C CA  . PHE A 1 216 ? 1.502   10.623  1.843   1.00 9.10  ? 216  PHE A CA  1 
ATOM   155 C C   . PHE A 1 216 ? 1.743   11.887  2.693   1.00 8.88  ? 216  PHE A C   1 
ATOM   156 O O   . PHE A 1 216 ? 2.132   12.924  2.180   1.00 7.83  ? 216  PHE A O   1 
ATOM   157 C CB  . PHE A 1 216 ? 2.681   9.652   1.962   1.00 8.34  ? 216  PHE A CB  1 
ATOM   158 C CG  . PHE A 1 216 ? 2.480   8.338   1.226   1.00 10.16 ? 216  PHE A CG  1 
ATOM   159 C CD1 . PHE A 1 216 ? 1.836   7.261   1.842   1.00 10.13 ? 216  PHE A CD1 1 
ATOM   160 C CD2 . PHE A 1 216 ? 2.941   8.175   -0.082  1.00 11.84 ? 216  PHE A CD2 1 
ATOM   161 C CE1 . PHE A 1 216 ? 1.652   6.034   1.166   1.00 9.22  ? 216  PHE A CE1 1 
ATOM   162 C CE2 . PHE A 1 216 ? 2.757   6.959   -0.769  1.00 11.22 ? 216  PHE A CE2 1 
ATOM   163 C CZ  . PHE A 1 216 ? 2.116   5.889   -0.128  1.00 12.22 ? 216  PHE A CZ  1 
ATOM   164 N N   . PRO A 1 217 ? 1.472   11.806  4.003   1.00 9.35  ? 217  PRO A N   1 
ATOM   165 C CA  . PRO A 1 217 ? 1.835   12.908  4.886   1.00 9.68  ? 217  PRO A CA  1 
ATOM   166 C C   . PRO A 1 217 ? 3.359   13.084  5.019   1.00 9.97  ? 217  PRO A C   1 
ATOM   167 O O   . PRO A 1 217 ? 4.088   12.129  5.302   1.00 9.54  ? 217  PRO A O   1 
ATOM   168 C CB  . PRO A 1 217 ? 1.222   12.504  6.229   1.00 9.61  ? 217  PRO A CB  1 
ATOM   169 C CG  . PRO A 1 217 ? 0.888   11.070  6.117   1.00 8.98  ? 217  PRO A CG  1 
ATOM   170 C CD  . PRO A 1 217 ? 0.615   10.817  4.681   1.00 9.47  ? 217  PRO A CD  1 
ATOM   171 N N   . SER A 1 218 ? 3.808   14.313  4.795   1.00 10.61 ? 218  SER A N   1 
ATOM   172 C CA  . SER A 1 218 ? 5.194   14.684  4.940   1.00 11.54 ? 218  SER A CA  1 
ATOM   173 C C   . SER A 1 218 ? 5.569   15.006  6.383   1.00 12.34 ? 218  SER A C   1 
ATOM   174 O O   . SER A 1 218 ? 4.723   15.427  7.183   1.00 11.86 ? 218  SER A O   1 
ATOM   175 C CB  . SER A 1 218 ? 5.475   15.901  4.078   1.00 11.18 ? 218  SER A CB  1 
ATOM   176 O OG  . SER A 1 218 ? 6.824   16.248  4.214   1.00 13.19 ? 218  SER A OG  1 
ATOM   177 N N   . ARG A 1 219 ? 6.858   14.834  6.674   1.00 13.69 ? 219  ARG A N   1 
ATOM   178 C CA  . ARG A 1 219 ? 7.469   15.124  7.967   1.00 15.45 ? 219  ARG A CA  1 
ATOM   179 C C   . ARG A 1 219 ? 7.022   16.478  8.501   1.00 16.17 ? 219  ARG A C   1 
ATOM   180 O O   . ARG A 1 219 ? 6.659   16.600  9.669   1.00 16.54 ? 219  ARG A O   1 
ATOM   181 C CB  . ARG A 1 219 ? 8.996   15.105  7.826   1.00 15.96 ? 219  ARG A CB  1 
ATOM   182 C CG  . ARG A 1 219 ? 9.758   14.734  9.091   1.00 17.69 ? 219  ARG A CG  1 
ATOM   183 C CD  . ARG A 1 219 ? 11.194  15.276  9.080   1.00 21.74 ? 219  ARG A CD  1 
ATOM   184 N NE  . ARG A 1 219 ? 12.024  14.758  7.981   1.00 24.76 ? 219  ARG A NE  1 
ATOM   185 C CZ  . ARG A 1 219 ? 13.334  14.994  7.835   1.00 25.33 ? 219  ARG A CZ  1 
ATOM   186 N NH1 . ARG A 1 219 ? 13.994  14.478  6.796   1.00 25.78 ? 219  ARG A NH1 1 
ATOM   187 N NH2 . ARG A 1 219 ? 13.994  15.737  8.720   1.00 23.84 ? 219  ARG A NH2 1 
ATOM   188 N N   . SER A 1 220 ? 7.050   17.489  7.635   1.00 17.25 ? 220  SER A N   1 
ATOM   189 C CA  . SER A 1 220 ? 6.583   18.838  7.973   1.00 18.02 ? 220  SER A CA  1 
ATOM   190 C C   . SER A 1 220 ? 5.059   18.854  8.149   1.00 18.28 ? 220  SER A C   1 
ATOM   191 O O   . SER A 1 220 ? 4.545   18.371  9.169   1.00 19.05 ? 220  SER A O   1 
ATOM   192 C CB  . SER A 1 220 ? 7.014   19.838  6.898   1.00 18.05 ? 220  SER A CB  1 
ATOM   193 O OG  . SER A 1 220 ? 6.455   19.476  5.644   1.00 19.14 ? 220  SER A OG  1 
ATOM   194 N N   . SER A 1 221 ? 4.337   19.399  7.166   1.00 17.99 ? 221  SER A N   1 
ATOM   195 C CA  . SER A 1 221 ? 2.870   19.475  7.244   1.00 17.66 ? 221  SER A CA  1 
ATOM   196 C C   . SER A 1 221 ? 2.163   19.158  5.926   1.00 17.01 ? 221  SER A C   1 
ATOM   197 O O   . SER A 1 221 ? 0.957   18.881  5.913   1.00 17.48 ? 221  SER A O   1 
ATOM   198 C CB  . SER A 1 221 ? 2.400   20.827  7.814   1.00 17.73 ? 221  SER A CB  1 
ATOM   199 O OG  . SER A 1 221 ? 3.010   21.928  7.155   1.00 18.08 ? 221  SER A OG  1 
ATOM   200 N N   . GLY A 1 222 ? 2.913   19.178  4.827   1.00 15.79 ? 222  GLY A N   1 
ATOM   201 C CA  . GLY A 1 222 ? 2.336   18.933  3.515   1.00 14.07 ? 222  GLY A CA  1 
ATOM   202 C C   . GLY A 1 222 ? 2.134   17.466  3.182   1.00 12.73 ? 222  GLY A C   1 
ATOM   203 O O   . GLY A 1 222 ? 1.861   16.631  4.062   1.00 11.82 ? 222  GLY A O   1 
ATOM   204 N N   . ILE A 1 223 ? 2.229   17.177  1.886   1.00 11.66 ? 223  ILE A N   1 
ATOM   205 C CA  . ILE A 1 223 ? 2.218   15.813  1.359   1.00 11.39 ? 223  ILE A CA  1 
ATOM   206 C C   . ILE A 1 223 ? 3.484   15.590  0.525   1.00 10.58 ? 223  ILE A C   1 
ATOM   207 O O   . ILE A 1 223 ? 4.172   16.544  0.169   1.00 10.72 ? 223  ILE A O   1 
ATOM   208 C CB  . ILE A 1 223 ? 0.929   15.505  0.502   1.00 11.68 ? 223  ILE A CB  1 
ATOM   209 C CG1 . ILE A 1 223 ? 0.843   16.426  -0.724  1.00 11.05 ? 223  ILE A CG1 1 
ATOM   210 C CG2 . ILE A 1 223 ? -0.338  15.593  1.376   1.00 11.19 ? 223  ILE A CG2 1 
ATOM   211 C CD1 . ILE A 1 223 ? -0.230  16.057  -1.717  1.00 11.46 ? 223  ILE A CD1 1 
ATOM   212 N N   . PHE A 1 224 ? 3.815   14.343  0.239   1.00 9.60  ? 224  PHE A N   1 
ATOM   213 C CA  . PHE A 1 224 ? 4.849   14.065  -0.743  1.00 9.19  ? 224  PHE A CA  1 
ATOM   214 C C   . PHE A 1 224 ? 4.377   12.868  -1.530  1.00 8.94  ? 224  PHE A C   1 
ATOM   215 O O   . PHE A 1 224 ? 3.457   12.180  -1.107  1.00 9.54  ? 224  PHE A O   1 
ATOM   216 C CB  . PHE A 1 224 ? 6.230   13.828  -0.092  1.00 8.56  ? 224  PHE A CB  1 
ATOM   217 C CG  . PHE A 1 224 ? 6.355   12.511  0.632   1.00 9.04  ? 224  PHE A CG  1 
ATOM   218 C CD1 . PHE A 1 224 ? 6.918   11.404  0.003   1.00 10.22 ? 224  PHE A CD1 1 
ATOM   219 C CD2 . PHE A 1 224 ? 5.910   12.379  1.944   1.00 11.06 ? 224  PHE A CD2 1 
ATOM   220 C CE1 . PHE A 1 224 ? 7.036   10.195  0.664   1.00 9.63  ? 224  PHE A CE1 1 
ATOM   221 C CE2 . PHE A 1 224 ? 6.017   11.171  2.609   1.00 11.73 ? 224  PHE A CE2 1 
ATOM   222 C CZ  . PHE A 1 224 ? 6.586   10.082  1.975   1.00 11.04 ? 224  PHE A CZ  1 
ATOM   223 N N   . LEU A 1 225 ? 5.023   12.620  -2.660  1.00 9.22  ? 225  LEU A N   1 
ATOM   224 C CA  . LEU A 1 225 ? 4.606   11.596  -3.598  1.00 9.44  ? 225  LEU A CA  1 
ATOM   225 C C   . LEU A 1 225 ? 5.595   10.441  -3.591  1.00 9.72  ? 225  LEU A C   1 
ATOM   226 O O   . LEU A 1 225 ? 6.797   10.649  -3.442  1.00 10.53 ? 225  LEU A O   1 
ATOM   227 C CB  . LEU A 1 225 ? 4.466   12.182  -5.009  1.00 8.85  ? 225  LEU A CB  1 
ATOM   228 C CG  . LEU A 1 225 ? 3.618   13.457  -5.238  1.00 9.91  ? 225  LEU A CG  1 
ATOM   229 C CD1 . LEU A 1 225 ? 3.580   13.814  -6.738  1.00 8.81  ? 225  LEU A CD1 1 
ATOM   230 C CD2 . LEU A 1 225 ? 2.200   13.384  -4.656  1.00 6.57  ? 225  LEU A CD2 1 
ATOM   231 N N   . TRP A 1 226 ? 5.084   9.228   -3.759  1.00 9.95  ? 226  TRP A N   1 
ATOM   232 C CA  . TRP A 1 226 ? 5.918   8.022   -3.664  1.00 10.15 ? 226  TRP A CA  1 
ATOM   233 C C   . TRP A 1 226 ? 5.321   6.905   -4.511  1.00 9.69  ? 226  TRP A C   1 
ATOM   234 O O   . TRP A 1 226 ? 4.107   6.777   -4.607  1.00 9.99  ? 226  TRP A O   1 
ATOM   235 C CB  . TRP A 1 226 ? 6.021   7.590   -2.194  1.00 10.21 ? 226  TRP A CB  1 
ATOM   236 C CG  . TRP A 1 226 ? 7.043   6.543   -1.890  1.00 10.24 ? 226  TRP A CG  1 
ATOM   237 C CD1 . TRP A 1 226 ? 6.808   5.225   -1.633  1.00 10.90 ? 226  TRP A CD1 1 
ATOM   238 C CD2 . TRP A 1 226 ? 8.461   6.731   -1.763  1.00 9.24  ? 226  TRP A CD2 1 
ATOM   239 N NE1 . TRP A 1 226 ? 7.992   4.573   -1.374  1.00 9.11  ? 226  TRP A NE1 1 
ATOM   240 C CE2 . TRP A 1 226 ? 9.021   5.473   -1.446  1.00 9.04  ? 226  TRP A CE2 1 
ATOM   241 C CE3 . TRP A 1 226 ? 9.315   7.841   -1.901  1.00 8.92  ? 226  TRP A CE3 1 
ATOM   242 C CZ2 . TRP A 1 226 ? 10.403  5.284   -1.284  1.00 6.97  ? 226  TRP A CZ2 1 
ATOM   243 C CZ3 . TRP A 1 226 ? 10.691  7.651   -1.729  1.00 9.27  ? 226  TRP A CZ3 1 
ATOM   244 C CH2 . TRP A 1 226 ? 11.213  6.381   -1.413  1.00 7.90  ? 226  TRP A CH2 1 
ATOM   245 N N   . ASN A 1 227 ? 6.178   6.099   -5.125  1.00 9.37  ? 227  ASN A N   1 
ATOM   246 C CA  . ASN A 1 227 ? 5.723   4.916   -5.839  1.00 9.38  ? 227  ASN A CA  1 
ATOM   247 C C   . ASN A 1 227 ? 6.502   3.644   -5.476  1.00 9.77  ? 227  ASN A C   1 
ATOM   248 O O   . ASN A 1 227 ? 7.536   3.708   -4.812  1.00 10.49 ? 227  ASN A O   1 
ATOM   249 C CB  . ASN A 1 227 ? 5.663   5.162   -7.356  1.00 8.84  ? 227  ASN A CB  1 
ATOM   250 C CG  . ASN A 1 227 ? 7.022   5.476   -7.969  1.00 9.25  ? 227  ASN A CG  1 
ATOM   251 O OD1 . ASN A 1 227 ? 8.078   5.117   -7.431  1.00 9.93  ? 227  ASN A OD1 1 
ATOM   252 N ND2 . ASN A 1 227 ? 6.998   6.135   -9.117  1.00 9.08  ? 227  ASN A ND2 1 
ATOM   253 N N   . PHE A 1 228 ? 5.997   2.491   -5.901  1.00 9.59  ? 228  PHE A N   1 
ATOM   254 C CA  . PHE A 1 228 ? 6.674   1.213   -5.658  1.00 9.15  ? 228  PHE A CA  1 
ATOM   255 C C   . PHE A 1 228 ? 8.090   1.183   -6.204  1.00 9.05  ? 228  PHE A C   1 
ATOM   256 O O   . PHE A 1 228 ? 8.984   0.656   -5.563  1.00 9.07  ? 228  PHE A O   1 
ATOM   257 C CB  . PHE A 1 228 ? 5.892   0.061   -6.279  1.00 9.28  ? 228  PHE A CB  1 
ATOM   258 C CG  . PHE A 1 228 ? 4.681   -0.309  -5.523  1.00 9.05  ? 228  PHE A CG  1 
ATOM   259 C CD1 . PHE A 1 228 ? 3.426   -0.135  -6.087  1.00 10.48 ? 228  PHE A CD1 1 
ATOM   260 C CD2 . PHE A 1 228 ? 4.779   -0.817  -4.225  1.00 9.80  ? 228  PHE A CD2 1 
ATOM   261 C CE1 . PHE A 1 228 ? 2.288   -0.472  -5.367  1.00 9.51  ? 228  PHE A CE1 1 
ATOM   262 C CE2 . PHE A 1 228 ? 3.639   -1.140  -3.486  1.00 8.68  ? 228  PHE A CE2 1 
ATOM   263 C CZ  . PHE A 1 228 ? 2.395   -0.971  -4.058  1.00 8.44  ? 228  PHE A CZ  1 
ATOM   264 N N   . GLU A 1 229 ? 8.270   1.764   -7.386  1.00 9.15  ? 229  GLU A N   1 
ATOM   265 C CA  . GLU A 1 229 ? 9.575   1.864   -8.065  1.00 9.31  ? 229  GLU A CA  1 
ATOM   266 C C   . GLU A 1 229 ? 10.651  2.384   -7.106  1.00 9.27  ? 229  GLU A C   1 
ATOM   267 O O   . GLU A 1 229 ? 11.790  1.885   -7.086  1.00 8.62  ? 229  GLU A O   1 
ATOM   268 C CB  . GLU A 1 229 ? 9.435   2.827   -9.249  1.00 9.21  ? 229  GLU A CB  1 
ATOM   269 C CG  . GLU A 1 229 ? 10.140  2.424   -10.542 1.00 12.24 ? 229  GLU A CG  1 
ATOM   270 C CD  . GLU A 1 229 ? 9.797   3.374   -11.691 1.00 14.48 ? 229  GLU A CD  1 
ATOM   271 O OE1 . GLU A 1 229 ? 9.001   2.997   -12.572 1.00 16.72 ? 229  GLU A OE1 1 
ATOM   272 O OE2 . GLU A 1 229 ? 10.300  4.517   -11.700 1.00 17.72 ? 229  GLU A OE2 1 
ATOM   273 N N   . GLN A 1 230 ? 10.266  3.386   -6.311  1.00 9.28  ? 230  GLN A N   1 
ATOM   274 C CA  . GLN A 1 230 ? 11.167  4.098   -5.387  1.00 9.81  ? 230  GLN A CA  1 
ATOM   275 C C   . GLN A 1 230 ? 11.574  3.281   -4.154  1.00 10.31 ? 230  GLN A C   1 
ATOM   276 O O   . GLN A 1 230 ? 12.486  3.673   -3.424  1.00 10.31 ? 230  GLN A O   1 
ATOM   277 C CB  . GLN A 1 230 ? 10.555  5.453   -4.973  1.00 9.53  ? 230  GLN A CB  1 
ATOM   278 C CG  . GLN A 1 230 ? 10.605  6.510   -6.082  1.00 9.72  ? 230  GLN A CG  1 
ATOM   279 C CD  . GLN A 1 230 ? 9.995   7.857   -5.687  1.00 12.96 ? 230  GLN A CD  1 
ATOM   280 O OE1 . GLN A 1 230 ? 8.824   7.943   -5.304  1.00 14.93 ? 230  GLN A OE1 1 
ATOM   281 N NE2 . GLN A 1 230 ? 10.783  8.915   -5.806  1.00 11.22 ? 230  GLN A NE2 1 
ATOM   282 N N   . LEU A 1 231 ? 10.898  2.156   -3.927  1.00 10.48 ? 231  LEU A N   1 
ATOM   283 C CA  . LEU A 1 231 ? 11.272  1.216   -2.866  1.00 10.58 ? 231  LEU A CA  1 
ATOM   284 C C   . LEU A 1 231 ? 12.622  0.525   -3.148  1.00 10.73 ? 231  LEU A C   1 
ATOM   285 O O   . LEU A 1 231 ? 13.294  0.046   -2.231  1.00 10.44 ? 231  LEU A O   1 
ATOM   286 C CB  . LEU A 1 231 ? 10.138  0.188   -2.619  1.00 10.47 ? 231  LEU A CB  1 
ATOM   287 C CG  . LEU A 1 231 ? 8.857   0.649   -1.890  1.00 11.07 ? 231  LEU A CG  1 
ATOM   288 C CD1 . LEU A 1 231 ? 7.700   -0.369  -1.961  1.00 10.30 ? 231  LEU A CD1 1 
ATOM   289 C CD2 . LEU A 1 231 ? 9.170   0.954   -0.443  1.00 8.79  ? 231  LEU A CD2 1 
ATOM   290 N N   . LYS A 1 232 ? 13.018  0.516   -4.421  1.00 11.35 ? 232  LYS A N   1 
ATOM   291 C CA  . LYS A 1 232 ? 14.195  -0.215  -4.918  1.00 11.55 ? 232  LYS A CA  1 
ATOM   292 C C   . LYS A 1 232 ? 14.196  -1.704  -4.559  1.00 11.55 ? 232  LYS A C   1 
ATOM   293 O O   . LYS A 1 232 ? 15.260  -2.311  -4.350  1.00 11.77 ? 232  LYS A O   1 
ATOM   294 C CB  . LYS A 1 232 ? 15.507  0.456   -4.485  1.00 11.30 ? 232  LYS A CB  1 
ATOM   295 C CG  . LYS A 1 232 ? 15.994  1.537   -5.416  1.00 12.82 ? 232  LYS A CG  1 
ATOM   296 C CD  . LYS A 1 232 ? 16.838  0.945   -6.530  1.00 15.51 ? 232  LYS A CD  1 
ATOM   297 C CE  . LYS A 1 232 ? 17.652  2.008   -7.251  1.00 17.01 ? 232  LYS A CE  1 
ATOM   298 N NZ  . LYS A 1 232 ? 19.014  2.184   -6.660  1.00 18.87 ? 232  LYS A NZ  1 
ATOM   299 N N   . MET A 1 233 ? 13.000  -2.282  -4.563  1.00 11.03 ? 233  MET A N   1 
ATOM   300 C CA  . MET A 1 233 ? 12.759  -3.671  -4.207  1.00 10.88 ? 233  MET A CA  1 
ATOM   301 C C   . MET A 1 233 ? 12.225  -4.455  -5.411  1.00 10.37 ? 233  MET A C   1 
ATOM   302 O O   . MET A 1 233 ? 11.548  -3.895  -6.265  1.00 10.13 ? 233  MET A O   1 
ATOM   303 C CB  . MET A 1 233 ? 11.732  -3.742  -3.069  1.00 11.04 ? 233  MET A CB  1 
ATOM   304 C CG  . MET A 1 233 ? 12.272  -3.406  -1.671  1.00 12.50 ? 233  MET A CG  1 
ATOM   305 S SD  . MET A 1 233 ? 10.937  -3.280  -0.449  1.00 18.17 ? 233  MET A SD  1 
ATOM   306 C CE  . MET A 1 233 ? 10.544  -5.012  -0.170  1.00 13.26 ? 233  MET A CE  1 
ATOM   307 N N   . ASN A 1 234 ? 12.519  -5.752  -5.450  1.00 10.00 ? 234  ASN A N   1 
ATOM   308 C CA  . ASN A 1 234 ? 11.966  -6.682  -6.449  1.00 10.39 ? 234  ASN A CA  1 
ATOM   309 C C   . ASN A 1 234 ? 10.456  -6.832  -6.284  1.00 10.15 ? 234  ASN A C   1 
ATOM   310 O O   . ASN A 1 234 ? 9.935   -6.626  -5.204  1.00 9.09  ? 234  ASN A O   1 
ATOM   311 C CB  . ASN A 1 234 ? 12.621  -8.061  -6.321  1.00 10.50 ? 234  ASN A CB  1 
ATOM   312 C CG  . ASN A 1 234 ? 13.997  -8.102  -6.937  1.00 13.53 ? 234  ASN A CG  1 
ATOM   313 O OD1 . ASN A 1 234 ? 14.337  -7.257  -7.775  1.00 17.29 ? 234  ASN A OD1 1 
ATOM   314 N ND2 . ASN A 1 234 ? 14.805  -9.086  -6.537  1.00 15.29 ? 234  ASN A ND2 1 
ATOM   315 N N   . LEU A 1 235 ? 9.763   -7.207  -7.355  1.00 10.14 ? 235  LEU A N   1 
ATOM   316 C CA  . LEU A 1 235 ? 8.298   -7.363  -7.294  1.00 9.92  ? 235  LEU A CA  1 
ATOM   317 C C   . LEU A 1 235 ? 7.883   -8.455  -6.303  1.00 9.68  ? 235  LEU A C   1 
ATOM   318 O O   . LEU A 1 235 ? 6.918   -8.275  -5.576  1.00 10.16 ? 235  LEU A O   1 
ATOM   319 C CB  . LEU A 1 235 ? 7.724   -7.651  -8.683  1.00 9.69  ? 235  LEU A CB  1 
ATOM   320 C CG  . LEU A 1 235 ? 6.227   -7.850  -8.914  1.00 9.09  ? 235  LEU A CG  1 
ATOM   321 C CD1 . LEU A 1 235 ? 5.399   -6.594  -8.560  1.00 7.54  ? 235  LEU A CD1 1 
ATOM   322 C CD2 . LEU A 1 235 ? 5.993   -8.305  -10.377 1.00 7.90  ? 235  LEU A CD2 1 
ATOM   323 N N   . ASP A 1 236 ? 8.636   -9.560  -6.275  1.00 9.96  ? 236  ASP A N   1 
ATOM   324 C CA  . ASP A 1 236 ? 8.419   -10.682 -5.352  1.00 9.87  ? 236  ASP A CA  1 
ATOM   325 C C   . ASP A 1 236 ? 8.442   -10.204 -3.887  1.00 10.42 ? 236  ASP A C   1 
ATOM   326 O O   . ASP A 1 236 ? 7.464   -10.410 -3.138  1.00 10.79 ? 236  ASP A O   1 
ATOM   327 C CB  . ASP A 1 236 ? 9.474   -11.788 -5.593  1.00 10.32 ? 236  ASP A CB  1 
ATOM   328 C CG  . ASP A 1 236 ? 9.286   -12.536 -6.943  1.00 10.10 ? 236  ASP A CG  1 
ATOM   329 O OD1 . ASP A 1 236 ? 8.263   -12.345 -7.642  1.00 7.16  ? 236  ASP A OD1 1 
ATOM   330 O OD2 . ASP A 1 236 ? 10.191  -13.333 -7.323  1.00 13.46 ? 236  ASP A OD2 1 
ATOM   331 N N   . ASP A 1 237 ? 9.530   -9.526  -3.496  1.00 9.99  ? 237  ASP A N   1 
ATOM   332 C CA  . ASP A 1 237 ? 9.687   -9.004  -2.136  1.00 9.28  ? 237  ASP A CA  1 
ATOM   333 C C   . ASP A 1 237 ? 8.563   -8.072  -1.745  1.00 9.55  ? 237  ASP A C   1 
ATOM   334 O O   . ASP A 1 237 ? 8.087   -8.123  -0.610  1.00 9.68  ? 237  ASP A O   1 
ATOM   335 C CB  . ASP A 1 237 ? 11.014  -8.285  -1.990  1.00 8.79  ? 237  ASP A CB  1 
ATOM   336 C CG  . ASP A 1 237 ? 12.178  -9.214  -2.175  1.00 7.95  ? 237  ASP A CG  1 
ATOM   337 O OD1 . ASP A 1 237 ? 11.969  -10.436 -2.055  1.00 3.29  ? 237  ASP A OD1 1 
ATOM   338 O OD2 . ASP A 1 237 ? 13.287  -8.727  -2.436  1.00 7.30  ? 237  ASP A OD2 1 
ATOM   339 N N   . ILE A 1 238 ? 8.146   -7.229  -2.688  1.00 9.81  ? 238  ILE A N   1 
ATOM   340 C CA  . ILE A 1 238 ? 7.014   -6.322  -2.475  1.00 10.67 ? 238  ILE A CA  1 
ATOM   341 C C   . ILE A 1 238 ? 5.698   -7.079  -2.277  1.00 11.11 ? 238  ILE A C   1 
ATOM   342 O O   . ILE A 1 238 ? 4.881   -6.700  -1.432  1.00 11.39 ? 238  ILE A O   1 
ATOM   343 C CB  . ILE A 1 238 ? 6.888   -5.251  -3.617  1.00 10.83 ? 238  ILE A CB  1 
ATOM   344 C CG1 . ILE A 1 238 ? 8.062   -4.264  -3.561  1.00 11.14 ? 238  ILE A CG1 1 
ATOM   345 C CG2 . ILE A 1 238 ? 5.564   -4.493  -3.511  1.00 9.96  ? 238  ILE A CG2 1 
ATOM   346 C CD1 . ILE A 1 238 ? 8.219   -3.384  -4.796  1.00 12.06 ? 238  ILE A CD1 1 
ATOM   347 N N   . VAL A 1 239 ? 5.476   -8.138  -3.056  1.00 11.30 ? 239  VAL A N   1 
ATOM   348 C CA  . VAL A 1 239 ? 4.228   -8.920  -2.926  1.00 11.70 ? 239  VAL A CA  1 
ATOM   349 C C   . VAL A 1 239 ? 4.205   -9.638  -1.572  1.00 11.61 ? 239  VAL A C   1 
ATOM   350 O O   . VAL A 1 239 ? 3.215   -9.575  -0.836  1.00 11.09 ? 239  VAL A O   1 
ATOM   351 C CB  . VAL A 1 239 ? 4.060   -9.948  -4.082  1.00 12.06 ? 239  VAL A CB  1 
ATOM   352 C CG1 . VAL A 1 239 ? 2.867   -10.880 -3.834  1.00 11.97 ? 239  VAL A CG1 1 
ATOM   353 C CG2 . VAL A 1 239 ? 3.949   -9.237  -5.440  1.00 13.03 ? 239  VAL A CG2 1 
ATOM   354 N N   . LYS A 1 240 ? 5.316   -10.292 -1.250  1.00 11.66 ? 240  LYS A N   1 
ATOM   355 C CA  . LYS A 1 240 ? 5.531   -10.939 0.037   1.00 12.47 ? 240  LYS A CA  1 
ATOM   356 C C   . LYS A 1 240 ? 5.194   -10.002 1.194   1.00 12.66 ? 240  LYS A C   1 
ATOM   357 O O   . LYS A 1 240 ? 4.429   -10.356 2.085   1.00 14.16 ? 240  LYS A O   1 
ATOM   358 C CB  . LYS A 1 240 ? 6.986   -11.402 0.123   1.00 12.31 ? 240  LYS A CB  1 
ATOM   359 C CG  . LYS A 1 240 ? 7.337   -12.185 1.369   1.00 15.01 ? 240  LYS A CG  1 
ATOM   360 C CD  . LYS A 1 240 ? 8.848   -12.124 1.635   1.00 19.01 ? 240  LYS A CD  1 
ATOM   361 C CE  . LYS A 1 240 ? 9.347   -13.357 2.380   1.00 20.38 ? 240  LYS A CE  1 
ATOM   362 N NZ  . LYS A 1 240 ? 10.804  -13.262 2.702   1.00 22.45 ? 240  LYS A NZ  1 
ATOM   363 N N   . ALA A 1 241 ? 5.736   -8.788  1.149   1.00 12.57 ? 241  ALA A N   1 
ATOM   364 C CA  . ALA A 1 241 ? 5.516   -7.794  2.179   1.00 12.15 ? 241  ALA A CA  1 
ATOM   365 C C   . ALA A 1 241 ? 4.069   -7.260  2.174   1.00 12.37 ? 241  ALA A C   1 
ATOM   366 O O   . ALA A 1 241 ? 3.526   -6.968  3.235   1.00 11.46 ? 241  ALA A O   1 
ATOM   367 C CB  . ALA A 1 241 ? 6.505   -6.674  2.036   1.00 12.18 ? 241  ALA A CB  1 
ATOM   368 N N   . ALA A 1 242 ? 3.457   -7.157  0.990   1.00 12.57 ? 242  ALA A N   1 
ATOM   369 C CA  . ALA A 1 242 ? 2.042   -6.743  0.858   1.00 13.09 ? 242  ALA A CA  1 
ATOM   370 C C   . ALA A 1 242 ? 1.044   -7.696  1.520   1.00 13.25 ? 242  ALA A C   1 
ATOM   371 O O   . ALA A 1 242 ? -0.052  -7.267  1.949   1.00 13.63 ? 242  ALA A O   1 
ATOM   372 C CB  . ALA A 1 242 ? 1.674   -6.577  -0.613  1.00 12.92 ? 242  ALA A CB  1 
ATOM   373 N N   . MET A 1 243 ? 1.391   -8.983  1.550   1.00 13.49 ? 243  MET A N   1 
ATOM   374 C CA  . MET A 1 243 ? 0.581   -10.012 2.232   1.00 14.15 ? 243  MET A CA  1 
ATOM   375 C C   . MET A 1 243 ? 0.368   -9.762  3.742   1.00 13.63 ? 243  MET A C   1 
ATOM   376 O O   . MET A 1 243 ? -0.630  -10.200 4.311   1.00 13.80 ? 243  MET A O   1 
ATOM   377 C CB  . MET A 1 243 ? 1.148   -11.422 1.995   1.00 14.47 ? 243  MET A CB  1 
ATOM   378 C CG  . MET A 1 243 ? 1.202   -11.869 0.523   1.00 15.90 ? 243  MET A CG  1 
ATOM   379 S SD  . MET A 1 243 ? -0.235  -11.373 -0.468  1.00 19.43 ? 243  MET A SD  1 
ATOM   380 C CE  . MET A 1 243 ? -1.548  -12.295 0.301   1.00 13.97 ? 243  MET A CE  1 
ATOM   381 N N   . ASN A 1 244 ? 1.297   -9.051  4.377   1.00 12.94 ? 244  ASN A N   1 
ATOM   382 C CA  . ASN A 1 244 ? 1.156   -8.669  5.785   1.00 11.86 ? 244  ASN A CA  1 
ATOM   383 C C   . ASN A 1 244 ? 0.024   -7.676  6.087   1.00 11.64 ? 244  ASN A C   1 
ATOM   384 O O   . ASN A 1 244 ? -0.379  -7.533  7.244   1.00 11.29 ? 244  ASN A O   1 
ATOM   385 C CB  . ASN A 1 244 ? 2.464   -8.067  6.297   1.00 11.45 ? 244  ASN A CB  1 
ATOM   386 C CG  . ASN A 1 244 ? 3.633   -9.018  6.186   1.00 10.98 ? 244  ASN A CG  1 
ATOM   387 O OD1 . ASN A 1 244 ? 3.489   -10.236 6.326   1.00 9.14  ? 244  ASN A OD1 1 
ATOM   388 N ND2 . ASN A 1 244 ? 4.811   -8.459  5.969   1.00 9.83  ? 244  ASN A ND2 1 
ATOM   389 N N   . VAL A 1 245 ? -0.443  -6.965  5.064   1.00 12.12 ? 245  VAL A N   1 
ATOM   390 C CA  . VAL A 1 245 ? -1.476  -5.934  5.218   1.00 12.53 ? 245  VAL A CA  1 
ATOM   391 C C   . VAL A 1 245 ? -2.839  -6.626  5.339   1.00 12.78 ? 245  VAL A C   1 
ATOM   392 O O   . VAL A 1 245 ? -3.224  -7.377  4.448   1.00 13.19 ? 245  VAL A O   1 
ATOM   393 C CB  . VAL A 1 245 ? -1.490  -4.940  3.995   1.00 13.03 ? 245  VAL A CB  1 
ATOM   394 C CG1 . VAL A 1 245 ? -2.583  -3.880  4.123   1.00 13.15 ? 245  VAL A CG1 1 
ATOM   395 C CG2 . VAL A 1 245 ? -0.129  -4.261  3.794   1.00 12.33 ? 245  VAL A CG2 1 
ATOM   396 N N   . PRO A 1 246 ? -3.576  -6.361  6.436   1.00 12.56 ? 246  PRO A N   1 
ATOM   397 C CA  . PRO A 1 246 ? -4.906  -6.931  6.681   1.00 12.36 ? 246  PRO A CA  1 
ATOM   398 C C   . PRO A 1 246 ? -5.885  -6.666  5.542   1.00 12.35 ? 246  PRO A C   1 
ATOM   399 O O   . PRO A 1 246 ? -5.964  -5.540  5.048   1.00 11.88 ? 246  PRO A O   1 
ATOM   400 C CB  . PRO A 1 246 ? -5.390  -6.187  7.928   1.00 11.98 ? 246  PRO A CB  1 
ATOM   401 C CG  . PRO A 1 246 ? -4.188  -5.716  8.589   1.00 11.75 ? 246  PRO A CG  1 
ATOM   402 C CD  . PRO A 1 246 ? -3.183  -5.428  7.506   1.00 12.59 ? 246  PRO A CD  1 
ATOM   403 N N   . GLY A 1 247 ? -6.620  -7.698  5.133   1.00 11.87 ? 247  GLY A N   1 
ATOM   404 C CA  . GLY A 1 247 ? -7.558  -7.577  4.026   1.00 11.90 ? 247  GLY A CA  1 
ATOM   405 C C   . GLY A 1 247 ? -7.041  -7.811  2.619   1.00 12.84 ? 247  GLY A C   1 
ATOM   406 O O   . GLY A 1 247 ? -7.844  -8.047  1.712   1.00 13.81 ? 247  GLY A O   1 
ATOM   407 N N   . VAL A 1 248 ? -5.722  -7.760  2.423   1.00 11.85 ? 248  VAL A N   1 
ATOM   408 C CA  . VAL A 1 248 ? -5.118  -7.940  1.092   1.00 12.20 ? 248  VAL A CA  1 
ATOM   409 C C   . VAL A 1 248 ? -5.340  -9.341  0.479   1.00 12.11 ? 248  VAL A C   1 
ATOM   410 O O   . VAL A 1 248 ? -5.595  -9.481  -0.729  1.00 12.41 ? 248  VAL A O   1 
ATOM   411 C CB  . VAL A 1 248 ? -3.602  -7.578  1.094   1.00 11.64 ? 248  VAL A CB  1 
ATOM   412 C CG1 . VAL A 1 248 ? -2.925  -7.971  -0.219  1.00 11.95 ? 248  VAL A CG1 1 
ATOM   413 C CG2 . VAL A 1 248 ? -3.437  -6.088  1.288   1.00 12.62 ? 248  VAL A CG2 1 
ATOM   414 N N   . GLU A 1 249 ? -5.238  -10.376 1.302   1.00 11.59 ? 249  GLU A N   1 
ATOM   415 C CA  . GLU A 1 249 ? -5.554  -11.724 0.862   1.00 10.96 ? 249  GLU A CA  1 
ATOM   416 C C   . GLU A 1 249 ? -7.011  -11.872 0.409   1.00 10.24 ? 249  GLU A C   1 
ATOM   417 O O   . GLU A 1 249 ? -7.289  -12.467 -0.636  1.00 9.17  ? 249  GLU A O   1 
ATOM   418 C CB  . GLU A 1 249 ? -5.314  -12.678 2.013   1.00 11.29 ? 249  GLU A CB  1 
ATOM   419 C CG  . GLU A 1 249 ? -5.414  -14.144 1.653   1.00 13.36 ? 249  GLU A CG  1 
ATOM   420 C CD  . GLU A 1 249 ? -4.894  -15.026 2.775   1.00 16.61 ? 249  GLU A CD  1 
ATOM   421 O OE1 . GLU A 1 249 ? -4.232  -14.496 3.703   1.00 17.80 ? 249  GLU A OE1 1 
ATOM   422 O OE2 . GLU A 1 249 ? -5.132  -16.247 2.720   1.00 18.89 ? 249  GLU A OE2 1 
ATOM   423 N N   . ARG A 1 250 ? -7.934  -11.355 1.225   1.00 9.88  ? 250  ARG A N   1 
ATOM   424 C CA  . ARG A 1 250 ? -9.356  -11.498 0.974   1.00 9.68  ? 250  ARG A CA  1 
ATOM   425 C C   . ARG A 1 250 ? -9.766  -10.798 -0.321  1.00 9.82  ? 250  ARG A C   1 
ATOM   426 O O   . ARG A 1 250 ? -10.470 -11.378 -1.161  1.00 10.10 ? 250  ARG A O   1 
ATOM   427 C CB  . ARG A 1 250 ? -10.161 -10.949 2.163   1.00 9.44  ? 250  ARG A CB  1 
ATOM   428 C CG  . ARG A 1 250 ? -11.619 -11.383 2.181   1.00 9.84  ? 250  ARG A CG  1 
ATOM   429 C CD  . ARG A 1 250 ? -12.353 -10.706 3.349   1.00 9.06  ? 250  ARG A CD  1 
ATOM   430 N NE  . ARG A 1 250 ? -13.789 -10.962 3.320   1.00 10.60 ? 250  ARG A NE  1 
ATOM   431 C CZ  . ARG A 1 250 ? -14.690 -10.313 4.062   1.00 10.06 ? 250  ARG A CZ  1 
ATOM   432 N NH1 . ARG A 1 250 ? -14.321 -9.358  4.917   1.00 7.24  ? 250  ARG A NH1 1 
ATOM   433 N NH2 . ARG A 1 250 ? -15.979 -10.619 3.937   1.00 11.99 ? 250  ARG A NH2 1 
ATOM   434 N N   . ILE A 1 251 ? -9.341  -9.546  -0.464  1.00 9.83  ? 251  ILE A N   1 
ATOM   435 C CA  . ILE A 1 251 ? -9.640  -8.747  -1.653  1.00 9.83  ? 251  ILE A CA  1 
ATOM   436 C C   . ILE A 1 251 ? -9.055  -9.353  -2.945  1.00 10.99 ? 251  ILE A C   1 
ATOM   437 O O   . ILE A 1 251 ? -9.774  -9.476  -3.951  1.00 10.97 ? 251  ILE A O   1 
ATOM   438 C CB  . ILE A 1 251 ? -9.180  -7.290  -1.491  1.00 9.80  ? 251  ILE A CB  1 
ATOM   439 C CG1 . ILE A 1 251 ? -9.918  -6.626  -0.317  1.00 10.38 ? 251  ILE A CG1 1 
ATOM   440 C CG2 . ILE A 1 251 ? -9.438  -6.512  -2.785  1.00 9.46  ? 251  ILE A CG2 1 
ATOM   441 C CD1 . ILE A 1 251 ? -9.397  -5.225  0.045   1.00 10.64 ? 251  ILE A CD1 1 
ATOM   442 N N   . ALA A 1 252 ? -7.769  -9.725  -2.913  1.00 10.28 ? 252  ALA A N   1 
ATOM   443 C CA  . ALA A 1 252 ? -7.102  -10.312 -4.079  1.00 11.60 ? 252  ALA A CA  1 
ATOM   444 C C   . ALA A 1 252 ? -7.727  -11.635 -4.533  1.00 12.25 ? 252  ALA A C   1 
ATOM   445 O O   . ALA A 1 252 ? -7.831  -11.896 -5.733  1.00 12.98 ? 252  ALA A O   1 
ATOM   446 C CB  . ALA A 1 252 ? -5.646  -10.508 -3.799  1.00 11.05 ? 252  ALA A CB  1 
ATOM   447 N N   . GLU A 1 253 ? -8.132  -12.461 -3.573  1.00 12.51 ? 253  GLU A N   1 
ATOM   448 C CA  . GLU A 1 253 ? -8.801  -13.711 -3.870  1.00 13.21 ? 253  GLU A CA  1 
ATOM   449 C C   . GLU A 1 253 ? -10.096 -13.498 -4.661  1.00 13.33 ? 253  GLU A C   1 
ATOM   450 O O   . GLU A 1 253 ? -10.476 -14.343 -5.465  1.00 13.26 ? 253  GLU A O   1 
ATOM   451 C CB  . GLU A 1 253 ? -9.079  -14.481 -2.576  1.00 13.38 ? 253  GLU A CB  1 
ATOM   452 C CG  . GLU A 1 253 ? -9.883  -15.758 -2.766  1.00 14.49 ? 253  GLU A CG  1 
ATOM   453 C CD  . GLU A 1 253 ? -10.173 -16.478 -1.467  1.00 16.42 ? 253  GLU A CD  1 
ATOM   454 O OE1 . GLU A 1 253 ? -10.131 -15.835 -0.389  1.00 16.97 ? 253  GLU A OE1 1 
ATOM   455 O OE2 . GLU A 1 253 ? -10.454 -17.696 -1.533  1.00 17.95 ? 253  GLU A OE2 1 
ATOM   456 N N   . LYS A 1 254 ? -10.754 -12.364 -4.440  1.00 13.46 ? 254  LYS A N   1 
ATOM   457 C CA  . LYS A 1 254 ? -11.992 -12.028 -5.149  1.00 13.88 ? 254  LYS A CA  1 
ATOM   458 C C   . LYS A 1 254 ? -11.756 -11.283 -6.463  1.00 14.17 ? 254  LYS A C   1 
ATOM   459 O O   . LYS A 1 254 ? -12.710 -11.009 -7.198  1.00 14.37 ? 254  LYS A O   1 
ATOM   460 C CB  . LYS A 1 254 ? -12.884 -11.161 -4.263  1.00 13.84 ? 254  LYS A CB  1 
ATOM   461 C CG  . LYS A 1 254 ? -13.320 -11.819 -2.979  1.00 14.45 ? 254  LYS A CG  1 
ATOM   462 C CD  . LYS A 1 254 ? -14.017 -10.802 -2.086  1.00 15.46 ? 254  LYS A CD  1 
ATOM   463 C CE  . LYS A 1 254 ? -14.305 -11.382 -0.716  1.00 15.51 ? 254  LYS A CE  1 
ATOM   464 N NZ  . LYS A 1 254 ? -15.444 -12.353 -0.735  1.00 16.08 ? 254  LYS A NZ  1 
ATOM   465 N N   . GLY A 1 255 ? -10.500 -10.940 -6.745  1.00 14.15 ? 255  GLY A N   1 
ATOM   466 C CA  . GLY A 1 255 ? -10.163 -10.082 -7.878  1.00 14.21 ? 255  GLY A CA  1 
ATOM   467 C C   . GLY A 1 255 ? -10.624 -8.634  -7.708  1.00 14.25 ? 255  GLY A C   1 
ATOM   468 O O   . GLY A 1 255 ? -10.801 -7.916  -8.696  1.00 14.35 ? 255  GLY A O   1 
ATOM   469 N N   . GLY A 1 256 ? -10.827 -8.205  -6.461  1.00 13.29 ? 256  GLY A N   1 
ATOM   470 C CA  . GLY A 1 256 ? -11.188 -6.822  -6.177  1.00 12.55 ? 256  GLY A CA  1 
ATOM   471 C C   . GLY A 1 256 ? -10.016 -5.858  -6.258  1.00 12.04 ? 256  GLY A C   1 
ATOM   472 O O   . GLY A 1 256 ? -8.866  -6.274  -6.328  1.00 11.93 ? 256  GLY A O   1 
ATOM   473 N N   . LYS A 1 257 ? -10.314 -4.562  -6.242  1.00 12.00 ? 257  LYS A N   1 
ATOM   474 C CA  . LYS A 1 257 ? -9.278  -3.538  -6.264  1.00 12.04 ? 257  LYS A CA  1 
ATOM   475 C C   . LYS A 1 257 ? -8.576  -3.447  -4.915  1.00 11.89 ? 257  LYS A C   1 
ATOM   476 O O   . LYS A 1 257 ? -9.216  -3.188  -3.887  1.00 11.57 ? 257  LYS A O   1 
ATOM   477 C CB  . LYS A 1 257 ? -9.848  -2.177  -6.684  1.00 12.28 ? 257  LYS A CB  1 
ATOM   478 C CG  . LYS A 1 257 ? -9.571  -1.867  -8.147  1.00 14.20 ? 257  LYS A CG  1 
ATOM   479 C CD  . LYS A 1 257 ? -10.626 -0.981  -8.790  1.00 16.48 ? 257  LYS A CD  1 
ATOM   480 C CE  . LYS A 1 257 ? -10.529 -1.083  -10.315 1.00 17.45 ? 257  LYS A CE  1 
ATOM   481 N NZ  . LYS A 1 257 ? -11.558 -0.243  -11.005 1.00 19.68 ? 257  LYS A NZ  1 
ATOM   482 N N   . LEU A 1 258 ? -7.265  -3.655  -4.945  1.00 10.32 ? 258  LEU A N   1 
ATOM   483 C CA  . LEU A 1 258 ? -6.428  -3.618  -3.762  1.00 11.39 ? 258  LEU A CA  1 
ATOM   484 C C   . LEU A 1 258 ? -6.119  -2.193  -3.290  1.00 11.06 ? 258  LEU A C   1 
ATOM   485 O O   . LEU A 1 258 ? -6.010  -1.286  -4.101  1.00 11.48 ? 258  LEU A O   1 
ATOM   486 C CB  . LEU A 1 258 ? -5.110  -4.325  -4.051  1.00 10.76 ? 258  LEU A CB  1 
ATOM   487 C CG  . LEU A 1 258 ? -5.083  -5.839  -4.230  1.00 10.86 ? 258  LEU A CG  1 
ATOM   488 C CD1 . LEU A 1 258 ? -3.669  -6.260  -4.659  1.00 11.35 ? 258  LEU A CD1 1 
ATOM   489 C CD2 . LEU A 1 258 ? -5.519  -6.568  -2.943  1.00 13.24 ? 258  LEU A CD2 1 
ATOM   490 N N   . PRO A 1 259 ? -5.954  -2.003  -1.977  1.00 11.16 ? 259  PRO A N   1 
ATOM   491 C CA  . PRO A 1 259 ? -5.556  -0.688  -1.462  1.00 11.25 ? 259  PRO A CA  1 
ATOM   492 C C   . PRO A 1 259 ? -4.064  -0.413  -1.666  1.00 12.35 ? 259  PRO A C   1 
ATOM   493 O O   . PRO A 1 259 ? -3.282  -0.583  -0.726  1.00 13.69 ? 259  PRO A O   1 
ATOM   494 C CB  . PRO A 1 259 ? -5.894  -0.777  0.039   1.00 11.33 ? 259  PRO A CB  1 
ATOM   495 C CG  . PRO A 1 259 ? -5.973  -2.224  0.346   1.00 9.93  ? 259  PRO A CG  1 
ATOM   496 C CD  . PRO A 1 259 ? -6.338  -2.939  -0.904  1.00 11.10 ? 259  PRO A CD  1 
ATOM   497 N N   . LEU A 1 260 ? -3.670  -0.007  -2.874  1.00 12.38 ? 260  LEU A N   1 
ATOM   498 C CA  . LEU A 1 260 ? -2.246  0.085   -3.222  1.00 12.74 ? 260  LEU A CA  1 
ATOM   499 C C   . LEU A 1 260 ? -1.465  1.190   -2.524  1.00 13.17 ? 260  LEU A C   1 
ATOM   500 O O   . LEU A 1 260 ? -0.275  1.022   -2.250  1.00 13.57 ? 260  LEU A O   1 
ATOM   501 C CB  . LEU A 1 260 ? -2.038  0.181   -4.732  1.00 12.04 ? 260  LEU A CB  1 
ATOM   502 C CG  . LEU A 1 260 ? -2.693  -0.923  -5.573  1.00 11.91 ? 260  LEU A CG  1 
ATOM   503 C CD1 . LEU A 1 260 ? -2.683  -0.524  -7.036  1.00 11.73 ? 260  LEU A CD1 1 
ATOM   504 C CD2 . LEU A 1 260 ? -2.055  -2.273  -5.373  1.00 12.09 ? 260  LEU A CD2 1 
ATOM   505 N N   . ARG A 1 261 ? -2.120  2.318   -2.243  1.00 13.73 ? 261  ARG A N   1 
ATOM   506 C CA  . ARG A 1 261 ? -1.489  3.379   -1.474  1.00 13.04 ? 261  ARG A CA  1 
ATOM   507 C C   . ARG A 1 261 ? -1.229  2.915   -0.047  1.00 12.61 ? 261  ARG A C   1 
ATOM   508 O O   . ARG A 1 261 ? -0.163  3.173   0.519   1.00 11.88 ? 261  ARG A O   1 
ATOM   509 C CB  . ARG A 1 261 ? -2.352  4.637   -1.480  1.00 13.28 ? 261  ARG A CB  1 
ATOM   510 C CG  . ARG A 1 261 ? -1.634  5.898   -0.934  1.00 14.00 ? 261  ARG A CG  1 
ATOM   511 C CD  . ARG A 1 261 ? -1.838  6.091   0.563   1.00 11.98 ? 261  ARG A CD  1 
ATOM   512 N NE  . ARG A 1 261 ? -3.252  6.294   0.880   1.00 11.19 ? 261  ARG A NE  1 
ATOM   513 C CZ  . ARG A 1 261 ? -3.856  7.480   0.901   1.00 10.92 ? 261  ARG A CZ  1 
ATOM   514 N NH1 . ARG A 1 261 ? -3.167  8.578   0.615   1.00 12.47 ? 261  ARG A NH1 1 
ATOM   515 N NH2 . ARG A 1 261 ? -5.152  7.574   1.207   1.00 7.68  ? 261  ARG A NH2 1 
ATOM   516 N N   . CYS A 1 262 ? -2.218  2.239   0.528   1.00 13.11 ? 262  CYS A N   1 
ATOM   517 C CA  . CYS A 1 262 ? -2.105  1.643   1.858   1.00 12.94 ? 262  CYS A CA  1 
ATOM   518 C C   . CYS A 1 262 ? -1.005  0.589   1.890   1.00 12.71 ? 262  CYS A C   1 
ATOM   519 O O   . CYS A 1 262 ? -0.188  0.559   2.819   1.00 13.11 ? 262  CYS A O   1 
ATOM   520 C CB  . CYS A 1 262 ? -3.441  1.006   2.264   1.00 13.08 ? 262  CYS A CB  1 
ATOM   521 S SG  . CYS A 1 262 ? -3.382  -0.050  3.754   1.00 12.64 ? 262  CYS A SG  1 
ATOM   522 N N   . ILE A 1 263 ? -0.993  -0.273  0.875   1.00 12.73 ? 263  ILE A N   1 
ATOM   523 C CA  . ILE A 1 263 ? 0.021   -1.310  0.763   1.00 11.89 ? 263  ILE A CA  1 
ATOM   524 C C   . ILE A 1 263 ? 1.410   -0.706  0.683   1.00 12.41 ? 263  ILE A C   1 
ATOM   525 O O   . ILE A 1 263 ? 2.295   -1.076  1.450   1.00 13.52 ? 263  ILE A O   1 
ATOM   526 C CB  . ILE A 1 263 ? -0.225  -2.219  -0.452  1.00 11.90 ? 263  ILE A CB  1 
ATOM   527 C CG1 . ILE A 1 263 ? -1.349  -3.215  -0.157  1.00 10.42 ? 263  ILE A CG1 1 
ATOM   528 C CG2 . ILE A 1 263 ? 1.032   -3.020  -0.813  1.00 9.76  ? 263  ILE A CG2 1 
ATOM   529 C CD1 . ILE A 1 263 ? -1.887  -3.909  -1.409  1.00 7.76  ? 263  ILE A CD1 1 
ATOM   530 N N   . LEU A 1 264 ? 1.607   0.202   -0.269  1.00 12.58 ? 264  LEU A N   1 
ATOM   531 C CA  . LEU A 1 264 ? 2.882   0.878   -0.455  1.00 11.39 ? 264  LEU A CA  1 
ATOM   532 C C   . LEU A 1 264 ? 3.306   1.621   0.809   1.00 11.27 ? 264  LEU A C   1 
ATOM   533 O O   . LEU A 1 264 ? 4.463   1.582   1.176   1.00 10.56 ? 264  LEU A O   1 
ATOM   534 C CB  . LEU A 1 264 ? 2.807   1.844   -1.655  1.00 10.75 ? 264  LEU A CB  1 
ATOM   535 C CG  . LEU A 1 264 ? 3.892   2.883   -1.925  1.00 8.73  ? 264  LEU A CG  1 
ATOM   536 C CD1 . LEU A 1 264 ? 5.229   2.209   -2.303  1.00 7.86  ? 264  LEU A CD1 1 
ATOM   537 C CD2 . LEU A 1 264 ? 3.444   3.779   -3.043  1.00 7.23  ? 264  LEU A CD2 1 
ATOM   538 N N   . GLY A 1 265 ? 2.373   2.327   1.449   1.00 11.14 ? 265  GLY A N   1 
ATOM   539 C CA  . GLY A 1 265 ? 2.652   2.932   2.745   1.00 11.29 ? 265  GLY A CA  1 
ATOM   540 C C   . GLY A 1 265 ? 3.261   1.948   3.751   1.00 11.91 ? 265  GLY A C   1 
ATOM   541 O O   . GLY A 1 265 ? 4.287   2.241   4.363   1.00 11.00 ? 265  GLY A O   1 
ATOM   542 N N   . PHE A 1 266 ? 2.616   0.784   3.914   1.00 12.51 ? 266  PHE A N   1 
ATOM   543 C CA  . PHE A 1 266 ? 3.018   -0.210  4.908   1.00 12.96 ? 266  PHE A CA  1 
ATOM   544 C C   . PHE A 1 266 ? 4.385   -0.757  4.604   1.00 12.60 ? 266  PHE A C   1 
ATOM   545 O O   . PHE A 1 266 ? 5.232   -0.837  5.487   1.00 12.58 ? 266  PHE A O   1 
ATOM   546 C CB  . PHE A 1 266 ? 2.021   -1.376  4.990   1.00 13.62 ? 266  PHE A CB  1 
ATOM   547 C CG  . PHE A 1 266 ? 2.466   -2.491  5.924   1.00 14.03 ? 266  PHE A CG  1 
ATOM   548 C CD1 . PHE A 1 266 ? 2.028   -2.520  7.250   1.00 15.80 ? 266  PHE A CD1 1 
ATOM   549 C CD2 . PHE A 1 266 ? 3.328   -3.495  5.477   1.00 14.07 ? 266  PHE A CD2 1 
ATOM   550 C CE1 . PHE A 1 266 ? 2.448   -3.536  8.117   1.00 14.89 ? 266  PHE A CE1 1 
ATOM   551 C CE2 . PHE A 1 266 ? 3.757   -4.499  6.322   1.00 13.45 ? 266  PHE A CE2 1 
ATOM   552 C CZ  . PHE A 1 266 ? 3.322   -4.528  7.645   1.00 15.30 ? 266  PHE A CZ  1 
ATOM   553 N N   . VAL A 1 267 ? 4.575   -1.161  3.352   1.00 12.65 ? 267  VAL A N   1 
ATOM   554 C CA  . VAL A 1 267 ? 5.839   -1.691  2.886   1.00 12.37 ? 267  VAL A CA  1 
ATOM   555 C C   . VAL A 1 267 ? 6.948   -0.635  3.012   1.00 13.12 ? 267  VAL A C   1 
ATOM   556 O O   . VAL A 1 267 ? 8.078   -0.969  3.389   1.00 13.21 ? 267  VAL A O   1 
ATOM   557 C CB  . VAL A 1 267 ? 5.709   -2.202  1.425   1.00 12.46 ? 267  VAL A CB  1 
ATOM   558 C CG1 . VAL A 1 267 ? 7.002   -2.863  0.923   1.00 11.99 ? 267  VAL A CG1 1 
ATOM   559 C CG2 . VAL A 1 267 ? 4.531   -3.190  1.308   1.00 11.62 ? 267  VAL A CG2 1 
ATOM   560 N N   . ALA A 1 268 ? 6.634   0.628   2.710   1.00 12.39 ? 268  ALA A N   1 
ATOM   561 C CA  . ALA A 1 268 ? 7.655   1.665   2.770   1.00 12.53 ? 268  ALA A CA  1 
ATOM   562 C C   . ALA A 1 268 ? 8.122   1.905   4.198   1.00 12.39 ? 268  ALA A C   1 
ATOM   563 O O   . ALA A 1 268 ? 9.325   1.981   4.454   1.00 12.13 ? 268  ALA A O   1 
ATOM   564 C CB  . ALA A 1 268 ? 7.181   2.955   2.141   1.00 11.68 ? 268  ALA A CB  1 
ATOM   565 N N   . LEU A 1 269 ? 7.162   2.009   5.121   1.00 12.40 ? 269  LEU A N   1 
ATOM   566 C CA  . LEU A 1 269 ? 7.475   2.106   6.553   1.00 12.51 ? 269  LEU A CA  1 
ATOM   567 C C   . LEU A 1 269 ? 8.337   0.939   7.027   1.00 12.73 ? 269  LEU A C   1 
ATOM   568 O O   . LEU A 1 269 ? 9.262   1.127   7.814   1.00 12.66 ? 269  LEU A O   1 
ATOM   569 C CB  . LEU A 1 269 ? 6.208   2.184   7.391   1.00 11.35 ? 269  LEU A CB  1 
ATOM   570 C CG  . LEU A 1 269 ? 5.364   3.471   7.367   1.00 11.94 ? 269  LEU A CG  1 
ATOM   571 C CD1 . LEU A 1 269 ? 4.225   3.343   8.379   1.00 10.89 ? 269  LEU A CD1 1 
ATOM   572 C CD2 . LEU A 1 269 ? 6.170   4.753   7.659   1.00 8.90  ? 269  LEU A CD2 1 
ATOM   573 N N   . ASP A 1 270 ? 8.040   -0.256  6.525   1.00 12.96 ? 270  ASP A N   1 
ATOM   574 C CA  . ASP A 1 270 ? 8.734   -1.472  6.949   1.00 13.21 ? 270  ASP A CA  1 
ATOM   575 C C   . ASP A 1 270 ? 10.141  -1.643  6.341   1.00 12.79 ? 270  ASP A C   1 
ATOM   576 O O   . ASP A 1 270 ? 10.968  -2.348  6.918   1.00 12.90 ? 270  ASP A O   1 
ATOM   577 C CB  . ASP A 1 270 ? 7.879   -2.703  6.622   1.00 13.28 ? 270  ASP A CB  1 
ATOM   578 C CG  . ASP A 1 270 ? 8.087   -3.839  7.610   1.00 15.84 ? 270  ASP A CG  1 
ATOM   579 O OD1 . ASP A 1 270 ? 7.923   -3.603  8.839   1.00 16.41 ? 270  ASP A OD1 1 
ATOM   580 O OD2 . ASP A 1 270 ? 8.418   -4.970  7.167   1.00 16.94 ? 270  ASP A OD2 1 
ATOM   581 N N   . SER A 1 271 ? 10.414  -1.014  5.194   1.00 11.98 ? 271  SER A N   1 
ATOM   582 C CA  . SER A 1 271 ? 11.635  -1.328  4.433   1.00 11.98 ? 271  SER A CA  1 
ATOM   583 C C   . SER A 1 271 ? 12.457  -0.142  3.942   1.00 11.10 ? 271  SER A C   1 
ATOM   584 O O   . SER A 1 271 ? 13.582  -0.341  3.460   1.00 11.04 ? 271  SER A O   1 
ATOM   585 C CB  . SER A 1 271 ? 11.306  -2.187  3.196   1.00 12.30 ? 271  SER A CB  1 
ATOM   586 O OG  . SER A 1 271 ? 9.979   -2.675  3.212   1.00 14.21 ? 271  SER A OG  1 
ATOM   587 N N   . SER A 1 272 ? 11.899  1.068   4.021   1.00 9.76  ? 272  SER A N   1 
ATOM   588 C CA  . SER A 1 272 ? 12.527  2.240   3.380   1.00 8.59  ? 272  SER A CA  1 
ATOM   589 C C   . SER A 1 272 ? 12.935  3.387   4.312   1.00 8.09  ? 272  SER A C   1 
ATOM   590 O O   . SER A 1 272 ? 12.095  4.135   4.803   1.00 7.84  ? 272  SER A O   1 
ATOM   591 C CB  . SER A 1 272 ? 11.635  2.768   2.253   1.00 8.39  ? 272  SER A CB  1 
ATOM   592 O OG  . SER A 1 272 ? 12.237  3.837   1.555   1.00 5.39  ? 272  SER A OG  1 
ATOM   593 N N   . LYS A 1 273 ? 14.245  3.520   4.507   1.00 8.13  ? 273  LYS A N   1 
ATOM   594 C CA  . LYS A 1 273 ? 14.841  4.626   5.242   1.00 8.13  ? 273  LYS A CA  1 
ATOM   595 C C   . LYS A 1 273 ? 14.441  5.999   4.647   1.00 8.34  ? 273  LYS A C   1 
ATOM   596 O O   . LYS A 1 273 ? 14.012  6.900   5.380   1.00 8.94  ? 273  LYS A O   1 
ATOM   597 C CB  . LYS A 1 273 ? 16.374  4.454   5.331   1.00 8.63  ? 273  LYS A CB  1 
ATOM   598 C CG  . LYS A 1 273 ? 16.837  3.304   6.255   1.00 7.73  ? 273  LYS A CG  1 
ATOM   599 C CD  . LYS A 1 273 ? 18.344  3.336   6.463   1.00 10.05 ? 273  LYS A CD  1 
ATOM   600 C CE  . LYS A 1 273 ? 18.818  2.373   7.546   1.00 9.44  ? 273  LYS A CE  1 
ATOM   601 N NZ  . LYS A 1 273 ? 18.659  0.959   7.116   1.00 8.66  ? 273  LYS A NZ  1 
ATOM   602 N N   . ARG A 1 274 ? 14.538  6.133   3.327   1.00 8.01  ? 274  ARG A N   1 
ATOM   603 C CA  . ARG A 1 274 ? 14.180  7.367   2.627   1.00 7.88  ? 274  ARG A CA  1 
ATOM   604 C C   . ARG A 1 274 ? 12.733  7.776   2.885   1.00 8.13  ? 274  ARG A C   1 
ATOM   605 O O   . ARG A 1 274 ? 12.476  8.884   3.319   1.00 7.49  ? 274  ARG A O   1 
ATOM   606 C CB  . ARG A 1 274 ? 14.419  7.229   1.124   1.00 8.10  ? 274  ARG A CB  1 
ATOM   607 C CG  . ARG A 1 274 ? 13.870  8.383   0.296   1.00 9.67  ? 274  ARG A CG  1 
ATOM   608 C CD  . ARG A 1 274 ? 14.874  8.772   -0.761  1.00 14.13 ? 274  ARG A CD  1 
ATOM   609 N NE  . ARG A 1 274 ? 14.420  8.473   -2.111  1.00 16.69 ? 274  ARG A NE  1 
ATOM   610 C CZ  . ARG A 1 274 ? 13.965  9.380   -2.969  1.00 18.62 ? 274  ARG A CZ  1 
ATOM   611 N NH1 . ARG A 1 274 ? 13.596  9.004   -4.182  1.00 18.88 ? 274  ARG A NH1 1 
ATOM   612 N NH2 . ARG A 1 274 ? 13.880  10.663  -2.623  1.00 20.97 ? 274  ARG A NH2 1 
ATOM   613 N N   . PHE A 1 275 ? 11.808  6.864   2.618   1.00 8.68  ? 275  PHE A N   1 
ATOM   614 C CA  . PHE A 1 275 ? 10.409  7.079   2.929   1.00 8.90  ? 275  PHE A CA  1 
ATOM   615 C C   . PHE A 1 275 ? 10.212  7.509   4.390   1.00 9.06  ? 275  PHE A C   1 
ATOM   616 O O   . PHE A 1 275 ? 9.474   8.450   4.657   1.00 9.13  ? 275  PHE A O   1 
ATOM   617 C CB  . PHE A 1 275 ? 9.585   5.826   2.628   1.00 9.13  ? 275  PHE A CB  1 
ATOM   618 C CG  . PHE A 1 275 ? 8.105   6.028   2.836   1.00 7.64  ? 275  PHE A CG  1 
ATOM   619 C CD1 . PHE A 1 275 ? 7.283   6.350   1.759   1.00 9.73  ? 275  PHE A CD1 1 
ATOM   620 C CD2 . PHE A 1 275 ? 7.544   5.955   4.106   1.00 10.10 ? 275  PHE A CD2 1 
ATOM   621 C CE1 . PHE A 1 275 ? 5.914   6.563   1.932   1.00 8.56  ? 275  PHE A CE1 1 
ATOM   622 C CE2 . PHE A 1 275 ? 6.175   6.174   4.294   1.00 8.59  ? 275  PHE A CE2 1 
ATOM   623 C CZ  . PHE A 1 275 ? 5.364   6.479   3.198   1.00 9.77  ? 275  PHE A CZ  1 
ATOM   624 N N   . ARG A 1 276 ? 10.850  6.795   5.318   1.00 9.10  ? 276  ARG A N   1 
ATOM   625 C CA  . ARG A 1 276 ? 10.822  7.133   6.746   1.00 9.61  ? 276  ARG A CA  1 
ATOM   626 C C   . ARG A 1 276 ? 11.389  8.511   7.059   1.00 9.75  ? 276  ARG A C   1 
ATOM   627 O O   . ARG A 1 276 ? 10.901  9.174   7.971   1.00 9.42  ? 276  ARG A O   1 
ATOM   628 C CB  . ARG A 1 276 ? 11.578  6.105   7.592   1.00 9.80  ? 276  ARG A CB  1 
ATOM   629 C CG  . ARG A 1 276 ? 10.873  4.791   7.858   1.00 12.32 ? 276  ARG A CG  1 
ATOM   630 C CD  . ARG A 1 276 ? 11.652  4.036   8.936   1.00 14.19 ? 276  ARG A CD  1 
ATOM   631 N NE  . ARG A 1 276 ? 12.071  2.715   8.470   1.00 19.27 ? 276  ARG A NE  1 
ATOM   632 C CZ  . ARG A 1 276 ? 13.336  2.292   8.398   1.00 19.98 ? 276  ARG A CZ  1 
ATOM   633 N NH1 . ARG A 1 276 ? 14.346  3.075   8.782   1.00 20.26 ? 276  ARG A NH1 1 
ATOM   634 N NH2 . ARG A 1 276 ? 13.590  1.068   7.957   1.00 20.73 ? 276  ARG A NH2 1 
ATOM   635 N N   . LEU A 1 277 ? 12.443  8.926   6.349   1.00 10.33 ? 277  LEU A N   1 
ATOM   636 C CA  . LEU A 1 277 ? 12.983  10.277  6.548   1.00 10.58 ? 277  LEU A CA  1 
ATOM   637 C C   . LEU A 1 277 ? 12.012  11.334  6.021   1.00 10.47 ? 277  LEU A C   1 
ATOM   638 O O   . LEU A 1 277 ? 11.803  12.358  6.681   1.00 10.46 ? 277  LEU A O   1 
ATOM   639 C CB  . LEU A 1 277 ? 14.380  10.449  5.931   1.00 11.54 ? 277  LEU A CB  1 
ATOM   640 C CG  . LEU A 1 277 ? 15.550  9.661   6.538   1.00 11.68 ? 277  LEU A CG  1 
ATOM   641 C CD1 . LEU A 1 277 ? 16.789  9.721   5.645   1.00 13.80 ? 277  LEU A CD1 1 
ATOM   642 C CD2 . LEU A 1 277 ? 15.879  10.171  7.942   1.00 14.69 ? 277  LEU A CD2 1 
ATOM   643 N N   . LEU A 1 278 ? 11.401  11.062  4.861   1.00 9.64  ? 278  LEU A N   1 
ATOM   644 C CA  . LEU A 1 278 ? 10.447  11.981  4.232   1.00 9.17  ? 278  LEU A CA  1 
ATOM   645 C C   . LEU A 1 278 ? 9.095   12.086  4.945   1.00 8.74  ? 278  LEU A C   1 
ATOM   646 O O   . LEU A 1 278 ? 8.487   13.154  4.919   1.00 8.41  ? 278  LEU A O   1 
ATOM   647 C CB  . LEU A 1 278 ? 10.207  11.613  2.753   1.00 9.31  ? 278  LEU A CB  1 
ATOM   648 C CG  . LEU A 1 278 ? 11.397  11.649  1.777   1.00 9.25  ? 278  LEU A CG  1 
ATOM   649 C CD1 . LEU A 1 278 ? 11.007  11.105  0.421   1.00 6.18  ? 278  LEU A CD1 1 
ATOM   650 C CD2 . LEU A 1 278 ? 11.972  13.084  1.651   1.00 12.02 ? 278  LEU A CD2 1 
ATOM   651 N N   . ALA A 1 279 ? 8.627   11.007  5.577   1.00 8.43  ? 279  ALA A N   1 
ATOM   652 C CA  . ALA A 1 279 ? 7.210   10.957  6.092   1.00 9.34  ? 279  ALA A CA  1 
ATOM   653 C C   . ALA A 1 279 ? 6.957   11.336  7.548   1.00 9.19  ? 279  ALA A C   1 
ATOM   654 O O   . ALA A 1 279 ? 7.835   11.229  8.385   1.00 9.98  ? 279  ALA A O   1 
ATOM   655 C CB  . ALA A 1 279 ? 6.613   9.566   5.845   1.00 8.83  ? 279  ALA A CB  1 
ATOM   656 N N   . ASP A 1 280 ? 5.722   11.733  7.849   1.00 9.84  ? 280  ASP A N   1 
ATOM   657 C CA  . ASP A 1 280 ? 5.213   11.667  9.214   1.00 10.07 ? 280  ASP A CA  1 
ATOM   658 C C   . ASP A 1 280 ? 4.811   10.220  9.492   1.00 10.91 ? 280  ASP A C   1 
ATOM   659 O O   . ASP A 1 280 ? 3.709   9.794   9.133   1.00 11.65 ? 280  ASP A O   1 
ATOM   660 C CB  . ASP A 1 280 ? 3.991   12.568  9.400   1.00 9.65  ? 280  ASP A CB  1 
ATOM   661 C CG  . ASP A 1 280 ? 3.686   12.824  10.875  1.00 8.43  ? 280  ASP A CG  1 
ATOM   662 O OD1 . ASP A 1 280 ? 3.465   11.871  11.652  1.00 7.33  ? 280  ASP A OD1 1 
ATOM   663 O OD2 . ASP A 1 280 ? 3.698   13.994  11.262  1.00 7.43  ? 280  ASP A OD2 1 
ATOM   664 N N   . ASN A 1 281 ? 5.701   9.460   10.124  1.00 11.55 ? 281  ASN A N   1 
ATOM   665 C CA  . ASN A 1 281 ? 5.500   8.010   10.271  1.00 11.58 ? 281  ASN A CA  1 
ATOM   666 C C   . ASN A 1 281 ? 4.190   7.640   10.987  1.00 11.33 ? 281  ASN A C   1 
ATOM   667 O O   . ASN A 1 281 ? 3.466   6.734   10.559  1.00 10.86 ? 281  ASN A O   1 
ATOM   668 C CB  . ASN A 1 281 ? 6.700   7.370   10.965  1.00 12.34 ? 281  ASN A CB  1 
ATOM   669 C CG  . ASN A 1 281 ? 7.952   7.351   10.095  1.00 13.21 ? 281  ASN A CG  1 
ATOM   670 O OD1 . ASN A 1 281 ? 8.993   6.898   10.538  1.00 18.54 ? 281  ASN A OD1 1 
ATOM   671 N ND2 . ASN A 1 281 ? 7.853   7.820   8.864   1.00 16.42 ? 281  ASN A ND2 1 
ATOM   672 N N   . ASP A 1 282 ? 3.883   8.355   12.066  1.00 10.85 ? 282  ASP A N   1 
ATOM   673 C CA  . ASP A 1 282 ? 2.649   8.110   12.806  1.00 10.32 ? 282  ASP A CA  1 
ATOM   674 C C   . ASP A 1 282 ? 1.442   8.402   11.928  1.00 9.83  ? 282  ASP A C   1 
ATOM   675 O O   . ASP A 1 282 ? 0.482   7.662   11.949  1.00 9.67  ? 282  ASP A O   1 
ATOM   676 C CB  . ASP A 1 282 ? 2.596   8.929   14.097  1.00 10.81 ? 282  ASP A CB  1 
ATOM   677 C CG  . ASP A 1 282 ? 3.679   8.525   15.111  1.00 12.19 ? 282  ASP A CG  1 
ATOM   678 O OD1 . ASP A 1 282 ? 4.013   7.321   15.216  1.00 12.49 ? 282  ASP A OD1 1 
ATOM   679 O OD2 . ASP A 1 282 ? 4.177   9.426   15.833  1.00 15.03 ? 282  ASP A OD2 1 
ATOM   680 N N   . LYS A 1 283 ? 1.515   9.471   11.138  1.00 9.60  ? 283  LYS A N   1 
ATOM   681 C CA  . LYS A 1 283 ? 0.426   9.846   10.256  1.00 9.90  ? 283  LYS A CA  1 
ATOM   682 C C   . LYS A 1 283 ? 0.188   8.797   9.183   1.00 9.66  ? 283  LYS A C   1 
ATOM   683 O O   . LYS A 1 283 ? -0.960  8.541   8.825   1.00 9.05  ? 283  LYS A O   1 
ATOM   684 C CB  . LYS A 1 283 ? 0.695   11.196  9.607   1.00 10.24 ? 283  LYS A CB  1 
ATOM   685 C CG  . LYS A 1 283 ? 0.434   12.393  10.478  1.00 11.79 ? 283  LYS A CG  1 
ATOM   686 C CD  . LYS A 1 283 ? -0.908  13.030  10.109  1.00 15.45 ? 283  LYS A CD  1 
ATOM   687 C CE  . LYS A 1 283 ? -1.069  14.404  10.743  1.00 15.75 ? 283  LYS A CE  1 
ATOM   688 N NZ  . LYS A 1 283 ? -0.230  15.492  10.139  1.00 14.33 ? 283  LYS A NZ  1 
ATOM   689 N N   . VAL A 1 284 ? 1.267   8.197   8.673   1.00 9.22  ? 284  VAL A N   1 
ATOM   690 C CA  . VAL A 1 284 ? 1.134   7.131   7.691   1.00 9.19  ? 284  VAL A CA  1 
ATOM   691 C C   . VAL A 1 284 ? 0.466   5.898   8.293   1.00 9.54  ? 284  VAL A C   1 
ATOM   692 O O   . VAL A 1 284 ? -0.393  5.281   7.652   1.00 9.17  ? 284  VAL A O   1 
ATOM   693 C CB  . VAL A 1 284 ? 2.476   6.714   7.031   1.00 9.48  ? 284  VAL A CB  1 
ATOM   694 C CG1 . VAL A 1 284 ? 2.232   5.585   5.997   1.00 8.98  ? 284  VAL A CG1 1 
ATOM   695 C CG2 . VAL A 1 284 ? 3.166   7.918   6.379   1.00 8.21  ? 284  VAL A CG2 1 
ATOM   696 N N   . ALA A 1 285 ? 0.868   5.543   9.510   1.00 9.62  ? 285  ALA A N   1 
ATOM   697 C CA  . ALA A 1 285 ? 0.242   4.455   10.233  1.00 10.22 ? 285  ALA A CA  1 
ATOM   698 C C   . ALA A 1 285 ? -1.286  4.660   10.327  1.00 10.84 ? 285  ALA A C   1 
ATOM   699 O O   . ALA A 1 285 ? -2.061  3.738   10.044  1.00 10.66 ? 285  ALA A O   1 
ATOM   700 C CB  . ALA A 1 285 ? 0.859   4.330   11.616  1.00 10.30 ? 285  ALA A CB  1 
ATOM   701 N N   . ARG A 1 286 ? -1.700  5.866   10.721  1.00 11.38 ? 286  ARG A N   1 
ATOM   702 C CA  . ARG A 1 286 ? -3.118  6.222   10.785  1.00 12.50 ? 286  ARG A CA  1 
ATOM   703 C C   . ARG A 1 286 ? -3.748  6.137   9.399   1.00 12.49 ? 286  ARG A C   1 
ATOM   704 O O   . ARG A 1 286 ? -4.877  5.713   9.260   1.00 13.02 ? 286  ARG A O   1 
ATOM   705 C CB  . ARG A 1 286 ? -3.320  7.629   11.375  1.00 12.70 ? 286  ARG A CB  1 
ATOM   706 C CG  . ARG A 1 286 ? -2.857  7.785   12.817  1.00 15.85 ? 286  ARG A CG  1 
ATOM   707 C CD  . ARG A 1 286 ? -3.268  9.125   13.423  1.00 19.22 ? 286  ARG A CD  1 
ATOM   708 N NE  . ARG A 1 286 ? -2.273  9.598   14.389  1.00 23.79 ? 286  ARG A NE  1 
ATOM   709 C CZ  . ARG A 1 286 ? -1.483  10.658  14.208  1.00 25.50 ? 286  ARG A CZ  1 
ATOM   710 N NH1 . ARG A 1 286 ? -1.572  11.383  13.099  1.00 27.13 ? 286  ARG A NH1 1 
ATOM   711 N NH2 . ARG A 1 286 ? -0.597  11.001  15.140  1.00 26.20 ? 286  ARG A NH2 1 
ATOM   712 N N   . LEU A 1 287 ? -3.002  6.521   8.370   1.00 12.90 ? 287  LEU A N   1 
ATOM   713 C CA  . LEU A 1 287 ? -3.527  6.496   7.009   1.00 12.57 ? 287  LEU A CA  1 
ATOM   714 C C   . LEU A 1 287 ? -3.731  5.069   6.491   1.00 12.87 ? 287  LEU A C   1 
ATOM   715 O O   . LEU A 1 287 ? -4.668  4.793   5.728   1.00 12.61 ? 287  LEU A O   1 
ATOM   716 C CB  . LEU A 1 287 ? -2.613  7.267   6.074   1.00 12.39 ? 287  LEU A CB  1 
ATOM   717 C CG  . LEU A 1 287 ? -3.097  7.433   4.643   1.00 10.71 ? 287  LEU A CG  1 
ATOM   718 C CD1 . LEU A 1 287 ? -4.470  8.203   4.619   1.00 9.83  ? 287  LEU A CD1 1 
ATOM   719 C CD2 . LEU A 1 287 ? -2.030  8.169   3.871   1.00 10.96 ? 287  LEU A CD2 1 
ATOM   720 N N   . ILE A 1 288 ? -2.847  4.180   6.921   1.00 12.76 ? 288  ILE A N   1 
ATOM   721 C CA  . ILE A 1 288 ? -2.952  2.753   6.641   1.00 13.30 ? 288  ILE A CA  1 
ATOM   722 C C   . ILE A 1 288 ? -4.296  2.211   7.165   1.00 13.38 ? 288  ILE A C   1 
ATOM   723 O O   . ILE A 1 288 ? -5.013  1.513   6.449   1.00 14.03 ? 288  ILE A O   1 
ATOM   724 C CB  . ILE A 1 288 ? -1.753  2.008   7.284   1.00 12.92 ? 288  ILE A CB  1 
ATOM   725 C CG1 . ILE A 1 288 ? -0.486  2.207   6.442   1.00 13.45 ? 288  ILE A CG1 1 
ATOM   726 C CG2 . ILE A 1 288 ? -2.063  0.522   7.534   1.00 13.69 ? 288  ILE A CG2 1 
ATOM   727 C CD1 . ILE A 1 288 ? 0.827   1.941   7.234   1.00 11.23 ? 288  ILE A CD1 1 
ATOM   728 N N   . GLN A 1 289 ? -4.623  2.559   8.404   1.00 13.08 ? 289  GLN A N   1 
ATOM   729 C CA  . GLN A 1 289 ? -5.850  2.125   9.080   1.00 13.55 ? 289  GLN A CA  1 
ATOM   730 C C   . GLN A 1 289 ? -7.140  2.593   8.409   1.00 13.75 ? 289  GLN A C   1 
ATOM   731 O O   . GLN A 1 289 ? -8.094  1.819   8.250   1.00 13.21 ? 289  GLN A O   1 
ATOM   732 C CB  . GLN A 1 289 ? -5.830  2.631   10.523  1.00 13.47 ? 289  GLN A CB  1 
ATOM   733 C CG  . GLN A 1 289 ? -4.826  1.915   11.391  1.00 12.90 ? 289  GLN A CG  1 
ATOM   734 C CD  . GLN A 1 289 ? -5.234  0.480   11.640  1.00 14.78 ? 289  GLN A CD  1 
ATOM   735 O OE1 . GLN A 1 289 ? -6.384  0.207   12.038  1.00 14.69 ? 289  GLN A OE1 1 
ATOM   736 N NE2 . GLN A 1 289 ? -4.312  -0.449  11.400  1.00 12.04 ? 289  GLN A NE2 1 
ATOM   737 N N   . GLU A 1 290 ? -7.164  3.876   8.054   1.00 14.22 ? 290  GLU A N   1 
ATOM   738 C CA  . GLU A 1 290 ? -8.304  4.492   7.373   1.00 14.47 ? 290  GLU A CA  1 
ATOM   739 C C   . GLU A 1 290 ? -8.553  3.834   5.992   1.00 14.14 ? 290  GLU A C   1 
ATOM   740 O O   . GLU A 1 290 ? -9.688  3.550   5.646   1.00 13.72 ? 290  GLU A O   1 
ATOM   741 C CB  . GLU A 1 290 ? -8.097  6.012   7.282   1.00 14.66 ? 290  GLU A CB  1 
ATOM   742 C CG  . GLU A 1 290 ? -8.486  6.617   5.937   1.00 17.82 ? 290  GLU A CG  1 
ATOM   743 C CD  . GLU A 1 290 ? -8.496  8.147   5.906   1.00 22.24 ? 290  GLU A CD  1 
ATOM   744 O OE1 . GLU A 1 290 ? -7.497  8.786   6.339   1.00 22.19 ? 290  GLU A OE1 1 
ATOM   745 O OE2 . GLU A 1 290 ? -9.514  8.702   5.416   1.00 23.06 ? 290  GLU A OE2 1 
ATOM   746 N N   . ASP A 1 291 ? -7.494  3.531   5.240   1.00 14.30 ? 291  ASP A N   1 
ATOM   747 C CA  . ASP A 1 291 ? -7.648  2.823   3.964   1.00 14.16 ? 291  ASP A CA  1 
ATOM   748 C C   . ASP A 1 291 ? -8.220  1.412   4.133   1.00 14.30 ? 291  ASP A C   1 
ATOM   749 O O   . ASP A 1 291 ? -9.163  1.019   3.415   1.00 14.17 ? 291  ASP A O   1 
ATOM   750 C CB  . ASP A 1 291 ? -6.325  2.747   3.197   1.00 14.09 ? 291  ASP A CB  1 
ATOM   751 C CG  . ASP A 1 291 ? -5.950  4.052   2.515   1.00 13.81 ? 291  ASP A CG  1 
ATOM   752 O OD1 . ASP A 1 291 ? -6.623  5.079   2.748   1.00 12.77 ? 291  ASP A OD1 1 
ATOM   753 O OD2 . ASP A 1 291 ? -4.960  4.052   1.751   1.00 10.97 ? 291  ASP A OD2 1 
ATOM   754 N N   . ILE A 1 292 ? -7.657  0.659   5.077   1.00 13.92 ? 292  ILE A N   1 
ATOM   755 C CA  . ILE A 1 292 ? -8.202  -0.647  5.447   1.00 13.75 ? 292  ILE A CA  1 
ATOM   756 C C   . ILE A 1 292 ? -9.689  -0.550  5.843   1.00 13.38 ? 292  ILE A C   1 
ATOM   757 O O   . ILE A 1 292 ? -10.531 -1.288  5.331   1.00 14.22 ? 292  ILE A O   1 
ATOM   758 C CB  . ILE A 1 292 ? -7.370  -1.317  6.561   1.00 13.61 ? 292  ILE A CB  1 
ATOM   759 C CG1 . ILE A 1 292 ? -5.949  -1.562  6.064   1.00 14.14 ? 292  ILE A CG1 1 
ATOM   760 C CG2 . ILE A 1 292 ? -8.035  -2.625  7.013   1.00 12.50 ? 292  ILE A CG2 1 
ATOM   761 C CD1 . ILE A 1 292 ? -4.945  -1.927  7.150   1.00 12.64 ? 292  ILE A CD1 1 
ATOM   762 N N   . ASN A 1 293 ? -10.031 0.385   6.715   1.00 13.35 ? 293  ASN A N   1 
ATOM   763 C CA  . ASN A 1 293 ? -11.427 0.534   7.097   1.00 12.69 ? 293  ASN A CA  1 
ATOM   764 C C   . ASN A 1 293 ? -12.333 0.784   5.897   1.00 12.11 ? 293  ASN A C   1 
ATOM   765 O O   . ASN A 1 293 ? -13.417 0.217   5.813   1.00 11.71 ? 293  ASN A O   1 
ATOM   766 C CB  . ASN A 1 293 ? -11.595 1.638   8.135   1.00 13.28 ? 293  ASN A CB  1 
ATOM   767 C CG  . ASN A 1 293 ? -10.941 1.302   9.461   1.00 14.48 ? 293  ASN A CG  1 
ATOM   768 O OD1 . ASN A 1 293 ? -10.636 0.137   9.759   1.00 15.28 ? 293  ASN A OD1 1 
ATOM   769 N ND2 . ASN A 1 293 ? -10.718 2.330   10.270  1.00 13.10 ? 293  ASN A ND2 1 
ATOM   770 N N   . SER A 1 294 ? -11.876 1.628   4.976   1.00 11.78 ? 294  SER A N   1 
ATOM   771 C CA  . SER A 1 294 ? -12.626 1.980   3.757   1.00 12.30 ? 294  SER A CA  1 
ATOM   772 C C   . SER A 1 294 ? -12.851 0.778   2.815   1.00 12.09 ? 294  SER A C   1 
ATOM   773 O O   . SER A 1 294 ? -13.983 0.507   2.381   1.00 11.15 ? 294  SER A O   1 
ATOM   774 C CB  . SER A 1 294 ? -11.891 3.108   3.013   1.00 12.50 ? 294  SER A CB  1 
ATOM   775 O OG  . SER A 1 294 ? -12.599 3.512   1.840   1.00 15.03 ? 294  SER A OG  1 
ATOM   776 N N   . TYR A 1 295 ? -11.767 0.069   2.501   1.00 11.94 ? 295  TYR A N   1 
ATOM   777 C CA  . TYR A 1 295 ? -11.811 -1.101  1.604   1.00 12.69 ? 295  TYR A CA  1 
ATOM   778 C C   . TYR A 1 295 ? -12.591 -2.317  2.171   1.00 12.82 ? 295  TYR A C   1 
ATOM   779 O O   . TYR A 1 295 ? -13.294 -3.008  1.426   1.00 13.04 ? 295  TYR A O   1 
ATOM   780 C CB  . TYR A 1 295 ? -10.395 -1.508  1.203   1.00 12.57 ? 295  TYR A CB  1 
ATOM   781 C CG  . TYR A 1 295 ? -9.813  -0.674  0.083   1.00 13.30 ? 295  TYR A CG  1 
ATOM   782 C CD1 . TYR A 1 295 ? -9.510  0.685   0.274   1.00 13.17 ? 295  TYR A CD1 1 
ATOM   783 C CD2 . TYR A 1 295 ? -9.568  -1.238  -1.166  1.00 12.85 ? 295  TYR A CD2 1 
ATOM   784 C CE1 . TYR A 1 295 ? -8.972  1.466   -0.755  1.00 14.69 ? 295  TYR A CE1 1 
ATOM   785 C CE2 . TYR A 1 295 ? -9.026  -0.469  -2.213  1.00 16.67 ? 295  TYR A CE2 1 
ATOM   786 C CZ  . TYR A 1 295 ? -8.733  0.886   -1.996  1.00 15.69 ? 295  TYR A CZ  1 
ATOM   787 O OH  . TYR A 1 295 ? -8.205  1.640   -3.009  1.00 13.98 ? 295  TYR A OH  1 
ATOM   788 N N   . MET A 1 296 ? -12.472 -2.558  3.480   1.00 12.72 ? 296  MET A N   1 
ATOM   789 C CA  . MET A 1 296 ? -13.179 -3.650  4.162   1.00 11.94 ? 296  MET A CA  1 
ATOM   790 C C   . MET A 1 296 ? -14.652 -3.346  4.270   1.00 11.41 ? 296  MET A C   1 
ATOM   791 O O   . MET A 1 296 ? -15.501 -4.252  4.219   1.00 10.77 ? 296  MET A O   1 
ATOM   792 C CB  . MET A 1 296 ? -12.617 -3.887  5.571   1.00 12.36 ? 296  MET A CB  1 
ATOM   793 C CG  . MET A 1 296 ? -11.154 -4.368  5.636   1.00 15.27 ? 296  MET A CG  1 
ATOM   794 S SD  . MET A 1 296 ? -10.907 -6.002  4.913   1.00 19.10 ? 296  MET A SD  1 
ATOM   795 C CE  . MET A 1 296 ? -10.291 -5.541  3.299   1.00 18.47 ? 296  MET A CE  1 
ATOM   796 N N   . ALA A 1 297 ? -14.964 -2.069  4.424   1.00 10.09 ? 297  ALA A N   1 
ATOM   797 C CA  . ALA A 1 297 ? -16.349 -1.648  4.409   1.00 9.73  ? 297  ALA A CA  1 
ATOM   798 C C   . ALA A 1 297 ? -16.957 -1.892  3.012   1.00 10.02 ? 297  ALA A C   1 
ATOM   799 O O   . ALA A 1 297 ? -18.087 -2.393  2.896   1.00 8.94  ? 297  ALA A O   1 
ATOM   800 C CB  . ALA A 1 297 ? -16.472 -0.204  4.835   1.00 8.87  ? 297  ALA A CB  1 
ATOM   801 N N   . ARG A 1 298 ? -16.179 -1.613  1.961   1.00 9.57  ? 298  ARG A N   1 
ATOM   802 C CA  . ARG A 1 298 ? -16.656 -1.770  0.575   1.00 10.04 ? 298  ARG A CA  1 
ATOM   803 C C   . ARG A 1 298 ? -17.154 -3.193  0.300   1.00 9.80  ? 298  ARG A C   1 
ATOM   804 O O   . ARG A 1 298 ? -18.165 -3.381  -0.381  1.00 9.89  ? 298  ARG A O   1 
ATOM   805 C CB  . ARG A 1 298 ? -15.576 -1.360  -0.474  1.00 10.00 ? 298  ARG A CB  1 
ATOM   806 C CG  . ARG A 1 298 ? -16.143 -1.419  -1.916  1.00 9.89  ? 298  ARG A CG  1 
ATOM   807 C CD  . ARG A 1 298 ? -15.781 -0.206  -2.765  1.00 11.40 ? 298  ARG A CD  1 
ATOM   808 N NE  . ARG A 1 298 ? -16.321 -0.303  -4.130  1.00 9.88  ? 298  ARG A NE  1 
ATOM   809 C CZ  . ARG A 1 298 ? -15.683 0.077   -5.229  1.00 8.67  ? 298  ARG A CZ  1 
ATOM   810 N NH1 . ARG A 1 298 ? -14.454 0.575   -5.152  1.00 12.35 ? 298  ARG A NH1 1 
ATOM   811 N NH2 . ARG A 1 298 ? -16.266 -0.057  -6.412  1.00 9.41  ? 298  ARG A NH2 1 
ATOM   812 N N   . LEU A 1 299 ? -16.464 -4.185  0.863   1.00 10.14 ? 299  LEU A N   1 
ATOM   813 C CA  . LEU A 1 299 ? -16.873 -5.605  0.720   1.00 9.64  ? 299  LEU A CA  1 
ATOM   814 C C   . LEU A 1 299 ? -18.249 -5.898  1.352   1.00 9.08  ? 299  LEU A C   1 
ATOM   815 O O   . LEU A 1 299 ? -18.956 -6.811  0.919   1.00 8.80  ? 299  LEU A O   1 
ATOM   816 C CB  . LEU A 1 299 ? -15.821 -6.546  1.325   1.00 9.34  ? 299  LEU A CB  1 
ATOM   817 C CG  . LEU A 1 299 ? -14.380 -6.611  0.810   1.00 10.54 ? 299  LEU A CG  1 
ATOM   818 C CD1 . LEU A 1 299 ? -13.571 -7.428  1.774   1.00 11.42 ? 299  LEU A CD1 1 
ATOM   819 C CD2 . LEU A 1 299 ? -14.320 -7.272  -0.553  1.00 10.87 ? 299  LEU A CD2 1 
ATOM   820 N N   . GLU A 1 300 ? -18.611 -5.144  2.385   1.00 9.09  ? 300  GLU A N   1 
ATOM   821 C CA  . GLU A 1 300 ? -19.876 -5.359  3.110   1.00 9.37  ? 300  GLU A CA  1 
ATOM   822 C C   . GLU A 1 300 ? -20.993 -4.472  2.626   1.00 9.49  ? 300  GLU A C   1 
ATOM   823 O O   . GLU A 1 300 ? -22.185 -4.790  2.822   1.00 9.53  ? 300  GLU A O   1 
ATOM   824 C CB  . GLU A 1 300 ? -19.705 -5.091  4.609   1.00 9.41  ? 300  GLU A CB  1 
ATOM   825 C CG  . GLU A 1 300 ? -18.783 -6.072  5.301   1.00 11.60 ? 300  GLU A CG  1 
ATOM   826 C CD  . GLU A 1 300 ? -18.475 -5.674  6.719   1.00 12.29 ? 300  GLU A CD  1 
ATOM   827 O OE1 . GLU A 1 300 ? -19.344 -5.025  7.363   1.00 10.25 ? 300  GLU A OE1 1 
ATOM   828 O OE2 . GLU A 1 300 ? -17.365 -6.017  7.180   1.00 10.34 ? 300  GLU A OE2 1 
ATOM   829 N N   . GLU A 1 301 ? -20.610 -3.344  2.029   1.00 9.28  ? 301  GLU A N   1 
ATOM   830 C CA  . GLU A 1 301 ? -21.560 -2.276  1.778   1.00 9.69  ? 301  GLU A CA  1 
ATOM   831 C C   . GLU A 1 301 ? -22.382 -2.495  0.529   1.00 9.63  ? 301  GLU A C   1 
ATOM   832 O O   . GLU A 1 301 ? -22.000 -3.286  -0.344  1.00 7.45  ? 301  GLU A O   1 
ATOM   833 C CB  . GLU A 1 301 ? -20.864 -0.918  1.727   1.00 10.05 ? 301  GLU A CB  1 
ATOM   834 C CG  . GLU A 1 301 ? -20.548 -0.375  3.087   1.00 10.33 ? 301  GLU A CG  1 
ATOM   835 C CD  . GLU A 1 301 ? -19.678 0.867   3.039   1.00 13.77 ? 301  GLU A CD  1 
ATOM   836 O OE1 . GLU A 1 301 ? -18.655 0.884   2.311   1.00 10.74 ? 301  GLU A OE1 1 
ATOM   837 O OE2 . GLU A 1 301 ? -20.033 1.830   3.751   1.00 14.58 ? 301  GLU A OE2 1 
ATOM   838 N N   . ALA A 1 302 ? -23.517 -1.785  0.485   1.00 9.53  ? 302  ALA A N   1 
ATOM   839 C CA  . ALA A 1 302 ? -24.410 -1.738  -0.656  1.00 10.55 ? 302  ALA A CA  1 
ATOM   840 C C   . ALA A 1 302 ? -23.684 -1.338  -1.927  1.00 10.98 ? 302  ALA A C   1 
ATOM   841 O O   . ALA A 1 302 ? -22.663 -0.664  -1.883  1.00 11.52 ? 302  ALA A O   1 
ATOM   842 C CB  . ALA A 1 302 ? -25.580 -0.774  -0.389  1.00 10.08 ? 302  ALA A CB  1 
ATOM   843 N N   . GLU A 1 303 ? -24.231 -1.769  -3.056  1.00 12.00 ? 303  GLU A N   1 
ATOM   844 C CA  . GLU A 1 303 ? -23.687 -1.480  -4.369  1.00 12.62 ? 303  GLU A CA  1 
ATOM   845 C C   . GLU A 1 303 ? -24.801 -0.833  -5.173  1.00 12.60 ? 303  GLU A C   1 
ATOM   846 O O   . GLU A 1 303 ? -25.843 -1.456  -5.370  1.00 13.11 ? 303  GLU A O   1 
ATOM   847 C CB  . GLU A 1 303 ? -23.289 -2.772  -5.064  1.00 12.66 ? 303  GLU A CB  1 
ATOM   848 C CG  . GLU A 1 303 ? -22.249 -3.597  -4.334  1.00 15.46 ? 303  GLU A CG  1 
ATOM   849 C CD  . GLU A 1 303 ? -21.662 -4.701  -5.195  1.00 16.16 ? 303  GLU A CD  1 
ATOM   850 O OE1 . GLU A 1 303 ? -22.277 -5.072  -6.212  1.00 16.27 ? 303  GLU A OE1 1 
ATOM   851 O OE2 . GLU A 1 303 ? -20.570 -5.193  -4.852  1.00 18.97 ? 303  GLU A OE2 1 
HETATM 852 C C1  . GOL B 2 .   ? 5.904   -0.500  10.180  1.00 38.71 ? 1304 GOL A C1  1 
HETATM 853 O O1  . GOL B 2 .   ? 6.635   -1.657  9.822   1.00 37.98 ? 1304 GOL A O1  1 
HETATM 854 C C2  . GOL B 2 .   ? 4.427   -0.859  10.283  1.00 37.52 ? 1304 GOL A C2  1 
HETATM 855 O O2  . GOL B 2 .   ? 4.036   -0.790  11.631  1.00 38.54 ? 1304 GOL A O2  1 
HETATM 856 C C3  . GOL B 2 .   ? 3.576   0.050   9.404   1.00 36.84 ? 1304 GOL A C3  1 
HETATM 857 O O3  . GOL B 2 .   ? 2.601   0.756   10.147  1.00 33.51 ? 1304 GOL A O3  1 
HETATM 858 O O   . HOH C 3 .   ? -7.577  -17.779 -6.455  1.00 15.20 ? 2001 HOH A O   1 
HETATM 859 O O   . HOH C 3 .   ? -0.509  -15.924 0.632   1.00 17.67 ? 2002 HOH A O   1 
HETATM 860 O O   . HOH C 3 .   ? -5.038  -13.147 -11.159 1.00 16.28 ? 2003 HOH A O   1 
HETATM 861 O O   . HOH C 3 .   ? -8.328  -4.990  -11.209 1.00 48.35 ? 2004 HOH A O   1 
HETATM 862 O O   . HOH C 3 .   ? -4.135  -6.250  -18.668 1.00 62.85 ? 2005 HOH A O   1 
HETATM 863 O O   . HOH C 3 .   ? -2.928  -1.595  -10.420 1.00 6.20  ? 2006 HOH A O   1 
HETATM 864 O O   . HOH C 3 .   ? 1.108   -6.736  -15.737 1.00 12.71 ? 2007 HOH A O   1 
HETATM 865 O O   . HOH C 3 .   ? 2.988   1.804   -13.645 1.00 21.62 ? 2008 HOH A O   1 
HETATM 866 O O   . HOH C 3 .   ? 3.063   3.101   -7.028  1.00 8.68  ? 2009 HOH A O   1 
HETATM 867 O O   . HOH C 3 .   ? -7.322  13.603  -2.217  1.00 30.60 ? 2010 HOH A O   1 
HETATM 868 O O   . HOH C 3 .   ? -2.567  12.463  3.830   1.00 17.68 ? 2011 HOH A O   1 
HETATM 869 O O   . HOH C 3 .   ? 6.723   14.961  -3.976  1.00 7.82  ? 2012 HOH A O   1 
HETATM 870 O O   . HOH C 3 .   ? 10.776  -1.101  -6.207  1.00 16.47 ? 2013 HOH A O   1 
HETATM 871 O O   . HOH C 3 .   ? 12.670  -0.090  -8.457  1.00 7.93  ? 2014 HOH A O   1 
HETATM 872 O O   . HOH C 3 .   ? 10.807  -10.226 -8.708  1.00 23.87 ? 2015 HOH A O   1 
HETATM 873 O O   . HOH C 3 .   ? 13.842  -6.321  -2.834  1.00 21.84 ? 2016 HOH A O   1 
HETATM 874 O O   . HOH C 3 .   ? 14.075  -11.602 -3.424  1.00 11.17 ? 2017 HOH A O   1 
HETATM 875 O O   . HOH C 3 .   ? 7.062   -10.220 5.695   1.00 20.16 ? 2018 HOH A O   1 
HETATM 876 O O   . HOH C 3 .   ? -0.307  -9.642  8.693   1.00 12.11 ? 2019 HOH A O   1 
HETATM 877 O O   . HOH C 3 .   ? 4.226   -11.789 4.421   1.00 8.83  ? 2020 HOH A O   1 
HETATM 878 O O   . HOH C 3 .   ? -3.421  -9.993  3.825   1.00 8.92  ? 2021 HOH A O   1 
HETATM 879 O O   . HOH C 3 .   ? -5.667  -10.275 5.716   1.00 13.20 ? 2022 HOH A O   1 
HETATM 880 O O   . HOH C 3 .   ? -1.985  -12.821 4.299   1.00 13.75 ? 2023 HOH A O   1 
HETATM 881 O O   . HOH C 3 .   ? -7.575  -11.204 4.316   1.00 19.40 ? 2024 HOH A O   1 
HETATM 882 O O   . HOH C 3 .   ? -11.881 -13.783 -0.465  1.00 12.26 ? 2025 HOH A O   1 
HETATM 883 O O   . HOH C 3 .   ? -8.579  -14.641 -8.184  1.00 20.07 ? 2026 HOH A O   1 
HETATM 884 O O   . HOH C 3 .   ? -11.766 -2.666  -3.393  1.00 6.61  ? 2027 HOH A O   1 
HETATM 885 O O   . HOH C 3 .   ? -7.046  -0.238  -6.712  1.00 19.71 ? 2028 HOH A O   1 
HETATM 886 O O   . HOH C 3 .   ? -6.777  9.953   2.354   1.00 18.85 ? 2029 HOH A O   1 
HETATM 887 O O   . HOH C 3 .   ? 12.185  -5.429  5.982   1.00 37.67 ? 2030 HOH A O   1 
HETATM 888 O O   . HOH C 3 .   ? -2.757  -13.684 -12.404 1.00 41.71 ? 2031 HOH A O   1 
HETATM 889 O O   . HOH C 3 .   ? 13.699  3.270   -0.300  1.00 35.18 ? 2032 HOH A O   1 
HETATM 890 O O   . HOH C 3 .   ? 15.301  6.616   7.758   1.00 21.86 ? 2033 HOH A O   1 
HETATM 891 O O   . HOH C 3 .   ? 15.654  -0.210  6.875   1.00 64.43 ? 2034 HOH A O   1 
HETATM 892 O O   . HOH C 3 .   ? 6.481   10.639  12.974  1.00 49.88 ? 2035 HOH A O   1 
HETATM 893 O O   . HOH C 3 .   ? -8.363  -13.536 5.899   1.00 34.99 ? 2036 HOH A O   1 
HETATM 894 O O   . HOH C 3 .   ? -11.642 4.877   6.373   1.00 39.68 ? 2037 HOH A O   1 
HETATM 895 O O   . HOH C 3 .   ? -5.239  2.328   -0.210  1.00 12.70 ? 2038 HOH A O   1 
HETATM 896 O O   . HOH C 3 .   ? -11.327 5.063   9.365   1.00 43.08 ? 2039 HOH A O   1 
HETATM 897 O O   . HOH C 3 .   ? -14.596 -0.550  8.288   1.00 10.86 ? 2040 HOH A O   1 
HETATM 898 O O   . HOH C 3 .   ? -14.967 4.462   2.328   1.00 12.95 ? 2041 HOH A O   1 
HETATM 899 O O   . HOH C 3 .   ? -16.198 2.042   2.107   1.00 6.35  ? 2042 HOH A O   1 
HETATM 900 O O   . HOH C 3 .   ? -12.781 1.372   -1.335  1.00 19.76 ? 2043 HOH A O   1 
HETATM 901 O O   . HOH C 3 .   ? -13.013 -3.515  -1.310  1.00 22.68 ? 2044 HOH A O   1 
HETATM 902 O O   . HOH C 3 .   ? -10.746 1.970   -4.909  1.00 18.36 ? 2045 HOH A O   1 
HETATM 903 O O   . HOH C 3 .   ? -19.858 -2.012  -2.380  1.00 27.62 ? 2046 HOH A O   1 
HETATM 904 O O   . HOH C 3 .   ? -18.470 -1.498  -4.492  1.00 8.95  ? 2047 HOH A O   1 
HETATM 905 O O   . HOH C 3 .   ? -9.821  5.448   12.158  1.00 70.08 ? 2048 HOH A O   1 
HETATM 906 O O   . HOH C 3 .   ? -18.898 -1.778  7.211   1.00 38.44 ? 2049 HOH A O   1 
HETATM 907 O O   . HOH C 3 .   ? -19.116 -2.897  9.480   1.00 18.22 ? 2050 HOH A O   1 
HETATM 908 O O   . HOH C 3 .   ? -18.657 -3.939  -5.031  1.00 22.71 ? 2051 HOH A O   1 
# 
loop_
_pdbx_poly_seq_scheme.asym_id 
_pdbx_poly_seq_scheme.entity_id 
_pdbx_poly_seq_scheme.seq_id 
_pdbx_poly_seq_scheme.mon_id 
_pdbx_poly_seq_scheme.ndb_seq_num 
_pdbx_poly_seq_scheme.pdb_seq_num 
_pdbx_poly_seq_scheme.auth_seq_num 
_pdbx_poly_seq_scheme.pdb_mon_id 
_pdbx_poly_seq_scheme.auth_mon_id 
_pdbx_poly_seq_scheme.pdb_strand_id 
_pdbx_poly_seq_scheme.pdb_ins_code 
_pdbx_poly_seq_scheme.hetero 
A 1 1   MET 1   1   ?   ?   ?   A . n 
A 1 2   SER 2   2   ?   ?   ?   A . n 
A 1 3   LYS 3   3   ?   ?   ?   A . n 
A 1 4   ASP 4   4   ?   ?   ?   A . n 
A 1 5   LEU 5   5   ?   ?   ?   A . n 
A 1 6   VAL 6   6   ?   ?   ?   A . n 
A 1 7   HIS 7   7   ?   ?   ?   A . n 
A 1 8   PRO 8   8   ?   ?   ?   A . n 
A 1 9   SER 9   9   ?   ?   ?   A . n 
A 1 10  LEU 10  10  ?   ?   ?   A . n 
A 1 11  ILE 11  11  ?   ?   ?   A . n 
A 1 12  ARG 12  12  ?   ?   ?   A . n 
A 1 13  ALA 13  13  ?   ?   ?   A . n 
A 1 14  GLY 14  14  ?   ?   ?   A . n 
A 1 15  ILE 15  15  ?   ?   ?   A . n 
A 1 16  VAL 16  16  ?   ?   ?   A . n 
A 1 17  GLU 17  17  ?   ?   ?   A . n 
A 1 18  LEU 18  18  ?   ?   ?   A . n 
A 1 19  GLU 19  19  ?   ?   ?   A . n 
A 1 20  MET 20  20  ?   ?   ?   A . n 
A 1 21  ALA 21  21  ?   ?   ?   A . n 
A 1 22  GLU 22  22  ?   ?   ?   A . n 
A 1 23  GLU 23  23  ?   ?   ?   A . n 
A 1 24  THR 24  24  ?   ?   ?   A . n 
A 1 25  THR 25  25  ?   ?   ?   A . n 
A 1 26  ASP 26  26  ?   ?   ?   A . n 
A 1 27  LEU 27  27  ?   ?   ?   A . n 
A 1 28  ILE 28  28  ?   ?   ?   A . n 
A 1 29  ASN 29  29  ?   ?   ?   A . n 
A 1 30  ARG 30  30  ?   ?   ?   A . n 
A 1 31  THR 31  31  ?   ?   ?   A . n 
A 1 32  ILE 32  32  ?   ?   ?   A . n 
A 1 33  GLU 33  33  ?   ?   ?   A . n 
A 1 34  SER 34  34  ?   ?   ?   A . n 
A 1 35  ASN 35  35  ?   ?   ?   A . n 
A 1 36  GLN 36  36  ?   ?   ?   A . n 
A 1 37  ALA 37  37  ?   ?   ?   A . n 
A 1 38  HIS 38  38  ?   ?   ?   A . n 
A 1 39  LEU 39  39  ?   ?   ?   A . n 
A 1 40  GLN 40  40  ?   ?   ?   A . n 
A 1 41  GLY 41  41  ?   ?   ?   A . n 
A 1 42  GLU 42  42  ?   ?   ?   A . n 
A 1 43  PRO 43  43  ?   ?   ?   A . n 
A 1 44  LEU 44  44  ?   ?   ?   A . n 
A 1 45  TYR 45  45  ?   ?   ?   A . n 
A 1 46  VAL 46  46  ?   ?   ?   A . n 
A 1 47  ASP 47  47  ?   ?   ?   A . n 
A 1 48  SER 48  48  ?   ?   ?   A . n 
A 1 49  LEU 49  49  ?   ?   ?   A . n 
A 1 50  PRO 50  50  ?   ?   ?   A . n 
A 1 51  GLU 51  51  ?   ?   ?   A . n 
A 1 52  ASP 52  52  ?   ?   ?   A . n 
A 1 53  MET 53  53  ?   ?   ?   A . n 
A 1 54  SER 54  54  ?   ?   ?   A . n 
A 1 55  ARG 55  55  ?   ?   ?   A . n 
A 1 56  LEU 56  56  ?   ?   ?   A . n 
A 1 57  ARG 57  57  ?   ?   ?   A . n 
A 1 58  ILE 58  58  ?   ?   ?   A . n 
A 1 59  GLU 59  59  ?   ?   ?   A . n 
A 1 60  ASP 60  60  ?   ?   ?   A . n 
A 1 61  LYS 61  61  ?   ?   ?   A . n 
A 1 62  SER 62  62  ?   ?   ?   A . n 
A 1 63  ARG 63  63  ?   ?   ?   A . n 
A 1 64  ARG 64  64  ?   ?   ?   A . n 
A 1 65  THR 65  65  ?   ?   ?   A . n 
A 1 66  LYS 66  66  ?   ?   ?   A . n 
A 1 67  THR 67  67  ?   ?   ?   A . n 
A 1 68  GLU 68  68  ?   ?   ?   A . n 
A 1 69  GLU 69  69  ?   ?   ?   A . n 
A 1 70  GLU 70  70  ?   ?   ?   A . n 
A 1 71  GLU 71  71  ?   ?   ?   A . n 
A 1 72  ARG 72  72  ?   ?   ?   A . n 
A 1 73  ASP 73  73  ?   ?   ?   A . n 
A 1 74  GLU 74  74  ?   ?   ?   A . n 
A 1 75  GLY 75  75  ?   ?   ?   A . n 
A 1 76  SER 76  76  ?   ?   ?   A . n 
A 1 77  SER 77  77  ?   ?   ?   A . n 
A 1 78  GLU 78  78  ?   ?   ?   A . n 
A 1 79  GLU 79  79  ?   ?   ?   A . n 
A 1 80  ASP 80  80  ?   ?   ?   A . n 
A 1 81  ASN 81  81  ?   ?   ?   A . n 
A 1 82  TYR 82  82  ?   ?   ?   A . n 
A 1 83  LEU 83  83  ?   ?   ?   A . n 
A 1 84  SER 84  84  ?   ?   ?   A . n 
A 1 85  GLU 85  85  ?   ?   ?   A . n 
A 1 86  GLY 86  86  ?   ?   ?   A . n 
A 1 87  GLN 87  87  ?   ?   ?   A . n 
A 1 88  ASP 88  88  ?   ?   ?   A . n 
A 1 89  PRO 89  89  ?   ?   ?   A . n 
A 1 90  LEU 90  90  ?   ?   ?   A . n 
A 1 91  ILE 91  91  ?   ?   ?   A . n 
A 1 92  PRO 92  92  ?   ?   ?   A . n 
A 1 93  PHE 93  93  ?   ?   ?   A . n 
A 1 94  GLN 94  94  ?   ?   ?   A . n 
A 1 95  ASN 95  95  ?   ?   ?   A . n 
A 1 96  PHE 96  96  ?   ?   ?   A . n 
A 1 97  LEU 97  97  ?   ?   ?   A . n 
A 1 98  ASP 98  98  ?   ?   ?   A . n 
A 1 99  GLU 99  99  ?   ?   ?   A . n 
A 1 100 ILE 100 100 ?   ?   ?   A . n 
A 1 101 GLY 101 101 ?   ?   ?   A . n 
A 1 102 ALA 102 102 ?   ?   ?   A . n 
A 1 103 ARG 103 103 ?   ?   ?   A . n 
A 1 104 ALA 104 104 ?   ?   ?   A . n 
A 1 105 VAL 105 105 ?   ?   ?   A . n 
A 1 106 LYS 106 106 ?   ?   ?   A . n 
A 1 107 ARG 107 107 ?   ?   ?   A . n 
A 1 108 LEU 108 108 ?   ?   ?   A . n 
A 1 109 LYS 109 109 ?   ?   ?   A . n 
A 1 110 THR 110 110 ?   ?   ?   A . n 
A 1 111 GLY 111 111 ?   ?   ?   A . n 
A 1 112 GLU 112 112 ?   ?   ?   A . n 
A 1 113 GLY 113 113 ?   ?   ?   A . n 
A 1 114 PHE 114 114 ?   ?   ?   A . n 
A 1 115 PHE 115 115 ?   ?   ?   A . n 
A 1 116 ARG 116 116 ?   ?   ?   A . n 
A 1 117 VAL 117 117 ?   ?   ?   A . n 
A 1 118 TRP 118 118 ?   ?   ?   A . n 
A 1 119 SER 119 119 ?   ?   ?   A . n 
A 1 120 ALA 120 120 ?   ?   ?   A . n 
A 1 121 LEU 121 121 ?   ?   ?   A . n 
A 1 122 SER 122 122 ?   ?   ?   A . n 
A 1 123 ASP 123 123 ?   ?   ?   A . n 
A 1 124 ASP 124 124 ?   ?   ?   A . n 
A 1 125 ILE 125 125 ?   ?   ?   A . n 
A 1 126 LYS 126 126 ?   ?   ?   A . n 
A 1 127 GLY 127 127 ?   ?   ?   A . n 
A 1 128 TYR 128 128 ?   ?   ?   A . n 
A 1 129 VAL 129 129 ?   ?   ?   A . n 
A 1 130 SER 130 130 ?   ?   ?   A . n 
A 1 131 THR 131 131 ?   ?   ?   A . n 
A 1 132 ASN 132 132 ?   ?   ?   A . n 
A 1 133 ILE 133 133 ?   ?   ?   A . n 
A 1 134 MET 134 134 ?   ?   ?   A . n 
A 1 135 THR 135 135 ?   ?   ?   A . n 
A 1 136 SER 136 136 ?   ?   ?   A . n 
A 1 137 GLY 137 137 ?   ?   ?   A . n 
A 1 138 GLU 138 138 ?   ?   ?   A . n 
A 1 139 ARG 139 139 ?   ?   ?   A . n 
A 1 140 ASP 140 140 ?   ?   ?   A . n 
A 1 141 THR 141 141 ?   ?   ?   A . n 
A 1 142 LYS 142 142 ?   ?   ?   A . n 
A 1 143 SER 143 143 ?   ?   ?   A . n 
A 1 144 ILE 144 144 ?   ?   ?   A . n 
A 1 145 GLN 145 145 ?   ?   ?   A . n 
A 1 146 ILE 146 146 ?   ?   ?   A . n 
A 1 147 GLN 147 147 ?   ?   ?   A . n 
A 1 148 THR 148 148 ?   ?   ?   A . n 
A 1 149 GLU 149 149 ?   ?   ?   A . n 
A 1 150 PRO 150 150 ?   ?   ?   A . n 
A 1 151 THR 151 151 ?   ?   ?   A . n 
A 1 152 ALA 152 152 ?   ?   ?   A . n 
A 1 153 SER 153 153 ?   ?   ?   A . n 
A 1 154 VAL 154 154 ?   ?   ?   A . n 
A 1 155 SER 155 155 ?   ?   ?   A . n 
A 1 156 SER 156 156 ?   ?   ?   A . n 
A 1 157 GLY 157 157 ?   ?   ?   A . n 
A 1 158 ASN 158 158 ?   ?   ?   A . n 
A 1 159 GLU 159 159 ?   ?   ?   A . n 
A 1 160 SER 160 160 ?   ?   ?   A . n 
A 1 161 ARG 161 161 ?   ?   ?   A . n 
A 1 162 HIS 162 162 ?   ?   ?   A . n 
A 1 163 ASP 163 163 ?   ?   ?   A . n 
A 1 164 SER 164 164 ?   ?   ?   A . n 
A 1 165 GLU 165 165 ?   ?   ?   A . n 
A 1 166 SER 166 166 ?   ?   ?   A . n 
A 1 167 MET 167 167 ?   ?   ?   A . n 
A 1 168 HIS 168 168 ?   ?   ?   A . n 
A 1 169 ASP 169 169 ?   ?   ?   A . n 
A 1 170 PRO 170 170 ?   ?   ?   A . n 
A 1 171 ASN 171 171 ?   ?   ?   A . n 
A 1 172 ASP 172 172 ?   ?   ?   A . n 
A 1 173 LYS 173 173 ?   ?   ?   A . n 
A 1 174 LYS 174 174 ?   ?   ?   A . n 
A 1 175 ASP 175 175 ?   ?   ?   A . n 
A 1 176 HIS 176 176 ?   ?   ?   A . n 
A 1 177 THR 177 177 ?   ?   ?   A . n 
A 1 178 PRO 178 178 ?   ?   ?   A . n 
A 1 179 ASP 179 179 ?   ?   ?   A . n 
A 1 180 HIS 180 180 ?   ?   ?   A . n 
A 1 181 ASP 181 181 ?   ?   ?   A . n 
A 1 182 VAL 182 182 ?   ?   ?   A . n 
A 1 183 VAL 183 183 ?   ?   ?   A . n 
A 1 184 PRO 184 184 ?   ?   ?   A . n 
A 1 185 ASP 185 185 ?   ?   ?   A . n 
A 1 186 ILE 186 186 ?   ?   ?   A . n 
A 1 187 GLU 187 187 ?   ?   ?   A . n 
A 1 188 SER 188 188 ?   ?   ?   A . n 
A 1 189 SER 189 189 ?   ?   ?   A . n 
A 1 190 THR 190 190 ?   ?   ?   A . n 
A 1 191 ASP 191 191 ?   ?   ?   A . n 
A 1 192 LYS 192 192 ?   ?   ?   A . n 
A 1 193 GLY 193 193 ?   ?   ?   A . n 
A 1 194 GLU 194 194 ?   ?   ?   A . n 
A 1 195 ILE 195 195 ?   ?   ?   A . n 
A 1 196 ARG 196 196 ?   ?   ?   A . n 
A 1 197 ASP 197 197 197 ASP ASP A . n 
A 1 198 ILE 198 198 198 ILE ILE A . n 
A 1 199 GLU 199 199 199 GLU GLU A . n 
A 1 200 GLY 200 200 200 GLY GLY A . n 
A 1 201 GLU 201 201 201 GLU GLU A . n 
A 1 202 VAL 202 202 202 VAL VAL A . n 
A 1 203 ALA 203 203 203 ALA ALA A . n 
A 1 204 HIS 204 204 204 HIS HIS A . n 
A 1 205 GLN 205 205 205 GLN GLN A . n 
A 1 206 VAL 206 206 206 VAL VAL A . n 
A 1 207 ALA 207 207 207 ALA ALA A . n 
A 1 208 GLU 208 208 208 GLU GLU A . n 
A 1 209 SER 209 209 209 SER SER A . n 
A 1 210 PHE 210 210 210 PHE PHE A . n 
A 1 211 SER 211 211 211 SER SER A . n 
A 1 212 LYS 212 212 212 LYS LYS A . n 
A 1 213 LYS 213 213 213 LYS LYS A . n 
A 1 214 TYR 214 214 214 TYR TYR A . n 
A 1 215 LYS 215 215 215 LYS LYS A . n 
A 1 216 PHE 216 216 216 PHE PHE A . n 
A 1 217 PRO 217 217 217 PRO PRO A . n 
A 1 218 SER 218 218 218 SER SER A . n 
A 1 219 ARG 219 219 219 ARG ARG A . n 
A 1 220 SER 220 220 220 SER SER A . n 
A 1 221 SER 221 221 221 SER SER A . n 
A 1 222 GLY 222 222 222 GLY GLY A . n 
A 1 223 ILE 223 223 223 ILE ILE A . n 
A 1 224 PHE 224 224 224 PHE PHE A . n 
A 1 225 LEU 225 225 225 LEU LEU A . n 
A 1 226 TRP 226 226 226 TRP TRP A . n 
A 1 227 ASN 227 227 227 ASN ASN A . n 
A 1 228 PHE 228 228 228 PHE PHE A . n 
A 1 229 GLU 229 229 229 GLU GLU A . n 
A 1 230 GLN 230 230 230 GLN GLN A . n 
A 1 231 LEU 231 231 231 LEU LEU A . n 
A 1 232 LYS 232 232 232 LYS LYS A . n 
A 1 233 MET 233 233 233 MET MET A . n 
A 1 234 ASN 234 234 234 ASN ASN A . n 
A 1 235 LEU 235 235 235 LEU LEU A . n 
A 1 236 ASP 236 236 236 ASP ASP A . n 
A 1 237 ASP 237 237 237 ASP ASP A . n 
A 1 238 ILE 238 238 238 ILE ILE A . n 
A 1 239 VAL 239 239 239 VAL VAL A . n 
A 1 240 LYS 240 240 240 LYS LYS A . n 
A 1 241 ALA 241 241 241 ALA ALA A . n 
A 1 242 ALA 242 242 242 ALA ALA A . n 
A 1 243 MET 243 243 243 MET MET A . n 
A 1 244 ASN 244 244 244 ASN ASN A . n 
A 1 245 VAL 245 245 245 VAL VAL A . n 
A 1 246 PRO 246 246 246 PRO PRO A . n 
A 1 247 GLY 247 247 247 GLY GLY A . n 
A 1 248 VAL 248 248 248 VAL VAL A . n 
A 1 249 GLU 249 249 249 GLU GLU A . n 
A 1 250 ARG 250 250 250 ARG ARG A . n 
A 1 251 ILE 251 251 251 ILE ILE A . n 
A 1 252 ALA 252 252 252 ALA ALA A . n 
A 1 253 GLU 253 253 253 GLU GLU A . n 
A 1 254 LYS 254 254 254 LYS LYS A . n 
A 1 255 GLY 255 255 255 GLY GLY A . n 
A 1 256 GLY 256 256 256 GLY GLY A . n 
A 1 257 LYS 257 257 257 LYS LYS A . n 
A 1 258 LEU 258 258 258 LEU LEU A . n 
A 1 259 PRO 259 259 259 PRO PRO A . n 
A 1 260 LEU 260 260 260 LEU LEU A . n 
A 1 261 ARG 261 261 261 ARG ARG A . n 
A 1 262 CYS 262 262 262 CYS CYS A . n 
A 1 263 ILE 263 263 263 ILE ILE A . n 
A 1 264 LEU 264 264 264 LEU LEU A . n 
A 1 265 GLY 265 265 265 GLY GLY A . n 
A 1 266 PHE 266 266 266 PHE PHE A . n 
A 1 267 VAL 267 267 267 VAL VAL A . n 
A 1 268 ALA 268 268 268 ALA ALA A . n 
A 1 269 LEU 269 269 269 LEU LEU A . n 
A 1 270 ASP 270 270 270 ASP ASP A . n 
A 1 271 SER 271 271 271 SER SER A . n 
A 1 272 SER 272 272 272 SER SER A . n 
A 1 273 LYS 273 273 273 LYS LYS A . n 
A 1 274 ARG 274 274 274 ARG ARG A . n 
A 1 275 PHE 275 275 275 PHE PHE A . n 
A 1 276 ARG 276 276 276 ARG ARG A . n 
A 1 277 LEU 277 277 277 LEU LEU A . n 
A 1 278 LEU 278 278 278 LEU LEU A . n 
A 1 279 ALA 279 279 279 ALA ALA A . n 
A 1 280 ASP 280 280 280 ASP ASP A . n 
A 1 281 ASN 281 281 281 ASN ASN A . n 
A 1 282 ASP 282 282 282 ASP ASP A . n 
A 1 283 LYS 283 283 283 LYS LYS A . n 
A 1 284 VAL 284 284 284 VAL VAL A . n 
A 1 285 ALA 285 285 285 ALA ALA A . n 
A 1 286 ARG 286 286 286 ARG ARG A . n 
A 1 287 LEU 287 287 287 LEU LEU A . n 
A 1 288 ILE 288 288 288 ILE ILE A . n 
A 1 289 GLN 289 289 289 GLN GLN A . n 
A 1 290 GLU 290 290 290 GLU GLU A . n 
A 1 291 ASP 291 291 291 ASP ASP A . n 
A 1 292 ILE 292 292 292 ILE ILE A . n 
A 1 293 ASN 293 293 293 ASN ASN A . n 
A 1 294 SER 294 294 294 SER SER A . n 
A 1 295 TYR 295 295 295 TYR TYR A . n 
A 1 296 MET 296 296 296 MET MET A . n 
A 1 297 ALA 297 297 297 ALA ALA A . n 
A 1 298 ARG 298 298 298 ARG ARG A . n 
A 1 299 LEU 299 299 299 LEU LEU A . n 
A 1 300 GLU 300 300 300 GLU GLU A . n 
A 1 301 GLU 301 301 301 GLU GLU A . n 
A 1 302 ALA 302 302 302 ALA ALA A . n 
A 1 303 GLU 303 303 303 GLU GLU A . n 
# 
loop_
_pdbx_nonpoly_scheme.asym_id 
_pdbx_nonpoly_scheme.entity_id 
_pdbx_nonpoly_scheme.mon_id 
_pdbx_nonpoly_scheme.ndb_seq_num 
_pdbx_nonpoly_scheme.pdb_seq_num 
_pdbx_nonpoly_scheme.auth_seq_num 
_pdbx_nonpoly_scheme.pdb_mon_id 
_pdbx_nonpoly_scheme.auth_mon_id 
_pdbx_nonpoly_scheme.pdb_strand_id 
_pdbx_nonpoly_scheme.pdb_ins_code 
B 2 GOL 1  1304 1304 GOL GOL A . 
C 3 HOH 1  2001 2001 HOH HOH A . 
C 3 HOH 2  2002 2002 HOH HOH A . 
C 3 HOH 3  2003 2003 HOH HOH A . 
C 3 HOH 4  2004 2004 HOH HOH A . 
C 3 HOH 5  2005 2005 HOH HOH A . 
C 3 HOH 6  2006 2006 HOH HOH A . 
C 3 HOH 7  2007 2007 HOH HOH A . 
C 3 HOH 8  2008 2008 HOH HOH A . 
C 3 HOH 9  2009 2009 HOH HOH A . 
C 3 HOH 10 2010 2010 HOH HOH A . 
C 3 HOH 11 2011 2011 HOH HOH A . 
C 3 HOH 12 2012 2012 HOH HOH A . 
C 3 HOH 13 2013 2013 HOH HOH A . 
C 3 HOH 14 2014 2014 HOH HOH A . 
C 3 HOH 15 2015 2015 HOH HOH A . 
C 3 HOH 16 2016 2016 HOH HOH A . 
C 3 HOH 17 2017 2017 HOH HOH A . 
C 3 HOH 18 2018 2018 HOH HOH A . 
C 3 HOH 19 2019 2019 HOH HOH A . 
C 3 HOH 20 2020 2020 HOH HOH A . 
C 3 HOH 21 2021 2021 HOH HOH A . 
C 3 HOH 22 2022 2022 HOH HOH A . 
C 3 HOH 23 2023 2023 HOH HOH A . 
C 3 HOH 24 2024 2024 HOH HOH A . 
C 3 HOH 25 2025 2025 HOH HOH A . 
C 3 HOH 26 2026 2026 HOH HOH A . 
C 3 HOH 27 2027 2027 HOH HOH A . 
C 3 HOH 28 2028 2028 HOH HOH A . 
C 3 HOH 29 2029 2029 HOH HOH A . 
C 3 HOH 30 2030 2030 HOH HOH A . 
C 3 HOH 31 2031 2031 HOH HOH A . 
C 3 HOH 32 2032 2032 HOH HOH A . 
C 3 HOH 33 2033 2033 HOH HOH A . 
C 3 HOH 34 2034 2034 HOH HOH A . 
C 3 HOH 35 2035 2035 HOH HOH A . 
C 3 HOH 36 2036 2036 HOH HOH A . 
C 3 HOH 37 2037 2037 HOH HOH A . 
C 3 HOH 38 2038 2038 HOH HOH A . 
C 3 HOH 39 2039 2039 HOH HOH A . 
C 3 HOH 40 2040 2040 HOH HOH A . 
C 3 HOH 41 2041 2041 HOH HOH A . 
C 3 HOH 42 2042 2042 HOH HOH A . 
C 3 HOH 43 2043 2043 HOH HOH A . 
C 3 HOH 44 2044 2044 HOH HOH A . 
C 3 HOH 45 2045 2045 HOH HOH A . 
C 3 HOH 46 2046 2046 HOH HOH A . 
C 3 HOH 47 2047 2047 HOH HOH A . 
C 3 HOH 48 2048 2048 HOH HOH A . 
C 3 HOH 49 2049 2049 HOH HOH A . 
C 3 HOH 50 2050 2050 HOH HOH A . 
C 3 HOH 51 2051 2051 HOH HOH A . 
# 
_pdbx_struct_assembly.id                   1 
_pdbx_struct_assembly.details              software_defined_assembly 
_pdbx_struct_assembly.method_details       PISA 
_pdbx_struct_assembly.oligomeric_details   monomeric 
_pdbx_struct_assembly.oligomeric_count     1 
# 
_pdbx_struct_assembly_gen.assembly_id       1 
_pdbx_struct_assembly_gen.oper_expression   1 
_pdbx_struct_assembly_gen.asym_id_list      A,B,C 
# 
_pdbx_struct_oper_list.id                   1 
_pdbx_struct_oper_list.type                 'identity operation' 
_pdbx_struct_oper_list.name                 1_555 
_pdbx_struct_oper_list.symmetry_operation   x,y,z 
_pdbx_struct_oper_list.matrix[1][1]         1.0000000000 
_pdbx_struct_oper_list.matrix[1][2]         0.0000000000 
_pdbx_struct_oper_list.matrix[1][3]         0.0000000000 
_pdbx_struct_oper_list.vector[1]            0.0000000000 
_pdbx_struct_oper_list.matrix[2][1]         0.0000000000 
_pdbx_struct_oper_list.matrix[2][2]         1.0000000000 
_pdbx_struct_oper_list.matrix[2][3]         0.0000000000 
_pdbx_struct_oper_list.vector[2]            0.0000000000 
_pdbx_struct_oper_list.matrix[3][1]         0.0000000000 
_pdbx_struct_oper_list.matrix[3][2]         0.0000000000 
_pdbx_struct_oper_list.matrix[3][3]         1.0000000000 
_pdbx_struct_oper_list.vector[3]            0.0000000000 
# 
loop_
_pdbx_audit_revision_history.ordinal 
_pdbx_audit_revision_history.data_content_type 
_pdbx_audit_revision_history.major_revision 
_pdbx_audit_revision_history.minor_revision 
_pdbx_audit_revision_history.revision_date 
1 'Structure model' 1 0 2009-12-15 
2 'Structure model' 1 1 2011-07-13 
3 'Structure model' 1 2 2023-12-20 
# 
_pdbx_audit_revision_details.ordinal             1 
_pdbx_audit_revision_details.revision_ordinal    1 
_pdbx_audit_revision_details.data_content_type   'Structure model' 
_pdbx_audit_revision_details.provider            repository 
_pdbx_audit_revision_details.type                'Initial release' 
_pdbx_audit_revision_details.description         ? 
_pdbx_audit_revision_details.details             ? 
# 
loop_
_pdbx_audit_revision_group.ordinal 
_pdbx_audit_revision_group.revision_ordinal 
_pdbx_audit_revision_group.data_content_type 
_pdbx_audit_revision_group.group 
1 2 'Structure model' Advisory                    
2 2 'Structure model' 'Version format compliance' 
3 3 'Structure model' 'Data collection'           
4 3 'Structure model' 'Database references'       
5 3 'Structure model' 'Derived calculations'      
6 3 'Structure model' Other                       
7 3 'Structure model' 'Refinement description'    
# 
loop_
_pdbx_audit_revision_category.ordinal 
_pdbx_audit_revision_category.revision_ordinal 
_pdbx_audit_revision_category.data_content_type 
_pdbx_audit_revision_category.category 
1 3 'Structure model' chem_comp_atom                
2 3 'Structure model' chem_comp_bond                
3 3 'Structure model' database_2                    
4 3 'Structure model' pdbx_database_status          
5 3 'Structure model' pdbx_initial_refinement_model 
6 3 'Structure model' struct_site                   
# 
loop_
_pdbx_audit_revision_item.ordinal 
_pdbx_audit_revision_item.revision_ordinal 
_pdbx_audit_revision_item.data_content_type 
_pdbx_audit_revision_item.item 
1 3 'Structure model' '_database_2.pdbx_DOI'                 
2 3 'Structure model' '_database_2.pdbx_database_accession'  
3 3 'Structure model' '_pdbx_database_status.status_code_sf' 
4 3 'Structure model' '_struct_site.pdbx_auth_asym_id'       
5 3 'Structure model' '_struct_site.pdbx_auth_comp_id'       
6 3 'Structure model' '_struct_site.pdbx_auth_seq_id'        
# 
loop_
_pdbx_refine_tls.pdbx_refine_id 
_pdbx_refine_tls.id 
_pdbx_refine_tls.details 
_pdbx_refine_tls.method 
_pdbx_refine_tls.origin_x 
_pdbx_refine_tls.origin_y 
_pdbx_refine_tls.origin_z 
_pdbx_refine_tls.T[1][1] 
_pdbx_refine_tls.T[2][2] 
_pdbx_refine_tls.T[3][3] 
_pdbx_refine_tls.T[1][2] 
_pdbx_refine_tls.T[1][3] 
_pdbx_refine_tls.T[2][3] 
_pdbx_refine_tls.L[1][1] 
_pdbx_refine_tls.L[2][2] 
_pdbx_refine_tls.L[3][3] 
_pdbx_refine_tls.L[1][2] 
_pdbx_refine_tls.L[1][3] 
_pdbx_refine_tls.L[2][3] 
_pdbx_refine_tls.S[1][1] 
_pdbx_refine_tls.S[1][2] 
_pdbx_refine_tls.S[1][3] 
_pdbx_refine_tls.S[2][1] 
_pdbx_refine_tls.S[2][2] 
_pdbx_refine_tls.S[2][3] 
_pdbx_refine_tls.S[3][1] 
_pdbx_refine_tls.S[3][2] 
_pdbx_refine_tls.S[3][3] 
'X-RAY DIFFRACTION' 1 ? refined 2.6783  -1.0104 -3.1108 0.0249 0.1145 0.0790 0.0312 0.0184 -0.0162 2.8374 3.2752 2.3894 1.2293 -0.4903 -0.7829 -0.1412 0.0781  -0.0434 -0.0245 0.1279  -0.0997 0.0372  0.1542  0.0133  
'X-RAY DIFFRACTION' 2 ? refined 1.7071  -0.6438 0.6008  0.0543 0.0730 0.0598 0.0423 0.0243 0.0103  5.9918 2.7434 2.7399 1.2101 1.2404  0.4059  0.1136  0.0097  -0.1551 0.1342  0.0069  -0.0562 0.1974  0.0503  -0.1205 
'X-RAY DIFFRACTION' 3 ? refined -5.7464 3.2838  5.5063  0.0573 0.1143 0.1051 0.0469 0.0367 -0.0033 6.6901 2.7852 1.4555 3.4258 0.4273  0.6994  0.1378  -0.5109 0.1820  0.2276  -0.1211 0.0838  -0.0352 -0.1467 -0.0168  
# 
loop_
_pdbx_refine_tls_group.pdbx_refine_id 
_pdbx_refine_tls_group.id 
_pdbx_refine_tls_group.refine_tls_id 
_pdbx_refine_tls_group.beg_auth_asym_id 
_pdbx_refine_tls_group.beg_auth_seq_id 
_pdbx_refine_tls_group.beg_label_asym_id 
_pdbx_refine_tls_group.beg_label_seq_id 
_pdbx_refine_tls_group.end_auth_asym_id 
_pdbx_refine_tls_group.end_auth_seq_id 
_pdbx_refine_tls_group.end_label_asym_id 
_pdbx_refine_tls_group.end_label_seq_id 
_pdbx_refine_tls_group.selection 
_pdbx_refine_tls_group.selection_details 
'X-RAY DIFFRACTION' 1 1 A 197 ? ? A 252 ? ? ? ? 
'X-RAY DIFFRACTION' 2 2 A 253 ? ? A 275 ? ? ? ? 
'X-RAY DIFFRACTION' 3 3 A 276 ? ? A 303 ? ? ? ? 
# 
loop_
_software.name 
_software.classification 
_software.version 
_software.citation_id 
_software.pdbx_ordinal 
REFMAC    refinement       5.5.0088 ? 1 
DENZO     'data reduction' .        ? 2 
SCALEPACK 'data scaling'   .        ? 3 
MOLREP    phasing          .        ? 4 
# 
_pdbx_validate_torsion.id              1 
_pdbx_validate_torsion.PDB_model_num   1 
_pdbx_validate_torsion.auth_comp_id    SER 
_pdbx_validate_torsion.auth_asym_id    A 
_pdbx_validate_torsion.auth_seq_id     220 
_pdbx_validate_torsion.PDB_ins_code    ? 
_pdbx_validate_torsion.label_alt_id    ? 
_pdbx_validate_torsion.phi             -69.28 
_pdbx_validate_torsion.psi             -105.10 
# 
loop_
_pdbx_unobs_or_zero_occ_residues.id 
_pdbx_unobs_or_zero_occ_residues.PDB_model_num 
_pdbx_unobs_or_zero_occ_residues.polymer_flag 
_pdbx_unobs_or_zero_occ_residues.occupancy_flag 
_pdbx_unobs_or_zero_occ_residues.auth_asym_id 
_pdbx_unobs_or_zero_occ_residues.auth_comp_id 
_pdbx_unobs_or_zero_occ_residues.auth_seq_id 
_pdbx_unobs_or_zero_occ_residues.PDB_ins_code 
_pdbx_unobs_or_zero_occ_residues.label_asym_id 
_pdbx_unobs_or_zero_occ_residues.label_comp_id 
_pdbx_unobs_or_zero_occ_residues.label_seq_id 
1   1 Y 1 A MET 1   ? A MET 1   
2   1 Y 1 A SER 2   ? A SER 2   
3   1 Y 1 A LYS 3   ? A LYS 3   
4   1 Y 1 A ASP 4   ? A ASP 4   
5   1 Y 1 A LEU 5   ? A LEU 5   
6   1 Y 1 A VAL 6   ? A VAL 6   
7   1 Y 1 A HIS 7   ? A HIS 7   
8   1 Y 1 A PRO 8   ? A PRO 8   
9   1 Y 1 A SER 9   ? A SER 9   
10  1 Y 1 A LEU 10  ? A LEU 10  
11  1 Y 1 A ILE 11  ? A ILE 11  
12  1 Y 1 A ARG 12  ? A ARG 12  
13  1 Y 1 A ALA 13  ? A ALA 13  
14  1 Y 1 A GLY 14  ? A GLY 14  
15  1 Y 1 A ILE 15  ? A ILE 15  
16  1 Y 1 A VAL 16  ? A VAL 16  
17  1 Y 1 A GLU 17  ? A GLU 17  
18  1 Y 1 A LEU 18  ? A LEU 18  
19  1 Y 1 A GLU 19  ? A GLU 19  
20  1 Y 1 A MET 20  ? A MET 20  
21  1 Y 1 A ALA 21  ? A ALA 21  
22  1 Y 1 A GLU 22  ? A GLU 22  
23  1 Y 1 A GLU 23  ? A GLU 23  
24  1 Y 1 A THR 24  ? A THR 24  
25  1 Y 1 A THR 25  ? A THR 25  
26  1 Y 1 A ASP 26  ? A ASP 26  
27  1 Y 1 A LEU 27  ? A LEU 27  
28  1 Y 1 A ILE 28  ? A ILE 28  
29  1 Y 1 A ASN 29  ? A ASN 29  
30  1 Y 1 A ARG 30  ? A ARG 30  
31  1 Y 1 A THR 31  ? A THR 31  
32  1 Y 1 A ILE 32  ? A ILE 32  
33  1 Y 1 A GLU 33  ? A GLU 33  
34  1 Y 1 A SER 34  ? A SER 34  
35  1 Y 1 A ASN 35  ? A ASN 35  
36  1 Y 1 A GLN 36  ? A GLN 36  
37  1 Y 1 A ALA 37  ? A ALA 37  
38  1 Y 1 A HIS 38  ? A HIS 38  
39  1 Y 1 A LEU 39  ? A LEU 39  
40  1 Y 1 A GLN 40  ? A GLN 40  
41  1 Y 1 A GLY 41  ? A GLY 41  
42  1 Y 1 A GLU 42  ? A GLU 42  
43  1 Y 1 A PRO 43  ? A PRO 43  
44  1 Y 1 A LEU 44  ? A LEU 44  
45  1 Y 1 A TYR 45  ? A TYR 45  
46  1 Y 1 A VAL 46  ? A VAL 46  
47  1 Y 1 A ASP 47  ? A ASP 47  
48  1 Y 1 A SER 48  ? A SER 48  
49  1 Y 1 A LEU 49  ? A LEU 49  
50  1 Y 1 A PRO 50  ? A PRO 50  
51  1 Y 1 A GLU 51  ? A GLU 51  
52  1 Y 1 A ASP 52  ? A ASP 52  
53  1 Y 1 A MET 53  ? A MET 53  
54  1 Y 1 A SER 54  ? A SER 54  
55  1 Y 1 A ARG 55  ? A ARG 55  
56  1 Y 1 A LEU 56  ? A LEU 56  
57  1 Y 1 A ARG 57  ? A ARG 57  
58  1 Y 1 A ILE 58  ? A ILE 58  
59  1 Y 1 A GLU 59  ? A GLU 59  
60  1 Y 1 A ASP 60  ? A ASP 60  
61  1 Y 1 A LYS 61  ? A LYS 61  
62  1 Y 1 A SER 62  ? A SER 62  
63  1 Y 1 A ARG 63  ? A ARG 63  
64  1 Y 1 A ARG 64  ? A ARG 64  
65  1 Y 1 A THR 65  ? A THR 65  
66  1 Y 1 A LYS 66  ? A LYS 66  
67  1 Y 1 A THR 67  ? A THR 67  
68  1 Y 1 A GLU 68  ? A GLU 68  
69  1 Y 1 A GLU 69  ? A GLU 69  
70  1 Y 1 A GLU 70  ? A GLU 70  
71  1 Y 1 A GLU 71  ? A GLU 71  
72  1 Y 1 A ARG 72  ? A ARG 72  
73  1 Y 1 A ASP 73  ? A ASP 73  
74  1 Y 1 A GLU 74  ? A GLU 74  
75  1 Y 1 A GLY 75  ? A GLY 75  
76  1 Y 1 A SER 76  ? A SER 76  
77  1 Y 1 A SER 77  ? A SER 77  
78  1 Y 1 A GLU 78  ? A GLU 78  
79  1 Y 1 A GLU 79  ? A GLU 79  
80  1 Y 1 A ASP 80  ? A ASP 80  
81  1 Y 1 A ASN 81  ? A ASN 81  
82  1 Y 1 A TYR 82  ? A TYR 82  
83  1 Y 1 A LEU 83  ? A LEU 83  
84  1 Y 1 A SER 84  ? A SER 84  
85  1 Y 1 A GLU 85  ? A GLU 85  
86  1 Y 1 A GLY 86  ? A GLY 86  
87  1 Y 1 A GLN 87  ? A GLN 87  
88  1 Y 1 A ASP 88  ? A ASP 88  
89  1 Y 1 A PRO 89  ? A PRO 89  
90  1 Y 1 A LEU 90  ? A LEU 90  
91  1 Y 1 A ILE 91  ? A ILE 91  
92  1 Y 1 A PRO 92  ? A PRO 92  
93  1 Y 1 A PHE 93  ? A PHE 93  
94  1 Y 1 A GLN 94  ? A GLN 94  
95  1 Y 1 A ASN 95  ? A ASN 95  
96  1 Y 1 A PHE 96  ? A PHE 96  
97  1 Y 1 A LEU 97  ? A LEU 97  
98  1 Y 1 A ASP 98  ? A ASP 98  
99  1 Y 1 A GLU 99  ? A GLU 99  
100 1 Y 1 A ILE 100 ? A ILE 100 
101 1 Y 1 A GLY 101 ? A GLY 101 
102 1 Y 1 A ALA 102 ? A ALA 102 
103 1 Y 1 A ARG 103 ? A ARG 103 
104 1 Y 1 A ALA 104 ? A ALA 104 
105 1 Y 1 A VAL 105 ? A VAL 105 
106 1 Y 1 A LYS 106 ? A LYS 106 
107 1 Y 1 A ARG 107 ? A ARG 107 
108 1 Y 1 A LEU 108 ? A LEU 108 
109 1 Y 1 A LYS 109 ? A LYS 109 
110 1 Y 1 A THR 110 ? A THR 110 
111 1 Y 1 A GLY 111 ? A GLY 111 
112 1 Y 1 A GLU 112 ? A GLU 112 
113 1 Y 1 A GLY 113 ? A GLY 113 
114 1 Y 1 A PHE 114 ? A PHE 114 
115 1 Y 1 A PHE 115 ? A PHE 115 
116 1 Y 1 A ARG 116 ? A ARG 116 
117 1 Y 1 A VAL 117 ? A VAL 117 
118 1 Y 1 A TRP 118 ? A TRP 118 
119 1 Y 1 A SER 119 ? A SER 119 
120 1 Y 1 A ALA 120 ? A ALA 120 
121 1 Y 1 A LEU 121 ? A LEU 121 
122 1 Y 1 A SER 122 ? A SER 122 
123 1 Y 1 A ASP 123 ? A ASP 123 
124 1 Y 1 A ASP 124 ? A ASP 124 
125 1 Y 1 A ILE 125 ? A ILE 125 
126 1 Y 1 A LYS 126 ? A LYS 126 
127 1 Y 1 A GLY 127 ? A GLY 127 
128 1 Y 1 A TYR 128 ? A TYR 128 
129 1 Y 1 A VAL 129 ? A VAL 129 
130 1 Y 1 A SER 130 ? A SER 130 
131 1 Y 1 A THR 131 ? A THR 131 
132 1 Y 1 A ASN 132 ? A ASN 132 
133 1 Y 1 A ILE 133 ? A ILE 133 
134 1 Y 1 A MET 134 ? A MET 134 
135 1 Y 1 A THR 135 ? A THR 135 
136 1 Y 1 A SER 136 ? A SER 136 
137 1 Y 1 A GLY 137 ? A GLY 137 
138 1 Y 1 A GLU 138 ? A GLU 138 
139 1 Y 1 A ARG 139 ? A ARG 139 
140 1 Y 1 A ASP 140 ? A ASP 140 
141 1 Y 1 A THR 141 ? A THR 141 
142 1 Y 1 A LYS 142 ? A LYS 142 
143 1 Y 1 A SER 143 ? A SER 143 
144 1 Y 1 A ILE 144 ? A ILE 144 
145 1 Y 1 A GLN 145 ? A GLN 145 
146 1 Y 1 A ILE 146 ? A ILE 146 
147 1 Y 1 A GLN 147 ? A GLN 147 
148 1 Y 1 A THR 148 ? A THR 148 
149 1 Y 1 A GLU 149 ? A GLU 149 
150 1 Y 1 A PRO 150 ? A PRO 150 
151 1 Y 1 A THR 151 ? A THR 151 
152 1 Y 1 A ALA 152 ? A ALA 152 
153 1 Y 1 A SER 153 ? A SER 153 
154 1 Y 1 A VAL 154 ? A VAL 154 
155 1 Y 1 A SER 155 ? A SER 155 
156 1 Y 1 A SER 156 ? A SER 156 
157 1 Y 1 A GLY 157 ? A GLY 157 
158 1 Y 1 A ASN 158 ? A ASN 158 
159 1 Y 1 A GLU 159 ? A GLU 159 
160 1 Y 1 A SER 160 ? A SER 160 
161 1 Y 1 A ARG 161 ? A ARG 161 
162 1 Y 1 A HIS 162 ? A HIS 162 
163 1 Y 1 A ASP 163 ? A ASP 163 
164 1 Y 1 A SER 164 ? A SER 164 
165 1 Y 1 A GLU 165 ? A GLU 165 
166 1 Y 1 A SER 166 ? A SER 166 
167 1 Y 1 A MET 167 ? A MET 167 
168 1 Y 1 A HIS 168 ? A HIS 168 
169 1 Y 1 A ASP 169 ? A ASP 169 
170 1 Y 1 A PRO 170 ? A PRO 170 
171 1 Y 1 A ASN 171 ? A ASN 171 
172 1 Y 1 A ASP 172 ? A ASP 172 
173 1 Y 1 A LYS 173 ? A LYS 173 
174 1 Y 1 A LYS 174 ? A LYS 174 
175 1 Y 1 A ASP 175 ? A ASP 175 
176 1 Y 1 A HIS 176 ? A HIS 176 
177 1 Y 1 A THR 177 ? A THR 177 
178 1 Y 1 A PRO 178 ? A PRO 178 
179 1 Y 1 A ASP 179 ? A ASP 179 
180 1 Y 1 A HIS 180 ? A HIS 180 
181 1 Y 1 A ASP 181 ? A ASP 181 
182 1 Y 1 A VAL 182 ? A VAL 182 
183 1 Y 1 A VAL 183 ? A VAL 183 
184 1 Y 1 A PRO 184 ? A PRO 184 
185 1 Y 1 A ASP 185 ? A ASP 185 
186 1 Y 1 A ILE 186 ? A ILE 186 
187 1 Y 1 A GLU 187 ? A GLU 187 
188 1 Y 1 A SER 188 ? A SER 188 
189 1 Y 1 A SER 189 ? A SER 189 
190 1 Y 1 A THR 190 ? A THR 190 
191 1 Y 1 A ASP 191 ? A ASP 191 
192 1 Y 1 A LYS 192 ? A LYS 192 
193 1 Y 1 A GLY 193 ? A GLY 193 
194 1 Y 1 A GLU 194 ? A GLU 194 
195 1 Y 1 A ILE 195 ? A ILE 195 
196 1 Y 1 A ARG 196 ? A ARG 196 
# 
loop_
_chem_comp_atom.comp_id 
_chem_comp_atom.atom_id 
_chem_comp_atom.type_symbol 
_chem_comp_atom.pdbx_aromatic_flag 
_chem_comp_atom.pdbx_stereo_config 
_chem_comp_atom.pdbx_ordinal 
ALA N    N N N 1   
ALA CA   C N S 2   
ALA C    C N N 3   
ALA O    O N N 4   
ALA CB   C N N 5   
ALA OXT  O N N 6   
ALA H    H N N 7   
ALA H2   H N N 8   
ALA HA   H N N 9   
ALA HB1  H N N 10  
ALA HB2  H N N 11  
ALA HB3  H N N 12  
ALA HXT  H N N 13  
ARG N    N N N 14  
ARG CA   C N S 15  
ARG C    C N N 16  
ARG O    O N N 17  
ARG CB   C N N 18  
ARG CG   C N N 19  
ARG CD   C N N 20  
ARG NE   N N N 21  
ARG CZ   C N N 22  
ARG NH1  N N N 23  
ARG NH2  N N N 24  
ARG OXT  O N N 25  
ARG H    H N N 26  
ARG H2   H N N 27  
ARG HA   H N N 28  
ARG HB2  H N N 29  
ARG HB3  H N N 30  
ARG HG2  H N N 31  
ARG HG3  H N N 32  
ARG HD2  H N N 33  
ARG HD3  H N N 34  
ARG HE   H N N 35  
ARG HH11 H N N 36  
ARG HH12 H N N 37  
ARG HH21 H N N 38  
ARG HH22 H N N 39  
ARG HXT  H N N 40  
ASN N    N N N 41  
ASN CA   C N S 42  
ASN C    C N N 43  
ASN O    O N N 44  
ASN CB   C N N 45  
ASN CG   C N N 46  
ASN OD1  O N N 47  
ASN ND2  N N N 48  
ASN OXT  O N N 49  
ASN H    H N N 50  
ASN H2   H N N 51  
ASN HA   H N N 52  
ASN HB2  H N N 53  
ASN HB3  H N N 54  
ASN HD21 H N N 55  
ASN HD22 H N N 56  
ASN HXT  H N N 57  
ASP N    N N N 58  
ASP CA   C N S 59  
ASP C    C N N 60  
ASP O    O N N 61  
ASP CB   C N N 62  
ASP CG   C N N 63  
ASP OD1  O N N 64  
ASP OD2  O N N 65  
ASP OXT  O N N 66  
ASP H    H N N 67  
ASP H2   H N N 68  
ASP HA   H N N 69  
ASP HB2  H N N 70  
ASP HB3  H N N 71  
ASP HD2  H N N 72  
ASP HXT  H N N 73  
CYS N    N N N 74  
CYS CA   C N R 75  
CYS C    C N N 76  
CYS O    O N N 77  
CYS CB   C N N 78  
CYS SG   S N N 79  
CYS OXT  O N N 80  
CYS H    H N N 81  
CYS H2   H N N 82  
CYS HA   H N N 83  
CYS HB2  H N N 84  
CYS HB3  H N N 85  
CYS HG   H N N 86  
CYS HXT  H N N 87  
GLN N    N N N 88  
GLN CA   C N S 89  
GLN C    C N N 90  
GLN O    O N N 91  
GLN CB   C N N 92  
GLN CG   C N N 93  
GLN CD   C N N 94  
GLN OE1  O N N 95  
GLN NE2  N N N 96  
GLN OXT  O N N 97  
GLN H    H N N 98  
GLN H2   H N N 99  
GLN HA   H N N 100 
GLN HB2  H N N 101 
GLN HB3  H N N 102 
GLN HG2  H N N 103 
GLN HG3  H N N 104 
GLN HE21 H N N 105 
GLN HE22 H N N 106 
GLN HXT  H N N 107 
GLU N    N N N 108 
GLU CA   C N S 109 
GLU C    C N N 110 
GLU O    O N N 111 
GLU CB   C N N 112 
GLU CG   C N N 113 
GLU CD   C N N 114 
GLU OE1  O N N 115 
GLU OE2  O N N 116 
GLU OXT  O N N 117 
GLU H    H N N 118 
GLU H2   H N N 119 
GLU HA   H N N 120 
GLU HB2  H N N 121 
GLU HB3  H N N 122 
GLU HG2  H N N 123 
GLU HG3  H N N 124 
GLU HE2  H N N 125 
GLU HXT  H N N 126 
GLY N    N N N 127 
GLY CA   C N N 128 
GLY C    C N N 129 
GLY O    O N N 130 
GLY OXT  O N N 131 
GLY H    H N N 132 
GLY H2   H N N 133 
GLY HA2  H N N 134 
GLY HA3  H N N 135 
GLY HXT  H N N 136 
GOL C1   C N N 137 
GOL O1   O N N 138 
GOL C2   C N N 139 
GOL O2   O N N 140 
GOL C3   C N N 141 
GOL O3   O N N 142 
GOL H11  H N N 143 
GOL H12  H N N 144 
GOL HO1  H N N 145 
GOL H2   H N N 146 
GOL HO2  H N N 147 
GOL H31  H N N 148 
GOL H32  H N N 149 
GOL HO3  H N N 150 
HIS N    N N N 151 
HIS CA   C N S 152 
HIS C    C N N 153 
HIS O    O N N 154 
HIS CB   C N N 155 
HIS CG   C Y N 156 
HIS ND1  N Y N 157 
HIS CD2  C Y N 158 
HIS CE1  C Y N 159 
HIS NE2  N Y N 160 
HIS OXT  O N N 161 
HIS H    H N N 162 
HIS H2   H N N 163 
HIS HA   H N N 164 
HIS HB2  H N N 165 
HIS HB3  H N N 166 
HIS HD1  H N N 167 
HIS HD2  H N N 168 
HIS HE1  H N N 169 
HIS HE2  H N N 170 
HIS HXT  H N N 171 
HOH O    O N N 172 
HOH H1   H N N 173 
HOH H2   H N N 174 
ILE N    N N N 175 
ILE CA   C N S 176 
ILE C    C N N 177 
ILE O    O N N 178 
ILE CB   C N S 179 
ILE CG1  C N N 180 
ILE CG2  C N N 181 
ILE CD1  C N N 182 
ILE OXT  O N N 183 
ILE H    H N N 184 
ILE H2   H N N 185 
ILE HA   H N N 186 
ILE HB   H N N 187 
ILE HG12 H N N 188 
ILE HG13 H N N 189 
ILE HG21 H N N 190 
ILE HG22 H N N 191 
ILE HG23 H N N 192 
ILE HD11 H N N 193 
ILE HD12 H N N 194 
ILE HD13 H N N 195 
ILE HXT  H N N 196 
LEU N    N N N 197 
LEU CA   C N S 198 
LEU C    C N N 199 
LEU O    O N N 200 
LEU CB   C N N 201 
LEU CG   C N N 202 
LEU CD1  C N N 203 
LEU CD2  C N N 204 
LEU OXT  O N N 205 
LEU H    H N N 206 
LEU H2   H N N 207 
LEU HA   H N N 208 
LEU HB2  H N N 209 
LEU HB3  H N N 210 
LEU HG   H N N 211 
LEU HD11 H N N 212 
LEU HD12 H N N 213 
LEU HD13 H N N 214 
LEU HD21 H N N 215 
LEU HD22 H N N 216 
LEU HD23 H N N 217 
LEU HXT  H N N 218 
LYS N    N N N 219 
LYS CA   C N S 220 
LYS C    C N N 221 
LYS O    O N N 222 
LYS CB   C N N 223 
LYS CG   C N N 224 
LYS CD   C N N 225 
LYS CE   C N N 226 
LYS NZ   N N N 227 
LYS OXT  O N N 228 
LYS H    H N N 229 
LYS H2   H N N 230 
LYS HA   H N N 231 
LYS HB2  H N N 232 
LYS HB3  H N N 233 
LYS HG2  H N N 234 
LYS HG3  H N N 235 
LYS HD2  H N N 236 
LYS HD3  H N N 237 
LYS HE2  H N N 238 
LYS HE3  H N N 239 
LYS HZ1  H N N 240 
LYS HZ2  H N N 241 
LYS HZ3  H N N 242 
LYS HXT  H N N 243 
MET N    N N N 244 
MET CA   C N S 245 
MET C    C N N 246 
MET O    O N N 247 
MET CB   C N N 248 
MET CG   C N N 249 
MET SD   S N N 250 
MET CE   C N N 251 
MET OXT  O N N 252 
MET H    H N N 253 
MET H2   H N N 254 
MET HA   H N N 255 
MET HB2  H N N 256 
MET HB3  H N N 257 
MET HG2  H N N 258 
MET HG3  H N N 259 
MET HE1  H N N 260 
MET HE2  H N N 261 
MET HE3  H N N 262 
MET HXT  H N N 263 
PHE N    N N N 264 
PHE CA   C N S 265 
PHE C    C N N 266 
PHE O    O N N 267 
PHE CB   C N N 268 
PHE CG   C Y N 269 
PHE CD1  C Y N 270 
PHE CD2  C Y N 271 
PHE CE1  C Y N 272 
PHE CE2  C Y N 273 
PHE CZ   C Y N 274 
PHE OXT  O N N 275 
PHE H    H N N 276 
PHE H2   H N N 277 
PHE HA   H N N 278 
PHE HB2  H N N 279 
PHE HB3  H N N 280 
PHE HD1  H N N 281 
PHE HD2  H N N 282 
PHE HE1  H N N 283 
PHE HE2  H N N 284 
PHE HZ   H N N 285 
PHE HXT  H N N 286 
PRO N    N N N 287 
PRO CA   C N S 288 
PRO C    C N N 289 
PRO O    O N N 290 
PRO CB   C N N 291 
PRO CG   C N N 292 
PRO CD   C N N 293 
PRO OXT  O N N 294 
PRO H    H N N 295 
PRO HA   H N N 296 
PRO HB2  H N N 297 
PRO HB3  H N N 298 
PRO HG2  H N N 299 
PRO HG3  H N N 300 
PRO HD2  H N N 301 
PRO HD3  H N N 302 
PRO HXT  H N N 303 
SER N    N N N 304 
SER CA   C N S 305 
SER C    C N N 306 
SER O    O N N 307 
SER CB   C N N 308 
SER OG   O N N 309 
SER OXT  O N N 310 
SER H    H N N 311 
SER H2   H N N 312 
SER HA   H N N 313 
SER HB2  H N N 314 
SER HB3  H N N 315 
SER HG   H N N 316 
SER HXT  H N N 317 
THR N    N N N 318 
THR CA   C N S 319 
THR C    C N N 320 
THR O    O N N 321 
THR CB   C N R 322 
THR OG1  O N N 323 
THR CG2  C N N 324 
THR OXT  O N N 325 
THR H    H N N 326 
THR H2   H N N 327 
THR HA   H N N 328 
THR HB   H N N 329 
THR HG1  H N N 330 
THR HG21 H N N 331 
THR HG22 H N N 332 
THR HG23 H N N 333 
THR HXT  H N N 334 
TRP N    N N N 335 
TRP CA   C N S 336 
TRP C    C N N 337 
TRP O    O N N 338 
TRP CB   C N N 339 
TRP CG   C Y N 340 
TRP CD1  C Y N 341 
TRP CD2  C Y N 342 
TRP NE1  N Y N 343 
TRP CE2  C Y N 344 
TRP CE3  C Y N 345 
TRP CZ2  C Y N 346 
TRP CZ3  C Y N 347 
TRP CH2  C Y N 348 
TRP OXT  O N N 349 
TRP H    H N N 350 
TRP H2   H N N 351 
TRP HA   H N N 352 
TRP HB2  H N N 353 
TRP HB3  H N N 354 
TRP HD1  H N N 355 
TRP HE1  H N N 356 
TRP HE3  H N N 357 
TRP HZ2  H N N 358 
TRP HZ3  H N N 359 
TRP HH2  H N N 360 
TRP HXT  H N N 361 
TYR N    N N N 362 
TYR CA   C N S 363 
TYR C    C N N 364 
TYR O    O N N 365 
TYR CB   C N N 366 
TYR CG   C Y N 367 
TYR CD1  C Y N 368 
TYR CD2  C Y N 369 
TYR CE1  C Y N 370 
TYR CE2  C Y N 371 
TYR CZ   C Y N 372 
TYR OH   O N N 373 
TYR OXT  O N N 374 
TYR H    H N N 375 
TYR H2   H N N 376 
TYR HA   H N N 377 
TYR HB2  H N N 378 
TYR HB3  H N N 379 
TYR HD1  H N N 380 
TYR HD2  H N N 381 
TYR HE1  H N N 382 
TYR HE2  H N N 383 
TYR HH   H N N 384 
TYR HXT  H N N 385 
VAL N    N N N 386 
VAL CA   C N S 387 
VAL C    C N N 388 
VAL O    O N N 389 
VAL CB   C N N 390 
VAL CG1  C N N 391 
VAL CG2  C N N 392 
VAL OXT  O N N 393 
VAL H    H N N 394 
VAL H2   H N N 395 
VAL HA   H N N 396 
VAL HB   H N N 397 
VAL HG11 H N N 398 
VAL HG12 H N N 399 
VAL HG13 H N N 400 
VAL HG21 H N N 401 
VAL HG22 H N N 402 
VAL HG23 H N N 403 
VAL HXT  H N N 404 
# 
loop_
_chem_comp_bond.comp_id 
_chem_comp_bond.atom_id_1 
_chem_comp_bond.atom_id_2 
_chem_comp_bond.value_order 
_chem_comp_bond.pdbx_aromatic_flag 
_chem_comp_bond.pdbx_stereo_config 
_chem_comp_bond.pdbx_ordinal 
ALA N   CA   sing N N 1   
ALA N   H    sing N N 2   
ALA N   H2   sing N N 3   
ALA CA  C    sing N N 4   
ALA CA  CB   sing N N 5   
ALA CA  HA   sing N N 6   
ALA C   O    doub N N 7   
ALA C   OXT  sing N N 8   
ALA CB  HB1  sing N N 9   
ALA CB  HB2  sing N N 10  
ALA CB  HB3  sing N N 11  
ALA OXT HXT  sing N N 12  
ARG N   CA   sing N N 13  
ARG N   H    sing N N 14  
ARG N   H2   sing N N 15  
ARG CA  C    sing N N 16  
ARG CA  CB   sing N N 17  
ARG CA  HA   sing N N 18  
ARG C   O    doub N N 19  
ARG C   OXT  sing N N 20  
ARG CB  CG   sing N N 21  
ARG CB  HB2  sing N N 22  
ARG CB  HB3  sing N N 23  
ARG CG  CD   sing N N 24  
ARG CG  HG2  sing N N 25  
ARG CG  HG3  sing N N 26  
ARG CD  NE   sing N N 27  
ARG CD  HD2  sing N N 28  
ARG CD  HD3  sing N N 29  
ARG NE  CZ   sing N N 30  
ARG NE  HE   sing N N 31  
ARG CZ  NH1  sing N N 32  
ARG CZ  NH2  doub N N 33  
ARG NH1 HH11 sing N N 34  
ARG NH1 HH12 sing N N 35  
ARG NH2 HH21 sing N N 36  
ARG NH2 HH22 sing N N 37  
ARG OXT HXT  sing N N 38  
ASN N   CA   sing N N 39  
ASN N   H    sing N N 40  
ASN N   H2   sing N N 41  
ASN CA  C    sing N N 42  
ASN CA  CB   sing N N 43  
ASN CA  HA   sing N N 44  
ASN C   O    doub N N 45  
ASN C   OXT  sing N N 46  
ASN CB  CG   sing N N 47  
ASN CB  HB2  sing N N 48  
ASN CB  HB3  sing N N 49  
ASN CG  OD1  doub N N 50  
ASN CG  ND2  sing N N 51  
ASN ND2 HD21 sing N N 52  
ASN ND2 HD22 sing N N 53  
ASN OXT HXT  sing N N 54  
ASP N   CA   sing N N 55  
ASP N   H    sing N N 56  
ASP N   H2   sing N N 57  
ASP CA  C    sing N N 58  
ASP CA  CB   sing N N 59  
ASP CA  HA   sing N N 60  
ASP C   O    doub N N 61  
ASP C   OXT  sing N N 62  
ASP CB  CG   sing N N 63  
ASP CB  HB2  sing N N 64  
ASP CB  HB3  sing N N 65  
ASP CG  OD1  doub N N 66  
ASP CG  OD2  sing N N 67  
ASP OD2 HD2  sing N N 68  
ASP OXT HXT  sing N N 69  
CYS N   CA   sing N N 70  
CYS N   H    sing N N 71  
CYS N   H2   sing N N 72  
CYS CA  C    sing N N 73  
CYS CA  CB   sing N N 74  
CYS CA  HA   sing N N 75  
CYS C   O    doub N N 76  
CYS C   OXT  sing N N 77  
CYS CB  SG   sing N N 78  
CYS CB  HB2  sing N N 79  
CYS CB  HB3  sing N N 80  
CYS SG  HG   sing N N 81  
CYS OXT HXT  sing N N 82  
GLN N   CA   sing N N 83  
GLN N   H    sing N N 84  
GLN N   H2   sing N N 85  
GLN CA  C    sing N N 86  
GLN CA  CB   sing N N 87  
GLN CA  HA   sing N N 88  
GLN C   O    doub N N 89  
GLN C   OXT  sing N N 90  
GLN CB  CG   sing N N 91  
GLN CB  HB2  sing N N 92  
GLN CB  HB3  sing N N 93  
GLN CG  CD   sing N N 94  
GLN CG  HG2  sing N N 95  
GLN CG  HG3  sing N N 96  
GLN CD  OE1  doub N N 97  
GLN CD  NE2  sing N N 98  
GLN NE2 HE21 sing N N 99  
GLN NE2 HE22 sing N N 100 
GLN OXT HXT  sing N N 101 
GLU N   CA   sing N N 102 
GLU N   H    sing N N 103 
GLU N   H2   sing N N 104 
GLU CA  C    sing N N 105 
GLU CA  CB   sing N N 106 
GLU CA  HA   sing N N 107 
GLU C   O    doub N N 108 
GLU C   OXT  sing N N 109 
GLU CB  CG   sing N N 110 
GLU CB  HB2  sing N N 111 
GLU CB  HB3  sing N N 112 
GLU CG  CD   sing N N 113 
GLU CG  HG2  sing N N 114 
GLU CG  HG3  sing N N 115 
GLU CD  OE1  doub N N 116 
GLU CD  OE2  sing N N 117 
GLU OE2 HE2  sing N N 118 
GLU OXT HXT  sing N N 119 
GLY N   CA   sing N N 120 
GLY N   H    sing N N 121 
GLY N   H2   sing N N 122 
GLY CA  C    sing N N 123 
GLY CA  HA2  sing N N 124 
GLY CA  HA3  sing N N 125 
GLY C   O    doub N N 126 
GLY C   OXT  sing N N 127 
GLY OXT HXT  sing N N 128 
GOL C1  O1   sing N N 129 
GOL C1  C2   sing N N 130 
GOL C1  H11  sing N N 131 
GOL C1  H12  sing N N 132 
GOL O1  HO1  sing N N 133 
GOL C2  O2   sing N N 134 
GOL C2  C3   sing N N 135 
GOL C2  H2   sing N N 136 
GOL O2  HO2  sing N N 137 
GOL C3  O3   sing N N 138 
GOL C3  H31  sing N N 139 
GOL C3  H32  sing N N 140 
GOL O3  HO3  sing N N 141 
HIS N   CA   sing N N 142 
HIS N   H    sing N N 143 
HIS N   H2   sing N N 144 
HIS CA  C    sing N N 145 
HIS CA  CB   sing N N 146 
HIS CA  HA   sing N N 147 
HIS C   O    doub N N 148 
HIS C   OXT  sing N N 149 
HIS CB  CG   sing N N 150 
HIS CB  HB2  sing N N 151 
HIS CB  HB3  sing N N 152 
HIS CG  ND1  sing Y N 153 
HIS CG  CD2  doub Y N 154 
HIS ND1 CE1  doub Y N 155 
HIS ND1 HD1  sing N N 156 
HIS CD2 NE2  sing Y N 157 
HIS CD2 HD2  sing N N 158 
HIS CE1 NE2  sing Y N 159 
HIS CE1 HE1  sing N N 160 
HIS NE2 HE2  sing N N 161 
HIS OXT HXT  sing N N 162 
HOH O   H1   sing N N 163 
HOH O   H2   sing N N 164 
ILE N   CA   sing N N 165 
ILE N   H    sing N N 166 
ILE N   H2   sing N N 167 
ILE CA  C    sing N N 168 
ILE CA  CB   sing N N 169 
ILE CA  HA   sing N N 170 
ILE C   O    doub N N 171 
ILE C   OXT  sing N N 172 
ILE CB  CG1  sing N N 173 
ILE CB  CG2  sing N N 174 
ILE CB  HB   sing N N 175 
ILE CG1 CD1  sing N N 176 
ILE CG1 HG12 sing N N 177 
ILE CG1 HG13 sing N N 178 
ILE CG2 HG21 sing N N 179 
ILE CG2 HG22 sing N N 180 
ILE CG2 HG23 sing N N 181 
ILE CD1 HD11 sing N N 182 
ILE CD1 HD12 sing N N 183 
ILE CD1 HD13 sing N N 184 
ILE OXT HXT  sing N N 185 
LEU N   CA   sing N N 186 
LEU N   H    sing N N 187 
LEU N   H2   sing N N 188 
LEU CA  C    sing N N 189 
LEU CA  CB   sing N N 190 
LEU CA  HA   sing N N 191 
LEU C   O    doub N N 192 
LEU C   OXT  sing N N 193 
LEU CB  CG   sing N N 194 
LEU CB  HB2  sing N N 195 
LEU CB  HB3  sing N N 196 
LEU CG  CD1  sing N N 197 
LEU CG  CD2  sing N N 198 
LEU CG  HG   sing N N 199 
LEU CD1 HD11 sing N N 200 
LEU CD1 HD12 sing N N 201 
LEU CD1 HD13 sing N N 202 
LEU CD2 HD21 sing N N 203 
LEU CD2 HD22 sing N N 204 
LEU CD2 HD23 sing N N 205 
LEU OXT HXT  sing N N 206 
LYS N   CA   sing N N 207 
LYS N   H    sing N N 208 
LYS N   H2   sing N N 209 
LYS CA  C    sing N N 210 
LYS CA  CB   sing N N 211 
LYS CA  HA   sing N N 212 
LYS C   O    doub N N 213 
LYS C   OXT  sing N N 214 
LYS CB  CG   sing N N 215 
LYS CB  HB2  sing N N 216 
LYS CB  HB3  sing N N 217 
LYS CG  CD   sing N N 218 
LYS CG  HG2  sing N N 219 
LYS CG  HG3  sing N N 220 
LYS CD  CE   sing N N 221 
LYS CD  HD2  sing N N 222 
LYS CD  HD3  sing N N 223 
LYS CE  NZ   sing N N 224 
LYS CE  HE2  sing N N 225 
LYS CE  HE3  sing N N 226 
LYS NZ  HZ1  sing N N 227 
LYS NZ  HZ2  sing N N 228 
LYS NZ  HZ3  sing N N 229 
LYS OXT HXT  sing N N 230 
MET N   CA   sing N N 231 
MET N   H    sing N N 232 
MET N   H2   sing N N 233 
MET CA  C    sing N N 234 
MET CA  CB   sing N N 235 
MET CA  HA   sing N N 236 
MET C   O    doub N N 237 
MET C   OXT  sing N N 238 
MET CB  CG   sing N N 239 
MET CB  HB2  sing N N 240 
MET CB  HB3  sing N N 241 
MET CG  SD   sing N N 242 
MET CG  HG2  sing N N 243 
MET CG  HG3  sing N N 244 
MET SD  CE   sing N N 245 
MET CE  HE1  sing N N 246 
MET CE  HE2  sing N N 247 
MET CE  HE3  sing N N 248 
MET OXT HXT  sing N N 249 
PHE N   CA   sing N N 250 
PHE N   H    sing N N 251 
PHE N   H2   sing N N 252 
PHE CA  C    sing N N 253 
PHE CA  CB   sing N N 254 
PHE CA  HA   sing N N 255 
PHE C   O    doub N N 256 
PHE C   OXT  sing N N 257 
PHE CB  CG   sing N N 258 
PHE CB  HB2  sing N N 259 
PHE CB  HB3  sing N N 260 
PHE CG  CD1  doub Y N 261 
PHE CG  CD2  sing Y N 262 
PHE CD1 CE1  sing Y N 263 
PHE CD1 HD1  sing N N 264 
PHE CD2 CE2  doub Y N 265 
PHE CD2 HD2  sing N N 266 
PHE CE1 CZ   doub Y N 267 
PHE CE1 HE1  sing N N 268 
PHE CE2 CZ   sing Y N 269 
PHE CE2 HE2  sing N N 270 
PHE CZ  HZ   sing N N 271 
PHE OXT HXT  sing N N 272 
PRO N   CA   sing N N 273 
PRO N   CD   sing N N 274 
PRO N   H    sing N N 275 
PRO CA  C    sing N N 276 
PRO CA  CB   sing N N 277 
PRO CA  HA   sing N N 278 
PRO C   O    doub N N 279 
PRO C   OXT  sing N N 280 
PRO CB  CG   sing N N 281 
PRO CB  HB2  sing N N 282 
PRO CB  HB3  sing N N 283 
PRO CG  CD   sing N N 284 
PRO CG  HG2  sing N N 285 
PRO CG  HG3  sing N N 286 
PRO CD  HD2  sing N N 287 
PRO CD  HD3  sing N N 288 
PRO OXT HXT  sing N N 289 
SER N   CA   sing N N 290 
SER N   H    sing N N 291 
SER N   H2   sing N N 292 
SER CA  C    sing N N 293 
SER CA  CB   sing N N 294 
SER CA  HA   sing N N 295 
SER C   O    doub N N 296 
SER C   OXT  sing N N 297 
SER CB  OG   sing N N 298 
SER CB  HB2  sing N N 299 
SER CB  HB3  sing N N 300 
SER OG  HG   sing N N 301 
SER OXT HXT  sing N N 302 
THR N   CA   sing N N 303 
THR N   H    sing N N 304 
THR N   H2   sing N N 305 
THR CA  C    sing N N 306 
THR CA  CB   sing N N 307 
THR CA  HA   sing N N 308 
THR C   O    doub N N 309 
THR C   OXT  sing N N 310 
THR CB  OG1  sing N N 311 
THR CB  CG2  sing N N 312 
THR CB  HB   sing N N 313 
THR OG1 HG1  sing N N 314 
THR CG2 HG21 sing N N 315 
THR CG2 HG22 sing N N 316 
THR CG2 HG23 sing N N 317 
THR OXT HXT  sing N N 318 
TRP N   CA   sing N N 319 
TRP N   H    sing N N 320 
TRP N   H2   sing N N 321 
TRP CA  C    sing N N 322 
TRP CA  CB   sing N N 323 
TRP CA  HA   sing N N 324 
TRP C   O    doub N N 325 
TRP C   OXT  sing N N 326 
TRP CB  CG   sing N N 327 
TRP CB  HB2  sing N N 328 
TRP CB  HB3  sing N N 329 
TRP CG  CD1  doub Y N 330 
TRP CG  CD2  sing Y N 331 
TRP CD1 NE1  sing Y N 332 
TRP CD1 HD1  sing N N 333 
TRP CD2 CE2  doub Y N 334 
TRP CD2 CE3  sing Y N 335 
TRP NE1 CE2  sing Y N 336 
TRP NE1 HE1  sing N N 337 
TRP CE2 CZ2  sing Y N 338 
TRP CE3 CZ3  doub Y N 339 
TRP CE3 HE3  sing N N 340 
TRP CZ2 CH2  doub Y N 341 
TRP CZ2 HZ2  sing N N 342 
TRP CZ3 CH2  sing Y N 343 
TRP CZ3 HZ3  sing N N 344 
TRP CH2 HH2  sing N N 345 
TRP OXT HXT  sing N N 346 
TYR N   CA   sing N N 347 
TYR N   H    sing N N 348 
TYR N   H2   sing N N 349 
TYR CA  C    sing N N 350 
TYR CA  CB   sing N N 351 
TYR CA  HA   sing N N 352 
TYR C   O    doub N N 353 
TYR C   OXT  sing N N 354 
TYR CB  CG   sing N N 355 
TYR CB  HB2  sing N N 356 
TYR CB  HB3  sing N N 357 
TYR CG  CD1  doub Y N 358 
TYR CG  CD2  sing Y N 359 
TYR CD1 CE1  sing Y N 360 
TYR CD1 HD1  sing N N 361 
TYR CD2 CE2  doub Y N 362 
TYR CD2 HD2  sing N N 363 
TYR CE1 CZ   doub Y N 364 
TYR CE1 HE1  sing N N 365 
TYR CE2 CZ   sing Y N 366 
TYR CE2 HE2  sing N N 367 
TYR CZ  OH   sing N N 368 
TYR OH  HH   sing N N 369 
TYR OXT HXT  sing N N 370 
VAL N   CA   sing N N 371 
VAL N   H    sing N N 372 
VAL N   H2   sing N N 373 
VAL CA  C    sing N N 374 
VAL CA  CB   sing N N 375 
VAL CA  HA   sing N N 376 
VAL C   O    doub N N 377 
VAL C   OXT  sing N N 378 
VAL CB  CG1  sing N N 379 
VAL CB  CG2  sing N N 380 
VAL CB  HB   sing N N 381 
VAL CG1 HG11 sing N N 382 
VAL CG1 HG12 sing N N 383 
VAL CG1 HG13 sing N N 384 
VAL CG2 HG21 sing N N 385 
VAL CG2 HG22 sing N N 386 
VAL CG2 HG23 sing N N 387 
VAL OXT HXT  sing N N 388 
# 
loop_
_pdbx_entity_nonpoly.entity_id 
_pdbx_entity_nonpoly.name 
_pdbx_entity_nonpoly.comp_id 
2 GLYCEROL GOL 
3 water    HOH 
# 
_pdbx_initial_refinement_model.id               1 
_pdbx_initial_refinement_model.entity_id_list   ? 
_pdbx_initial_refinement_model.type             'experimental model' 
_pdbx_initial_refinement_model.source_name      PDB 
_pdbx_initial_refinement_model.accession_code   1VYI 
_pdbx_initial_refinement_model.details          'PDB ENTRY 1VYI' 
# 
